data_8ZP4
#
_entry.id   8ZP4
#
_cell.length_a   1.00
_cell.length_b   1.00
_cell.length_c   1.00
_cell.angle_alpha   90.00
_cell.angle_beta   90.00
_cell.angle_gamma   90.00
#
_symmetry.space_group_name_H-M   'P 1'
#
loop_
_entity.id
_entity.type
_entity.pdbx_description
1 polymer 'Origin recognition complex subunit 1'
2 polymer 'Origin recognition complex subunit 2'
3 polymer 'Origin recognition complex subunit 3'
4 polymer 'Origin recognition complex subunit 4'
5 polymer 'DNA (31-MER)'
6 polymer 'DNA (31-MER)'
7 polymer 'Origin recognition complex subunit 5'
8 non-polymer 'PHOSPHOTHIOPHOSPHORIC ACID-ADENYLATE ESTER'
9 non-polymer 'MAGNESIUM ION'
#
loop_
_entity_poly.entity_id
_entity_poly.type
_entity_poly.pdbx_seq_one_letter_code
_entity_poly.pdbx_strand_id
1 'polypeptide(L)'
;MAKTLKDLQGWEIITTDEQGNIIDGGQKRLRRRGAKTEHYLKRSSDGIKLGRGDSVVMHNEAAGTYSVYMIQELRLNTLN
NVVELWALTYLRWFEVNPLAHYRQFNPDANILNRPLNYYNKLFSETANKNELYLTAELAELQLFNFIRVANVMDGSKWEV
LKGNVDPERDFTVRYICEPTGEKFVDINIEDVKAYIKKVEPREAQEYLKDLTLPSKKKEIKRGPQKKDKATQTAQISDAE
TRATDITDNEDGNEDESSDYESPSDIDVSEDMDSGEISADELEEEEDEEEDEDEEEKEARHTNSPRKRGRKIKLGKDDID
ASVQPPPKKRGRKPKDPSKPRQMLLISSCRANNTPVIRKFTKKNVARAKKKYTPFSKRFKSIAAIPDLTSLPEFYGNSSE
LMASRFENKLKTTQKHQIVETIFSKVKKQLNSSYVKEEILKSANFQDYLPARENEFASIYLSAYSAIESDSATTIYVAGT
PGVGKTLTVREVVKELLSSSAQREIPDFLYVEINGLKMVKPTDCYETLWNKVSGERLTWAASMESLEFYFKRVPKNKKKT
IVVLLDELDAMVTKSQDIMYNFFNWTTYENAKLIVIAVANTMDLPERQLGNKITSRIGFTRIMFTGYTHEELKNIIDLRL
KGLNDSFFYVDTKTGNAILIDAAGNDTTVKQTLPEDVRKVRLRMSADAIEIASRKVASVSGDARRALKVCKRAAEIAEKH
YMAKHGYGYDGKTVIEDENEEQIYDDEDKDLIESNKAKDDNDDDDDNDGVQTVHITHVMKALNETLNSHVITFMTRLSFT
AKLFIYALLNLMKKNGSQEQELGDIVDEIKLLIEVNGSNKFVMEIAKTLFQQGSDNISEQLRIISWDFVLNQLLDAGILF
KQTMKNDRICCVKLNISVEEAKRAMNEDETLRNL
;
A
2 'polypeptide(L)'
;MLNGEDFVEHNDILSSPAKSRNVTPKRVDPHGERQLRRIHSSKKNLLERISLVGNERKNTSPDPALKPKTPSKAPRKRGR
PRKIQEELTDRIKKDEKDTISSKKKRKLDKDTSGNVNEESKTSNNKQVMEKTGIKEKREREKIQVATTTYEDNVTPQTDD
NFVSNSPEPPEPATPSKKSLTTNHDFTSPLKQIIMNNLKEYKDSTSPGKLTLSRNFTPTPVPKNKKLYQTSETKSASSFL
DTFEGYFDQRKIVRTNAKSRHTMSMAPDVTREEFSLVSNFFNENFQKRPRQKLFEIQKKMFPQYWFELTQGFSLLFYGVG
SKRNFLEEFAIDYLSPKIAYSQLAYENELQQNKPVNSIPCLILNGYNPSCNYRDVFKEITDLLVPAELTRSETKYWGNHV
ILQIQKMIDFYKNQPLDIKLILVVHNLDGPSIRKNTFQTMLSFLSVIRQIAIVASTDHIYAPLLWDNMKAQNYNFVFHDI
SNFEPSTVESTFQDVMKMGKSDTSSGAEGAKYVLQSLTVNSKKMYKLLIETQMQNMGNLSANTGPKRGTQRTGVELKLFN
HLCAADFIASNEIALRSMLREFIEHKMANITKNNSGMEIIWVPYTYAELEKLLKTVLNTL
;
B
3 'polypeptide(L)'
;MSDLNQSKKMNVSEFADAQRSHYTVYPSLPQSNKNDKHIPFVKLLSGKESEVNVEKRWELYHQLHSHFHDQVDHIIDNIE
ADLKAEISDLLYSETTQKRRCFNTIFLLGSDSTTKIELKDESSRYNVLIELTPKESPNVRMMLRRSMYKLYSAADAEEHP
TIKYEDINDEDGDFTEQNNDVSYDLSLVENFKRLFGKDLAMVFNFKDVDSINFNTLDNFIILLKSAFKYDHVKISLIFNI
NTNLSNIEKNLRQSTIRLLKRNYHKLDVSSNKGFKYGNQIFQSFLDTVDGKLNLSDRFVEFILSKMANNTNHNLQLLTKM
LDYSLMSYFFQNAFSVFIDPVNVDFLNDDYLKILSRCPTFMFFVEGLIKQHAPADEILSLLTNKNRGLEEFFVEFLVREN
PINGHAKFVARFLEEELNITNFNLIELYHNLLIGKLDSYLDRWSACKEYKDRLHFEPIDTIFQELFTLDNRSGLLTQSIF
PSYKSNIEDNLLSWEQVLPSLDKENYDTLSGDLDKIMAPVLGQLFKLYREANMTINIYDFYIAFRETLPKEEILNFIRKD
PSNTKLLELAETPDAFDKVALILFMQAIFAFENMGLIKFQSTKSYDLVEKCVWRGI
;
C
4 'polypeptide(L)'
;MTISEARLSPQVNLLPIKRHSNEEVEETAAILKKRTIDNEKCKDSDPGFGSLQRRLLQQLYGTLPTDEKIIFTYLQDCQQ
EIDRIIKQSIIQKESHSVILVGPRQSYKTYLLDYELSLLQQSYKEQFITIRLNGFIHSEQTAINGIATQLEQQLQKIHGS
EEKIDDTSLETISSGSLTEVFEKILLLLDSTTKTRNEDSGEVDRESITKITVVFIFDEIDTFAGPVRQTLLYNLFDMVEH
SRVPVCIFGCTTKLNILEYLEKRVKSRFSQRVIYMPQIQNLDDMVDAVRNLLTVRSEISPWVSQWNETLEKELSDPRSNL
NRHIRMNFETFRSLPTLKNSIIPLVATSKNFGSLCTAIKSCSFLDIYNKNQLSNNLTGRLQSLSDLELAILISAARVALR
AKDGSFNFNLAYAEYEKMIKAINSRIPTVAPTTNVGTGQSTFSIDNTIKLWLKKDVKNVWENLVQLDFFTEKSAVGLRDN
ATAAFYASNYQFQGTMIPFDLRSYQMQIILQELRRIIPKSNMYYSWTQL
;
D
5 'polydeoxyribonucleotide'
;(DT)(DA)(DC)(DA)(DG)(DA)(DT)(DT)(DT)(DT)(DA)(DT)(DG)(DT)(DT)(DT)(DA)(DG)(DA)(DT)
(DC)(DT)(DT)(DT)(DT)(DA)(DT)(DG)(DC)(DT)(DT)(DG)(DC)(DT)(DT)(DT)(DT)(DC)(DA)(DA)
(DA)(DA)(DG)(DG)(DC)(DC)(DT)(DG)(DC)(DA)(DG)(DG)(DC)(DA)(DA)(DG)(DT)(DG)(DC)(DA)
(DC)(DA)(DA)(DA)(DC)(DA)(DA)(DT)(DA)(DC)(DT)(DT)(DA)(DA)(DA)(DT)(DA)
;
G
6 'polydeoxyribonucleotide'
;(DT)(DA)(DT)(DT)(DT)(DA)(DA)(DG)(DT)(DA)(DT)(DT)(DG)(DT)(DT)(DT)(DG)(DT)(DG)(DC)
(DA)(DC)(DT)(DT)(DG)(DC)(DC)(DT)(DG)(DC)(DA)(DG)(DG)(DC)(DC)(DT)(DT)(DT)(DT)(DG)
(DA)(DA)(DA)(DA)(DG)(DC)(DA)(DA)(DG)(DC)(DA)(DT)(DA)(DA)(DA)(DA)(DG)(DA)(DT)(DC)
(DT)(DA)(DA)(DA)(DC)(DA)(DT)(DA)(DA)(DA)(DA)(DT)(DC)(DT)(DG)(DT)(DA)
;
H
7 'polypeptide(L)'
;MNVTTPEVAFREYQTNCLASYISADPDITPSNLILQGYSGTGKTYTLKKYFNANPNLHAVWLEPVELVSWKPLLQAIART
VQYKLKTLYPNIPTTDYDPLQVEEPFLLVKTLHNIFVQYESLQEKTCLFLILDGFDSLQDLDAALFNKYIKLNELLPKDS
KINIKFIYTMLETSFLQRYSTHCIPTVMFPRYNVDEVSTILVMSRCGELMEDSCLRKRIIEEQITDCTDDQFQNVAANFI
HLIVQAFHSYTGNDIFALNDLIDFKWPKYVSRITKENIFEPLALYKSAIKLFLSTDDNLSENGQGESAITTNRDDLENSQ
TYDLSIISKYLLIASYICSYLEPRYDASIFSRKTRIIQGRAAYGRRKKKEVNPRYLQPSLFAIERLLAIFQAIFPIQGKA
ESGSLSALREESLMKANIEVFQNLSELHTLKLIATTMNKNIDYLSPKVRWKVNVPWEIIKEISESVHFNISDYFSDIHE
;
E
#
loop_
_chem_comp.id
_chem_comp.type
_chem_comp.name
_chem_comp.formula
AGS non-polymer 'PHOSPHOTHIOPHOSPHORIC ACID-ADENYLATE ESTER' 'C10 H16 N5 O12 P3 S'
DA DNA linking 2'-DEOXYADENOSINE-5'-MONOPHOSPHATE 'C10 H14 N5 O6 P'
DC DNA linking 2'-DEOXYCYTIDINE-5'-MONOPHOSPHATE 'C9 H14 N3 O7 P'
DG DNA linking 2'-DEOXYGUANOSINE-5'-MONOPHOSPHATE 'C10 H14 N5 O7 P'
DT DNA linking THYMIDINE-5'-MONOPHOSPHATE 'C10 H15 N2 O8 P'
MG non-polymer 'MAGNESIUM ION' 'Mg 2'
#
# COMPACT_ATOMS: atom_id res chain seq x y z
N PRO A 355 -18.54 27.37 8.97
CA PRO A 355 -18.69 25.94 8.65
C PRO A 355 -17.36 25.19 8.61
N VAL A 356 -17.44 23.87 8.66
CA VAL A 356 -16.23 23.04 8.65
C VAL A 356 -15.81 22.78 7.21
N ILE A 357 -14.58 22.32 7.05
CA ILE A 357 -14.03 21.92 5.76
C ILE A 357 -13.99 20.40 5.73
N ARG A 358 -14.79 19.80 4.85
CA ARG A 358 -14.92 18.35 4.82
C ARG A 358 -13.65 17.72 4.23
N LYS A 359 -13.09 16.74 4.96
CA LYS A 359 -11.90 16.06 4.49
C LYS A 359 -12.17 15.18 3.29
N PHE A 360 -13.42 14.79 3.07
CA PHE A 360 -13.84 14.09 1.86
C PHE A 360 -15.36 14.12 1.82
N THR A 361 -15.92 14.21 0.61
CA THR A 361 -17.35 14.36 0.43
C THR A 361 -17.92 13.17 -0.31
N LYS A 362 -19.05 12.68 0.15
CA LYS A 362 -19.86 11.70 -0.56
C LYS A 362 -21.25 12.29 -0.73
N LYS A 363 -21.55 12.74 -1.94
CA LYS A 363 -22.82 13.40 -2.23
C LYS A 363 -23.82 12.47 -2.91
N ASN A 364 -23.46 11.21 -3.14
CA ASN A 364 -24.35 10.26 -3.78
C ASN A 364 -25.06 9.35 -2.78
N VAL A 365 -24.94 9.65 -1.48
CA VAL A 365 -25.56 8.82 -0.46
C VAL A 365 -27.07 8.96 -0.53
N ALA A 366 -27.77 7.82 -0.46
CA ALA A 366 -29.22 7.78 -0.51
C ALA A 366 -29.70 6.77 0.52
N ARG A 367 -30.29 7.27 1.61
CA ARG A 367 -30.74 6.41 2.69
C ARG A 367 -32.25 6.26 2.62
N ALA A 368 -32.71 5.01 2.72
CA ALA A 368 -34.15 4.75 2.69
C ALA A 368 -34.79 5.21 3.99
N LYS A 369 -36.10 5.44 3.94
CA LYS A 369 -36.87 5.88 5.10
C LYS A 369 -37.31 4.64 5.86
N LYS A 370 -36.44 4.18 6.77
CA LYS A 370 -36.69 3.00 7.57
C LYS A 370 -36.56 3.35 9.04
N LYS A 371 -37.54 2.91 9.84
CA LYS A 371 -37.56 3.23 11.26
C LYS A 371 -36.49 2.43 12.01
N TYR A 372 -36.22 2.86 13.24
CA TYR A 372 -35.17 2.26 14.06
C TYR A 372 -35.66 1.52 15.29
N THR A 373 -36.84 1.85 15.80
CA THR A 373 -37.32 1.25 17.04
C THR A 373 -37.84 -0.16 16.78
N PRO A 374 -37.31 -1.18 17.46
CA PRO A 374 -37.80 -2.55 17.22
C PRO A 374 -39.22 -2.75 17.74
N PHE A 375 -39.76 -3.95 17.54
CA PHE A 375 -41.12 -4.26 17.96
C PHE A 375 -41.23 -4.47 19.47
N SER A 376 -40.11 -4.59 20.17
CA SER A 376 -40.17 -4.82 21.61
C SER A 376 -40.74 -3.60 22.33
N LYS A 377 -40.35 -2.40 21.92
CA LYS A 377 -40.76 -1.17 22.60
C LYS A 377 -42.01 -0.55 21.99
N ARG A 378 -42.62 -1.19 21.00
CA ARG A 378 -43.75 -0.57 20.31
C ARG A 378 -44.99 -0.54 21.19
N PHE A 379 -45.23 -1.59 21.97
CA PHE A 379 -46.50 -1.74 22.69
C PHE A 379 -46.39 -1.57 24.20
N LYS A 380 -45.18 -1.55 24.76
CA LYS A 380 -44.90 -1.24 26.16
C LYS A 380 -45.41 -2.31 27.13
N SER A 381 -46.11 -3.34 26.65
CA SER A 381 -46.63 -4.37 27.55
C SER A 381 -46.98 -5.61 26.74
N ILE A 382 -46.56 -6.78 27.22
CA ILE A 382 -46.90 -8.02 26.56
C ILE A 382 -48.40 -8.26 26.62
N ALA A 383 -49.04 -7.86 27.71
CA ALA A 383 -50.50 -8.00 27.81
C ALA A 383 -51.24 -7.02 26.93
N ALA A 384 -50.56 -5.98 26.45
CA ALA A 384 -51.17 -4.97 25.60
C ALA A 384 -51.08 -5.30 24.12
N ILE A 385 -50.51 -6.45 23.76
CA ILE A 385 -50.40 -6.86 22.36
C ILE A 385 -51.80 -7.13 21.83
N PRO A 386 -52.23 -6.46 20.76
CA PRO A 386 -53.57 -6.71 20.21
C PRO A 386 -53.59 -7.93 19.32
N ASP A 387 -54.73 -8.18 18.68
CA ASP A 387 -54.87 -9.32 17.77
C ASP A 387 -54.10 -9.02 16.50
N LEU A 388 -52.87 -9.53 16.41
CA LEU A 388 -52.03 -9.28 15.24
C LEU A 388 -52.61 -9.90 13.98
N THR A 389 -53.52 -10.87 14.12
CA THR A 389 -54.14 -11.46 12.94
C THR A 389 -54.98 -10.45 12.18
N SER A 390 -55.70 -9.60 12.90
CA SER A 390 -56.61 -8.61 12.29
C SER A 390 -56.15 -7.22 12.70
N LEU A 391 -55.23 -6.68 11.92
CA LEU A 391 -54.77 -5.30 12.03
C LEU A 391 -54.69 -4.70 10.63
N PRO A 392 -54.80 -3.37 10.52
CA PRO A 392 -54.83 -2.75 9.18
C PRO A 392 -53.60 -3.04 8.35
N GLU A 393 -52.42 -3.13 8.96
CA GLU A 393 -51.19 -3.23 8.19
C GLU A 393 -50.47 -4.57 8.31
N PHE A 394 -50.61 -5.27 9.44
CA PHE A 394 -49.91 -6.53 9.60
C PHE A 394 -50.39 -7.56 8.57
N TYR A 395 -49.45 -8.37 8.09
CA TYR A 395 -49.72 -9.45 7.16
C TYR A 395 -50.19 -8.89 5.82
N GLY A 396 -50.77 -9.74 4.97
CA GLY A 396 -51.20 -9.31 3.66
C GLY A 396 -52.59 -8.71 3.66
N ASN A 397 -52.73 -7.51 4.22
CA ASN A 397 -54.03 -6.85 4.35
C ASN A 397 -54.07 -5.50 3.66
N SER A 398 -52.98 -5.07 3.03
CA SER A 398 -52.94 -3.77 2.39
C SER A 398 -51.75 -3.71 1.44
N SER A 399 -51.64 -2.57 0.75
CA SER A 399 -50.49 -2.23 -0.10
C SER A 399 -50.29 -3.19 -1.26
N GLU A 400 -51.31 -3.38 -2.09
CA GLU A 400 -51.18 -4.12 -3.33
C GLU A 400 -51.13 -3.21 -4.55
N LEU A 401 -51.10 -1.89 -4.36
CA LEU A 401 -51.14 -0.95 -5.47
C LEU A 401 -49.80 -0.83 -6.18
N MET A 402 -48.69 -1.05 -5.48
CA MET A 402 -47.39 -0.85 -6.09
C MET A 402 -47.16 -1.80 -7.26
N ALA A 403 -47.50 -3.09 -7.09
CA ALA A 403 -47.35 -4.04 -8.16
C ALA A 403 -48.22 -3.68 -9.36
N SER A 404 -49.36 -3.04 -9.11
CA SER A 404 -50.20 -2.56 -10.21
C SER A 404 -49.68 -1.27 -10.82
N ARG A 405 -48.83 -0.52 -10.11
CA ARG A 405 -48.29 0.71 -10.67
C ARG A 405 -47.27 0.41 -11.76
N PHE A 406 -46.35 -0.52 -11.50
CA PHE A 406 -45.32 -0.84 -12.48
C PHE A 406 -45.82 -1.73 -13.60
N GLU A 407 -46.94 -2.43 -13.39
CA GLU A 407 -47.45 -3.35 -14.42
C GLU A 407 -47.82 -2.60 -15.69
N ASN A 408 -48.48 -1.46 -15.55
CA ASN A 408 -48.89 -0.68 -16.72
C ASN A 408 -47.76 0.13 -17.32
N LYS A 409 -46.59 0.18 -16.67
CA LYS A 409 -45.49 0.98 -17.19
C LYS A 409 -44.99 0.42 -18.52
N LEU A 410 -44.83 -0.90 -18.61
CA LEU A 410 -44.29 -1.52 -19.80
C LEU A 410 -45.36 -1.89 -20.82
N LYS A 411 -46.64 -1.73 -20.49
CA LYS A 411 -47.68 -2.01 -21.46
C LYS A 411 -47.65 -0.99 -22.59
N THR A 412 -47.80 -1.48 -23.82
CA THR A 412 -47.87 -0.64 -25.00
C THR A 412 -49.30 -0.64 -25.54
N THR A 413 -49.55 0.24 -26.51
CA THR A 413 -50.84 0.34 -27.17
C THR A 413 -50.76 0.06 -28.66
N GLN A 414 -49.65 -0.48 -29.14
CA GLN A 414 -49.43 -0.71 -30.56
C GLN A 414 -49.13 -2.19 -30.80
N LYS A 415 -49.71 -2.73 -31.87
CA LYS A 415 -49.47 -4.10 -32.28
C LYS A 415 -49.80 -4.21 -33.75
N HIS A 416 -49.16 -5.16 -34.43
CA HIS A 416 -49.36 -5.31 -35.88
C HIS A 416 -49.21 -6.79 -36.25
N GLN A 417 -50.34 -7.49 -36.28
CA GLN A 417 -50.50 -8.81 -36.91
C GLN A 417 -49.30 -9.73 -36.66
N ILE A 418 -49.09 -10.06 -35.39
CA ILE A 418 -48.04 -11.01 -35.04
C ILE A 418 -48.30 -12.34 -35.74
N VAL A 419 -47.22 -13.06 -36.06
CA VAL A 419 -47.30 -14.34 -36.73
C VAL A 419 -46.80 -15.42 -35.79
N GLU A 420 -47.62 -16.44 -35.57
CA GLU A 420 -47.29 -17.56 -34.70
C GLU A 420 -47.13 -18.80 -35.58
N THR A 421 -45.90 -19.22 -35.78
CA THR A 421 -45.62 -20.35 -36.66
C THR A 421 -45.94 -21.66 -35.96
N ILE A 422 -45.69 -22.77 -36.66
CA ILE A 422 -46.05 -24.08 -36.14
C ILE A 422 -45.21 -24.42 -34.92
N PHE A 423 -43.93 -24.05 -34.93
CA PHE A 423 -43.05 -24.37 -33.81
C PHE A 423 -43.08 -23.33 -32.71
N SER A 424 -43.78 -22.20 -32.91
CA SER A 424 -43.92 -21.22 -31.85
C SER A 424 -44.65 -21.79 -30.65
N LYS A 425 -45.69 -22.60 -30.91
CA LYS A 425 -46.43 -23.22 -29.82
C LYS A 425 -45.53 -24.14 -29.01
N VAL A 426 -44.72 -24.95 -29.69
CA VAL A 426 -43.81 -25.85 -28.99
C VAL A 426 -42.79 -25.06 -28.19
N LYS A 427 -42.23 -24.01 -28.78
CA LYS A 427 -41.23 -23.21 -28.08
C LYS A 427 -41.82 -22.50 -26.87
N LYS A 428 -43.07 -22.07 -26.96
CA LYS A 428 -43.70 -21.39 -25.84
C LYS A 428 -44.13 -22.37 -24.74
N GLN A 429 -44.47 -23.60 -25.09
CA GLN A 429 -44.87 -24.58 -24.09
C GLN A 429 -43.68 -25.33 -23.49
N LEU A 430 -42.51 -25.24 -24.11
CA LEU A 430 -41.34 -26.00 -23.68
C LEU A 430 -40.38 -25.17 -22.83
N ASN A 431 -40.73 -23.91 -22.54
CA ASN A 431 -39.85 -23.08 -21.75
C ASN A 431 -39.89 -23.49 -20.28
N SER A 432 -38.98 -22.93 -19.50
CA SER A 432 -38.87 -23.25 -18.08
C SER A 432 -39.85 -22.44 -17.22
N SER A 433 -40.64 -21.55 -17.82
CA SER A 433 -41.56 -20.74 -17.04
C SER A 433 -42.61 -21.60 -16.34
N TYR A 434 -43.16 -22.58 -17.05
CA TYR A 434 -44.22 -23.41 -16.51
C TYR A 434 -43.64 -24.60 -15.73
N TYR A 448 -48.88 -30.82 -12.56
CA TYR A 448 -48.68 -32.18 -12.03
C TYR A 448 -47.26 -32.66 -12.29
N LEU A 449 -46.38 -32.50 -11.31
CA LEU A 449 -45.03 -33.00 -11.43
C LEU A 449 -44.99 -34.49 -11.09
N PRO A 450 -44.63 -35.36 -12.04
CA PRO A 450 -44.74 -36.80 -11.79
C PRO A 450 -43.50 -37.42 -11.15
N ALA A 451 -42.33 -36.82 -11.39
CA ALA A 451 -41.07 -37.47 -11.03
C ALA A 451 -40.58 -37.12 -9.63
N ARG A 452 -41.23 -36.19 -8.95
CA ARG A 452 -40.85 -35.80 -7.60
C ARG A 452 -42.00 -36.02 -6.63
N GLU A 453 -42.71 -37.14 -6.79
CA GLU A 453 -43.89 -37.39 -5.95
C GLU A 453 -43.50 -37.76 -4.53
N ASN A 454 -42.42 -38.52 -4.36
CA ASN A 454 -42.02 -38.96 -3.03
C ASN A 454 -41.60 -37.78 -2.16
N GLU A 455 -40.72 -36.93 -2.68
CA GLU A 455 -40.28 -35.76 -1.92
C GLU A 455 -41.42 -34.78 -1.71
N PHE A 456 -42.27 -34.61 -2.72
CA PHE A 456 -43.47 -33.78 -2.57
C PHE A 456 -44.29 -34.28 -1.39
N ALA A 457 -44.57 -35.58 -1.35
CA ALA A 457 -45.40 -36.12 -0.28
C ALA A 457 -44.72 -35.96 1.08
N SER A 458 -43.41 -36.19 1.14
CA SER A 458 -42.70 -36.08 2.41
C SER A 458 -42.77 -34.65 2.96
N ILE A 459 -42.41 -33.67 2.13
CA ILE A 459 -42.39 -32.29 2.61
C ILE A 459 -43.81 -31.79 2.88
N TYR A 460 -44.79 -32.23 2.07
CA TYR A 460 -46.17 -31.84 2.30
C TYR A 460 -46.68 -32.41 3.61
N LEU A 461 -46.34 -33.67 3.91
CA LEU A 461 -46.73 -34.26 5.19
C LEU A 461 -46.09 -33.52 6.35
N SER A 462 -44.80 -33.19 6.23
CA SER A 462 -44.14 -32.45 7.30
C SER A 462 -44.82 -31.10 7.54
N ALA A 463 -45.06 -30.36 6.46
CA ALA A 463 -45.66 -29.03 6.59
C ALA A 463 -47.08 -29.12 7.12
N TYR A 464 -47.87 -30.10 6.65
CA TYR A 464 -49.24 -30.24 7.11
C TYR A 464 -49.28 -30.61 8.58
N SER A 465 -48.41 -31.53 9.01
CA SER A 465 -48.35 -31.89 10.42
C SER A 465 -47.95 -30.70 11.27
N ALA A 466 -47.00 -29.89 10.80
CA ALA A 466 -46.59 -28.73 11.55
C ALA A 466 -47.64 -27.62 11.55
N ILE A 467 -48.51 -27.59 10.54
CA ILE A 467 -49.47 -26.49 10.45
C ILE A 467 -50.78 -26.80 11.18
N GLU A 468 -51.22 -28.07 11.18
CA GLU A 468 -52.44 -28.39 11.90
C GLU A 468 -52.20 -28.59 13.39
N SER A 469 -50.94 -28.78 13.80
CA SER A 469 -50.60 -28.97 15.19
C SER A 469 -50.12 -27.69 15.86
N ASP A 470 -50.13 -26.56 15.15
CA ASP A 470 -49.71 -25.27 15.69
C ASP A 470 -48.29 -25.35 16.26
N SER A 471 -47.39 -25.92 15.47
CA SER A 471 -46.01 -26.13 15.89
C SER A 471 -45.07 -25.57 14.83
N ALA A 472 -43.85 -25.26 15.27
CA ALA A 472 -42.82 -24.68 14.40
C ALA A 472 -41.82 -25.76 14.02
N THR A 473 -41.50 -25.84 12.73
CA THR A 473 -40.59 -26.85 12.23
C THR A 473 -39.69 -26.24 11.16
N THR A 474 -38.67 -27.00 10.79
CA THR A 474 -37.76 -26.62 9.72
C THR A 474 -37.55 -27.81 8.78
N ILE A 475 -37.69 -27.55 7.49
CA ILE A 475 -37.45 -28.55 6.46
C ILE A 475 -36.28 -28.04 5.63
N TYR A 476 -35.15 -28.73 5.69
CA TYR A 476 -33.97 -28.38 4.91
C TYR A 476 -33.89 -29.35 3.75
N VAL A 477 -34.04 -28.83 2.53
CA VAL A 477 -33.99 -29.62 1.31
C VAL A 477 -32.82 -29.14 0.47
N ALA A 478 -32.03 -30.08 -0.03
CA ALA A 478 -30.81 -29.75 -0.75
C ALA A 478 -30.68 -30.64 -1.97
N GLY A 479 -30.01 -30.11 -2.99
CA GLY A 479 -29.78 -30.88 -4.20
C GLY A 479 -29.07 -30.07 -5.25
N THR A 480 -28.73 -30.75 -6.34
CA THR A 480 -28.05 -30.13 -7.46
C THR A 480 -28.98 -29.14 -8.17
N PRO A 481 -28.42 -28.14 -8.84
CA PRO A 481 -29.26 -27.12 -9.49
C PRO A 481 -30.19 -27.73 -10.55
N GLY A 482 -31.39 -27.15 -10.65
CA GLY A 482 -32.32 -27.52 -11.68
C GLY A 482 -32.86 -28.94 -11.62
N VAL A 483 -33.27 -29.38 -10.43
CA VAL A 483 -33.85 -30.71 -10.27
C VAL A 483 -35.27 -30.65 -9.73
N GLY A 484 -35.88 -29.47 -9.69
CA GLY A 484 -37.27 -29.33 -9.29
C GLY A 484 -37.50 -28.98 -7.84
N LYS A 485 -36.43 -28.72 -7.08
CA LYS A 485 -36.58 -28.47 -5.65
C LYS A 485 -37.43 -27.23 -5.36
N THR A 486 -37.09 -26.09 -5.96
CA THR A 486 -37.90 -24.90 -5.76
C THR A 486 -39.30 -25.09 -6.32
N LEU A 487 -39.41 -25.72 -7.49
CA LEU A 487 -40.71 -25.95 -8.10
C LEU A 487 -41.59 -26.84 -7.23
N THR A 488 -41.01 -27.92 -6.69
CA THR A 488 -41.82 -28.83 -5.88
C THR A 488 -42.19 -28.20 -4.54
N VAL A 489 -41.32 -27.39 -3.95
CA VAL A 489 -41.69 -26.74 -2.70
C VAL A 489 -42.77 -25.70 -2.94
N ARG A 490 -42.68 -24.96 -4.06
CA ARG A 490 -43.73 -24.01 -4.39
C ARG A 490 -45.06 -24.72 -4.65
N GLU A 491 -45.01 -25.88 -5.32
CA GLU A 491 -46.22 -26.66 -5.53
C GLU A 491 -46.81 -27.14 -4.20
N VAL A 492 -45.95 -27.57 -3.28
CA VAL A 492 -46.42 -27.99 -1.96
C VAL A 492 -47.11 -26.84 -1.25
N VAL A 493 -46.49 -25.65 -1.29
CA VAL A 493 -47.09 -24.50 -0.62
C VAL A 493 -48.41 -24.12 -1.28
N LYS A 494 -48.49 -24.19 -2.61
CA LYS A 494 -49.74 -23.88 -3.29
C LYS A 494 -50.84 -24.85 -2.91
N GLU A 495 -50.53 -26.15 -2.90
CA GLU A 495 -51.53 -27.15 -2.54
C GLU A 495 -51.96 -27.00 -1.08
N LEU A 496 -51.02 -26.72 -0.19
CA LEU A 496 -51.36 -26.55 1.21
C LEU A 496 -52.20 -25.31 1.43
N LEU A 497 -51.90 -24.23 0.69
CA LEU A 497 -52.73 -23.03 0.76
C LEU A 497 -54.13 -23.30 0.23
N SER A 498 -54.25 -24.08 -0.84
CA SER A 498 -55.56 -24.45 -1.35
C SER A 498 -56.33 -25.26 -0.34
N SER A 499 -55.66 -26.19 0.34
CA SER A 499 -56.31 -26.95 1.42
C SER A 499 -56.75 -26.03 2.54
N SER A 500 -55.92 -25.05 2.90
CA SER A 500 -56.30 -24.09 3.92
C SER A 500 -57.51 -23.26 3.49
N ALA A 501 -57.64 -23.00 2.19
CA ALA A 501 -58.83 -22.30 1.69
C ALA A 501 -60.10 -23.09 1.94
N GLN A 502 -60.00 -24.41 2.08
CA GLN A 502 -61.14 -25.25 2.42
C GLN A 502 -61.43 -25.26 3.91
N ARG A 503 -60.78 -24.39 4.68
CA ARG A 503 -61.00 -24.27 6.13
C ARG A 503 -60.70 -25.59 6.84
N GLU A 504 -59.53 -26.17 6.55
CA GLU A 504 -59.07 -27.36 7.23
C GLU A 504 -57.91 -27.11 8.18
N ILE A 505 -57.15 -26.04 7.97
CA ILE A 505 -56.04 -25.67 8.83
C ILE A 505 -56.06 -24.15 9.02
N PRO A 506 -55.44 -23.66 10.10
CA PRO A 506 -55.39 -22.22 10.30
C PRO A 506 -54.70 -21.52 9.13
N ASP A 507 -55.20 -20.33 8.79
CA ASP A 507 -54.67 -19.60 7.65
C ASP A 507 -53.23 -19.20 7.90
N PHE A 508 -52.50 -18.96 6.81
CA PHE A 508 -51.09 -18.64 6.89
C PHE A 508 -50.70 -17.78 5.70
N LEU A 509 -49.55 -17.13 5.81
CA LEU A 509 -48.99 -16.35 4.72
C LEU A 509 -47.68 -16.97 4.29
N TYR A 510 -47.43 -16.94 2.98
CA TYR A 510 -46.21 -17.49 2.41
C TYR A 510 -45.29 -16.34 2.00
N VAL A 511 -44.08 -16.34 2.54
CA VAL A 511 -43.10 -15.29 2.28
C VAL A 511 -41.88 -15.96 1.67
N GLU A 512 -41.66 -15.72 0.38
CA GLU A 512 -40.51 -16.29 -0.33
C GLU A 512 -39.34 -15.33 -0.19
N ILE A 513 -38.30 -15.76 0.50
CA ILE A 513 -37.11 -14.94 0.73
C ILE A 513 -35.96 -15.57 -0.05
N ASN A 514 -35.73 -15.10 -1.26
CA ASN A 514 -34.66 -15.63 -2.09
C ASN A 514 -33.35 -14.97 -1.67
N GLY A 515 -32.35 -15.79 -1.34
CA GLY A 515 -31.09 -15.26 -0.86
C GLY A 515 -30.31 -14.49 -1.92
N LEU A 516 -30.31 -14.99 -3.15
CA LEU A 516 -29.47 -14.44 -4.20
C LEU A 516 -30.15 -13.32 -4.98
N LYS A 517 -31.41 -13.01 -4.69
CA LYS A 517 -32.09 -11.85 -5.26
C LYS A 517 -32.05 -10.65 -4.33
N MET A 518 -30.97 -10.50 -3.56
CA MET A 518 -30.86 -9.44 -2.58
C MET A 518 -29.49 -8.79 -2.69
N VAL A 519 -29.44 -7.48 -2.49
CA VAL A 519 -28.18 -6.75 -2.63
C VAL A 519 -27.21 -7.15 -1.53
N LYS A 520 -27.68 -7.19 -0.29
CA LYS A 520 -26.83 -7.58 0.82
C LYS A 520 -27.46 -8.73 1.60
N PRO A 521 -26.65 -9.63 2.16
CA PRO A 521 -27.23 -10.80 2.83
C PRO A 521 -28.13 -10.45 4.01
N THR A 522 -27.81 -9.39 4.75
CA THR A 522 -28.60 -9.03 5.92
C THR A 522 -29.93 -8.39 5.56
N ASP A 523 -30.22 -8.21 4.27
CA ASP A 523 -31.50 -7.65 3.87
C ASP A 523 -32.65 -8.58 4.20
N CYS A 524 -32.42 -9.90 4.13
CA CYS A 524 -33.51 -10.87 4.20
C CYS A 524 -34.29 -10.79 5.50
N TYR A 525 -33.69 -10.24 6.57
CA TYR A 525 -34.44 -9.98 7.78
C TYR A 525 -35.57 -9.00 7.51
N GLU A 526 -35.23 -7.78 7.09
CA GLU A 526 -36.22 -6.72 7.02
C GLU A 526 -37.35 -7.09 6.07
N THR A 527 -37.02 -7.74 4.94
CA THR A 527 -38.05 -8.20 4.03
C THR A 527 -39.10 -9.02 4.75
N LEU A 528 -38.66 -10.01 5.53
CA LEU A 528 -39.61 -10.81 6.29
C LEU A 528 -40.48 -9.93 7.16
N TRP A 529 -39.86 -9.01 7.91
CA TRP A 529 -40.64 -8.10 8.72
C TRP A 529 -41.59 -7.28 7.86
N ASN A 530 -41.07 -6.74 6.75
CA ASN A 530 -41.91 -5.95 5.87
C ASN A 530 -43.02 -6.77 5.26
N LYS A 531 -42.90 -8.09 5.26
CA LYS A 531 -43.93 -8.96 4.71
C LYS A 531 -44.81 -9.58 5.79
N VAL A 532 -44.58 -9.29 7.06
CA VAL A 532 -45.39 -9.89 8.12
C VAL A 532 -45.87 -8.79 9.05
N SER A 533 -45.35 -7.58 8.88
CA SER A 533 -45.70 -6.47 9.75
C SER A 533 -46.03 -5.18 9.03
N GLY A 534 -45.87 -5.10 7.71
CA GLY A 534 -46.20 -3.91 6.98
C GLY A 534 -45.32 -2.71 7.26
N GLU A 535 -44.52 -2.75 8.33
CA GLU A 535 -43.61 -1.68 8.67
C GLU A 535 -42.30 -1.84 7.90
N ARG A 536 -41.47 -0.80 7.96
CA ARG A 536 -40.14 -0.82 7.35
C ARG A 536 -39.13 -0.54 8.44
N LEU A 537 -38.29 -1.52 8.74
CA LEU A 537 -37.27 -1.40 9.78
C LEU A 537 -35.92 -1.79 9.21
N THR A 538 -34.86 -1.28 9.84
CA THR A 538 -33.53 -1.66 9.44
C THR A 538 -33.22 -3.09 9.89
N TRP A 539 -32.09 -3.62 9.43
CA TRP A 539 -31.82 -5.04 9.61
C TRP A 539 -31.67 -5.41 11.09
N ALA A 540 -31.01 -4.57 11.88
CA ALA A 540 -30.88 -4.85 13.31
C ALA A 540 -32.24 -4.78 14.01
N ALA A 541 -32.96 -3.68 13.80
CA ALA A 541 -34.30 -3.57 14.36
C ALA A 541 -35.20 -4.69 13.87
N SER A 542 -35.04 -5.10 12.60
CA SER A 542 -35.83 -6.23 12.11
C SER A 542 -35.47 -7.51 12.84
N MET A 543 -34.18 -7.73 13.11
CA MET A 543 -33.76 -8.91 13.86
C MET A 543 -34.43 -8.94 15.23
N GLU A 544 -34.31 -7.85 15.99
CA GLU A 544 -34.90 -7.86 17.33
C GLU A 544 -36.42 -7.92 17.28
N SER A 545 -37.03 -7.26 16.30
CA SER A 545 -38.48 -7.31 16.18
C SER A 545 -38.98 -8.71 15.88
N LEU A 546 -38.33 -9.39 14.94
CA LEU A 546 -38.73 -10.75 14.61
C LEU A 546 -38.49 -11.70 15.78
N GLU A 547 -37.38 -11.52 16.49
CA GLU A 547 -37.13 -12.37 17.65
C GLU A 547 -38.18 -12.16 18.74
N PHE A 548 -38.54 -10.90 19.01
CA PHE A 548 -39.56 -10.62 20.01
C PHE A 548 -40.95 -11.06 19.57
N TYR A 549 -41.24 -11.03 18.27
CA TYR A 549 -42.50 -11.54 17.77
C TYR A 549 -42.57 -13.06 17.77
N PHE A 550 -41.44 -13.74 17.62
CA PHE A 550 -41.37 -15.20 17.64
C PHE A 550 -41.12 -15.75 19.04
N LYS A 551 -40.90 -14.89 20.02
CA LYS A 551 -40.59 -15.36 21.37
C LYS A 551 -41.62 -15.00 22.40
N ARG A 552 -42.13 -13.77 22.40
CA ARG A 552 -43.00 -13.30 23.47
C ARG A 552 -44.46 -13.15 23.09
N VAL A 553 -44.77 -12.95 21.82
CA VAL A 553 -46.18 -12.79 21.44
C VAL A 553 -46.88 -14.13 21.61
N PRO A 554 -47.99 -14.19 22.34
CA PRO A 554 -48.65 -15.48 22.58
C PRO A 554 -49.23 -16.07 21.29
N LYS A 555 -49.33 -17.40 21.28
CA LYS A 555 -49.85 -18.09 20.11
C LYS A 555 -51.29 -17.73 19.80
N ASN A 556 -52.00 -17.15 20.77
CA ASN A 556 -53.40 -16.77 20.54
C ASN A 556 -53.53 -15.66 19.52
N LYS A 557 -52.56 -14.74 19.48
CA LYS A 557 -52.63 -13.55 18.63
C LYS A 557 -51.56 -13.57 17.54
N LYS A 558 -51.34 -14.71 16.91
CA LYS A 558 -50.38 -14.83 15.82
C LYS A 558 -50.97 -15.70 14.73
N LYS A 559 -50.48 -15.49 13.51
CA LYS A 559 -50.82 -16.31 12.37
C LYS A 559 -49.57 -17.01 11.87
N THR A 560 -49.72 -18.28 11.49
CA THR A 560 -48.57 -19.09 11.11
C THR A 560 -47.91 -18.52 9.86
N ILE A 561 -46.59 -18.63 9.80
CA ILE A 561 -45.78 -18.09 8.71
C ILE A 561 -44.99 -19.23 8.09
N VAL A 562 -44.98 -19.27 6.76
CA VAL A 562 -44.18 -20.23 6.00
C VAL A 562 -43.15 -19.43 5.22
N VAL A 563 -41.86 -19.72 5.46
CA VAL A 563 -40.77 -18.98 4.86
C VAL A 563 -39.95 -19.94 4.02
N LEU A 564 -39.73 -19.57 2.77
CA LEU A 564 -38.98 -20.39 1.82
C LEU A 564 -37.63 -19.71 1.62
N LEU A 565 -36.65 -20.07 2.43
CA LEU A 565 -35.33 -19.46 2.34
C LEU A 565 -34.59 -19.98 1.12
N ASP A 566 -35.02 -19.56 -0.07
CA ASP A 566 -34.41 -20.07 -1.29
C ASP A 566 -32.96 -19.64 -1.38
N GLU A 567 -32.12 -20.54 -1.88
CA GLU A 567 -30.69 -20.30 -2.06
C GLU A 567 -30.04 -19.85 -0.75
N LEU A 568 -30.13 -20.71 0.26
CA LEU A 568 -29.50 -20.45 1.54
C LEU A 568 -27.99 -20.36 1.44
N ASP A 569 -27.41 -20.86 0.35
CA ASP A 569 -25.96 -20.81 0.19
C ASP A 569 -25.44 -19.38 0.21
N ALA A 570 -26.15 -18.48 -0.47
CA ALA A 570 -25.70 -17.09 -0.55
C ALA A 570 -25.99 -16.31 0.72
N MET A 571 -26.88 -16.79 1.57
CA MET A 571 -27.24 -16.04 2.78
C MET A 571 -26.18 -16.18 3.87
N VAL A 572 -25.55 -17.35 3.98
CA VAL A 572 -24.68 -17.62 5.11
C VAL A 572 -23.35 -16.87 4.98
N THR A 573 -22.65 -17.09 3.87
CA THR A 573 -21.32 -16.55 3.59
C THR A 573 -20.46 -16.41 4.84
N LYS A 574 -19.86 -15.24 5.06
CA LYS A 574 -19.04 -15.04 6.25
C LYS A 574 -19.87 -14.81 7.51
N SER A 575 -21.16 -14.47 7.36
CA SER A 575 -21.94 -14.05 8.51
C SER A 575 -22.25 -15.21 9.46
N GLN A 576 -22.74 -16.32 8.91
CA GLN A 576 -23.23 -17.44 9.72
C GLN A 576 -24.26 -16.96 10.75
N ASP A 577 -25.09 -16.02 10.34
CA ASP A 577 -26.10 -15.41 11.20
C ASP A 577 -27.51 -15.67 10.73
N ILE A 578 -27.76 -15.50 9.42
CA ILE A 578 -29.10 -15.70 8.88
C ILE A 578 -29.59 -17.10 9.19
N MET A 579 -28.75 -18.09 8.91
CA MET A 579 -29.17 -19.48 9.02
C MET A 579 -29.43 -19.84 10.48
N TYR A 580 -28.57 -19.38 11.39
CA TYR A 580 -28.79 -19.64 12.80
C TYR A 580 -30.09 -19.00 13.28
N ASN A 581 -30.31 -17.74 12.92
CA ASN A 581 -31.53 -17.08 13.37
C ASN A 581 -32.77 -17.80 12.85
N PHE A 582 -32.75 -18.21 11.58
CA PHE A 582 -33.93 -18.83 11.02
C PHE A 582 -34.13 -20.27 11.51
N PHE A 583 -33.06 -20.99 11.83
CA PHE A 583 -33.25 -22.33 12.37
C PHE A 583 -33.40 -22.35 13.88
N ASN A 584 -33.19 -21.21 14.55
CA ASN A 584 -33.44 -21.11 15.97
C ASN A 584 -34.81 -20.52 16.28
N TRP A 585 -35.33 -19.65 15.41
CA TRP A 585 -36.67 -19.11 15.62
C TRP A 585 -37.74 -20.19 15.54
N THR A 586 -37.44 -21.32 14.90
CA THR A 586 -38.38 -22.44 14.88
C THR A 586 -38.32 -23.29 16.15
N THR A 587 -37.31 -23.09 16.99
CA THR A 587 -37.22 -23.84 18.23
C THR A 587 -38.19 -23.36 19.28
N TYR A 588 -38.49 -22.06 19.30
CA TYR A 588 -39.38 -21.50 20.31
C TYR A 588 -40.76 -22.11 20.21
N GLU A 589 -41.39 -22.33 21.36
CA GLU A 589 -42.74 -22.88 21.36
C GLU A 589 -43.77 -21.84 20.96
N ASN A 590 -43.56 -20.58 21.37
CA ASN A 590 -44.49 -19.51 21.00
C ASN A 590 -44.52 -19.30 19.49
N ALA A 591 -43.36 -19.33 18.85
CA ALA A 591 -43.30 -19.10 17.42
C ALA A 591 -44.01 -20.22 16.66
N LYS A 592 -44.85 -19.85 15.71
CA LYS A 592 -45.50 -20.79 14.81
C LYS A 592 -44.93 -20.53 13.42
N LEU A 593 -43.79 -21.15 13.14
CA LEU A 593 -43.04 -20.88 11.93
C LEU A 593 -42.61 -22.19 11.30
N ILE A 594 -42.78 -22.28 9.98
CA ILE A 594 -42.40 -23.47 9.22
C ILE A 594 -41.37 -23.01 8.19
N VAL A 595 -40.10 -23.11 8.54
CA VAL A 595 -39.04 -22.59 7.69
C VAL A 595 -38.64 -23.68 6.69
N ILE A 596 -38.83 -23.40 5.40
CA ILE A 596 -38.42 -24.33 4.37
C ILE A 596 -37.15 -23.81 3.70
N ALA A 597 -36.00 -24.23 4.20
CA ALA A 597 -34.73 -23.82 3.63
C ALA A 597 -34.33 -24.77 2.52
N VAL A 598 -33.71 -24.24 1.48
CA VAL A 598 -33.33 -25.04 0.33
C VAL A 598 -31.94 -24.60 -0.13
N ALA A 599 -31.12 -25.57 -0.51
CA ALA A 599 -29.71 -25.29 -0.80
C ALA A 599 -29.16 -26.35 -1.76
N ASN A 600 -27.90 -26.16 -2.14
CA ASN A 600 -27.21 -27.07 -3.05
C ASN A 600 -26.45 -28.15 -2.30
N THR A 601 -25.65 -27.77 -1.31
CA THR A 601 -24.85 -28.73 -0.57
C THR A 601 -25.70 -29.36 0.54
N MET A 602 -25.70 -30.70 0.59
CA MET A 602 -26.49 -31.40 1.59
C MET A 602 -25.94 -31.18 2.99
N ASP A 603 -24.61 -31.04 3.12
CA ASP A 603 -23.96 -30.90 4.41
C ASP A 603 -23.79 -29.44 4.83
N LEU A 604 -24.57 -28.53 4.26
CA LEU A 604 -24.46 -27.12 4.66
C LEU A 604 -24.76 -26.88 6.13
N PRO A 605 -25.84 -27.43 6.72
CA PRO A 605 -26.10 -27.14 8.14
C PRO A 605 -25.03 -27.67 9.08
N GLU A 606 -24.79 -28.98 9.03
CA GLU A 606 -23.86 -29.59 9.97
C GLU A 606 -22.49 -28.94 9.89
N ARG A 607 -22.08 -28.52 8.69
CA ARG A 607 -20.82 -27.79 8.56
C ARG A 607 -20.93 -26.39 9.13
N GLN A 608 -21.98 -25.65 8.76
CA GLN A 608 -22.04 -24.23 9.09
C GLN A 608 -22.36 -23.99 10.57
N LEU A 609 -23.32 -24.74 11.11
CA LEU A 609 -23.77 -24.50 12.47
C LEU A 609 -23.00 -25.32 13.50
N GLY A 610 -22.51 -26.48 13.12
CA GLY A 610 -21.87 -27.38 14.06
C GLY A 610 -22.78 -28.54 14.41
N ASN A 611 -22.17 -29.66 14.80
CA ASN A 611 -22.94 -30.87 15.07
C ASN A 611 -23.88 -30.66 16.26
N LYS A 612 -23.41 -29.98 17.31
CA LYS A 612 -24.24 -29.79 18.50
C LYS A 612 -25.48 -28.99 18.19
N ILE A 613 -25.35 -27.89 17.44
CA ILE A 613 -26.51 -27.05 17.13
C ILE A 613 -27.44 -27.77 16.17
N THR A 614 -26.90 -28.40 15.13
CA THR A 614 -27.73 -29.12 14.18
C THR A 614 -28.38 -30.35 14.80
N SER A 615 -27.89 -30.79 15.96
CA SER A 615 -28.55 -31.85 16.71
C SER A 615 -29.62 -31.31 17.65
N ARG A 616 -29.34 -30.19 18.33
CA ARG A 616 -30.34 -29.59 19.21
C ARG A 616 -31.49 -28.96 18.44
N ILE A 617 -31.34 -28.74 17.13
CA ILE A 617 -32.44 -28.35 16.27
C ILE A 617 -32.81 -29.55 15.41
N GLY A 618 -34.04 -30.03 15.57
CA GLY A 618 -34.50 -31.16 14.79
C GLY A 618 -35.25 -30.72 13.55
N PHE A 619 -34.60 -30.80 12.40
CA PHE A 619 -35.20 -30.38 11.14
C PHE A 619 -35.16 -31.52 10.13
N THR A 620 -36.24 -31.66 9.36
CA THR A 620 -36.36 -32.75 8.40
C THR A 620 -35.47 -32.47 7.19
N ARG A 621 -34.54 -33.38 6.91
CA ARG A 621 -33.62 -33.24 5.79
C ARG A 621 -34.14 -34.02 4.59
N ILE A 622 -34.10 -33.39 3.42
CA ILE A 622 -34.50 -34.02 2.17
C ILE A 622 -33.40 -33.76 1.15
N MET A 623 -33.05 -34.80 0.38
CA MET A 623 -32.04 -34.71 -0.65
C MET A 623 -32.66 -35.03 -2.00
N PHE A 624 -32.36 -34.23 -3.00
CA PHE A 624 -32.89 -34.40 -4.35
C PHE A 624 -31.80 -34.97 -5.26
N THR A 625 -32.12 -36.04 -5.97
CA THR A 625 -31.22 -36.66 -6.91
C THR A 625 -31.60 -36.25 -8.33
N GLY A 626 -30.59 -36.03 -9.16
CA GLY A 626 -30.85 -35.66 -10.54
C GLY A 626 -31.67 -36.71 -11.26
N TYR A 627 -32.54 -36.26 -12.16
CA TYR A 627 -33.44 -37.15 -12.85
C TYR A 627 -32.67 -38.14 -13.71
N THR A 628 -33.20 -39.36 -13.81
CA THR A 628 -32.67 -40.33 -14.75
C THR A 628 -33.21 -40.03 -16.15
N HIS A 629 -32.71 -40.81 -17.13
CA HIS A 629 -33.14 -40.59 -18.51
C HIS A 629 -34.64 -40.84 -18.68
N GLU A 630 -35.16 -41.88 -18.03
CA GLU A 630 -36.60 -42.15 -18.12
C GLU A 630 -37.41 -41.00 -17.52
N GLU A 631 -36.98 -40.48 -16.38
CA GLU A 631 -37.71 -39.39 -15.74
C GLU A 631 -37.70 -38.14 -16.61
N LEU A 632 -36.56 -37.79 -17.19
CA LEU A 632 -36.48 -36.61 -18.04
C LEU A 632 -37.31 -36.79 -19.30
N LYS A 633 -37.30 -37.99 -19.89
CA LYS A 633 -38.15 -38.26 -21.03
C LYS A 633 -39.61 -38.10 -20.67
N ASN A 634 -39.99 -38.58 -19.48
CA ASN A 634 -41.37 -38.43 -19.03
C ASN A 634 -41.73 -36.95 -18.85
N ILE A 635 -40.81 -36.17 -18.30
CA ILE A 635 -41.07 -34.74 -18.12
C ILE A 635 -41.31 -34.07 -19.47
N ILE A 636 -40.42 -34.34 -20.44
CA ILE A 636 -40.56 -33.73 -21.76
C ILE A 636 -41.86 -34.15 -22.41
N ASP A 637 -42.18 -35.44 -22.35
CA ASP A 637 -43.41 -35.94 -22.97
C ASP A 637 -44.64 -35.33 -22.34
N LEU A 638 -44.65 -35.19 -21.01
CA LEU A 638 -45.79 -34.58 -20.33
C LEU A 638 -45.94 -33.13 -20.71
N ARG A 639 -44.81 -32.42 -20.92
CA ARG A 639 -44.92 -31.02 -21.31
C ARG A 639 -45.38 -30.85 -22.75
N LEU A 640 -45.43 -31.91 -23.55
CA LEU A 640 -45.89 -31.84 -24.94
C LEU A 640 -47.07 -32.77 -25.19
N LYS A 641 -47.89 -33.01 -24.16
CA LYS A 641 -49.03 -33.90 -24.35
C LYS A 641 -50.09 -33.27 -25.26
N GLY A 642 -50.23 -31.95 -25.20
CA GLY A 642 -51.24 -31.26 -25.98
C GLY A 642 -50.86 -30.90 -27.41
N LEU A 643 -49.58 -31.05 -27.78
CA LEU A 643 -49.12 -30.70 -29.11
C LEU A 643 -48.56 -31.85 -29.92
N ASN A 644 -48.10 -32.92 -29.27
CA ASN A 644 -47.54 -34.04 -30.02
C ASN A 644 -48.62 -34.72 -30.87
N ASP A 645 -48.28 -34.97 -32.13
CA ASP A 645 -49.18 -35.61 -33.09
C ASP A 645 -50.50 -34.85 -33.19
N SER A 646 -50.39 -33.58 -33.56
CA SER A 646 -51.55 -32.70 -33.65
C SER A 646 -51.69 -32.14 -35.06
N PHE A 647 -52.92 -31.78 -35.40
CA PHE A 647 -53.24 -31.20 -36.70
C PHE A 647 -53.32 -29.70 -36.59
N PHE A 648 -52.67 -29.00 -37.52
CA PHE A 648 -52.64 -27.54 -37.53
C PHE A 648 -53.06 -27.03 -38.90
N TYR A 649 -53.86 -25.97 -38.91
CA TYR A 649 -54.22 -25.29 -40.14
C TYR A 649 -53.23 -24.16 -40.38
N VAL A 650 -52.53 -24.19 -41.51
CA VAL A 650 -51.50 -23.21 -41.82
C VAL A 650 -51.80 -22.61 -43.18
N ASP A 651 -51.63 -21.29 -43.29
CA ASP A 651 -51.83 -20.58 -44.55
C ASP A 651 -50.48 -20.22 -45.14
N THR A 652 -50.27 -20.61 -46.41
CA THR A 652 -49.00 -20.34 -47.08
C THR A 652 -48.75 -18.84 -47.26
N LYS A 653 -49.80 -18.02 -47.20
CA LYS A 653 -49.62 -16.59 -47.40
C LYS A 653 -48.73 -15.98 -46.31
N THR A 654 -48.91 -16.38 -45.06
CA THR A 654 -48.14 -15.84 -43.96
C THR A 654 -47.51 -16.90 -43.08
N GLY A 655 -48.07 -18.11 -43.04
CA GLY A 655 -47.55 -19.18 -42.22
C GLY A 655 -48.17 -19.31 -40.85
N ASN A 656 -49.23 -18.56 -40.56
CA ASN A 656 -49.86 -18.64 -39.26
C ASN A 656 -50.45 -20.02 -39.03
N ALA A 657 -50.20 -20.59 -37.85
CA ALA A 657 -50.65 -21.92 -37.50
C ALA A 657 -51.77 -21.82 -36.47
N ILE A 658 -52.87 -22.51 -36.73
CA ILE A 658 -54.02 -22.53 -35.85
C ILE A 658 -54.27 -23.97 -35.42
N LEU A 659 -54.36 -24.19 -34.11
CA LEU A 659 -54.60 -25.51 -33.57
C LEU A 659 -56.06 -25.89 -33.74
N ILE A 660 -56.31 -27.18 -33.97
CA ILE A 660 -57.66 -27.70 -34.13
C ILE A 660 -58.45 -27.53 -32.84
N ASP A 676 -55.71 -20.26 -49.19
CA ASP A 676 -55.01 -21.54 -49.22
C ASP A 676 -54.65 -21.97 -47.80
N VAL A 677 -55.36 -22.98 -47.30
CA VAL A 677 -55.15 -23.51 -45.95
C VAL A 677 -54.80 -24.99 -46.08
N ARG A 678 -53.72 -25.39 -45.41
CA ARG A 678 -53.23 -26.76 -45.44
C ARG A 678 -53.23 -27.33 -44.03
N LYS A 679 -53.60 -28.60 -43.91
CA LYS A 679 -53.55 -29.30 -42.64
C LYS A 679 -52.21 -30.03 -42.53
N VAL A 680 -51.46 -29.73 -41.48
CA VAL A 680 -50.13 -30.29 -41.26
C VAL A 680 -50.10 -31.00 -39.92
N ARG A 681 -49.49 -32.18 -39.89
CA ARG A 681 -49.34 -32.97 -38.68
C ARG A 681 -48.00 -32.66 -38.04
N LEU A 682 -48.02 -32.35 -36.74
CA LEU A 682 -46.81 -32.04 -35.99
C LEU A 682 -46.61 -33.11 -34.93
N ARG A 683 -45.39 -33.66 -34.88
CA ARG A 683 -45.02 -34.60 -33.85
C ARG A 683 -43.51 -34.51 -33.63
N MET A 684 -43.09 -34.78 -32.40
CA MET A 684 -41.69 -34.77 -32.03
C MET A 684 -41.22 -36.21 -31.87
N SER A 685 -40.15 -36.56 -32.59
CA SER A 685 -39.72 -37.95 -32.66
C SER A 685 -39.34 -38.47 -31.27
N ALA A 686 -39.84 -39.67 -30.95
CA ALA A 686 -39.60 -40.24 -29.63
C ALA A 686 -38.12 -40.56 -29.42
N ASP A 687 -37.45 -41.09 -30.44
CA ASP A 687 -36.03 -41.43 -30.30
C ASP A 687 -35.19 -40.18 -30.06
N ALA A 688 -35.56 -39.05 -30.66
CA ALA A 688 -34.83 -37.82 -30.43
C ALA A 688 -34.91 -37.40 -28.96
N ILE A 689 -36.13 -37.46 -28.39
CA ILE A 689 -36.29 -37.14 -26.98
C ILE A 689 -35.51 -38.11 -26.11
N GLU A 690 -35.57 -39.41 -26.45
CA GLU A 690 -34.86 -40.40 -25.66
C GLU A 690 -33.36 -40.14 -25.66
N ILE A 691 -32.79 -39.86 -26.83
CA ILE A 691 -31.34 -39.64 -26.90
C ILE A 691 -30.95 -38.34 -26.23
N ALA A 692 -31.79 -37.29 -26.36
CA ALA A 692 -31.50 -36.05 -25.66
C ALA A 692 -31.50 -36.24 -24.15
N SER A 693 -32.50 -36.96 -23.64
CA SER A 693 -32.57 -37.22 -22.20
C SER A 693 -31.41 -38.08 -21.74
N ARG A 694 -31.02 -39.08 -22.54
CA ARG A 694 -29.88 -39.91 -22.18
C ARG A 694 -28.59 -39.09 -22.11
N LYS A 695 -28.40 -38.19 -23.08
CA LYS A 695 -27.18 -37.40 -23.10
C LYS A 695 -27.16 -36.39 -21.95
N VAL A 696 -28.29 -35.77 -21.65
CA VAL A 696 -28.29 -34.71 -20.64
C VAL A 696 -28.31 -35.29 -19.23
N ALA A 697 -28.93 -36.45 -19.03
CA ALA A 697 -29.02 -37.04 -17.70
C ALA A 697 -27.71 -37.69 -17.28
N SER A 698 -26.94 -38.20 -18.25
CA SER A 698 -25.71 -38.90 -17.92
C SER A 698 -24.62 -37.95 -17.41
N VAL A 699 -24.76 -36.65 -17.63
CA VAL A 699 -23.75 -35.68 -17.22
C VAL A 699 -24.19 -34.89 -15.99
N SER A 700 -25.42 -34.38 -15.99
CA SER A 700 -25.90 -33.61 -14.84
C SER A 700 -27.26 -34.07 -14.34
N GLY A 701 -28.17 -34.46 -15.24
CA GLY A 701 -29.51 -34.81 -14.85
C GLY A 701 -30.42 -33.63 -14.58
N ASP A 702 -29.98 -32.41 -14.87
CA ASP A 702 -30.78 -31.22 -14.59
C ASP A 702 -31.93 -31.13 -15.57
N ALA A 703 -33.13 -30.84 -15.04
CA ALA A 703 -34.31 -30.74 -15.90
C ALA A 703 -34.19 -29.56 -16.86
N ARG A 704 -33.67 -28.43 -16.37
CA ARG A 704 -33.64 -27.23 -17.19
C ARG A 704 -32.77 -27.42 -18.42
N ARG A 705 -31.64 -28.12 -18.28
CA ARG A 705 -30.78 -28.35 -19.44
C ARG A 705 -31.47 -29.20 -20.49
N ALA A 706 -32.21 -30.23 -20.07
CA ALA A 706 -32.96 -31.04 -21.03
C ALA A 706 -34.03 -30.21 -21.73
N LEU A 707 -34.76 -29.40 -20.96
CA LEU A 707 -35.77 -28.53 -21.57
C LEU A 707 -35.14 -27.59 -22.58
N LYS A 708 -34.00 -26.99 -22.22
CA LYS A 708 -33.36 -26.02 -23.09
C LYS A 708 -32.82 -26.67 -24.36
N VAL A 709 -32.24 -27.87 -24.25
CA VAL A 709 -31.70 -28.52 -25.43
C VAL A 709 -32.83 -28.96 -26.36
N CYS A 710 -33.94 -29.44 -25.81
CA CYS A 710 -35.07 -29.78 -26.67
C CYS A 710 -35.64 -28.54 -27.35
N LYS A 711 -35.74 -27.43 -26.61
CA LYS A 711 -36.20 -26.17 -27.21
C LYS A 711 -35.26 -25.69 -28.30
N ARG A 712 -33.95 -25.86 -28.09
CA ARG A 712 -32.98 -25.47 -29.10
C ARG A 712 -33.12 -26.33 -30.35
N ALA A 713 -33.37 -27.63 -30.19
CA ALA A 713 -33.61 -28.48 -31.36
C ALA A 713 -34.85 -28.02 -32.12
N ALA A 714 -35.92 -27.70 -31.39
CA ALA A 714 -37.12 -27.19 -32.04
C ALA A 714 -36.84 -25.87 -32.77
N GLU A 715 -36.02 -25.01 -32.16
CA GLU A 715 -35.64 -23.75 -32.81
C GLU A 715 -34.85 -24.00 -34.08
N ILE A 716 -33.94 -24.99 -34.06
CA ILE A 716 -33.18 -25.31 -35.27
C ILE A 716 -34.12 -25.79 -36.37
N ALA A 717 -35.09 -26.65 -36.01
CA ALA A 717 -36.08 -27.09 -36.99
C ALA A 717 -36.87 -25.92 -37.55
N GLU A 718 -37.25 -24.96 -36.70
CA GLU A 718 -38.01 -23.81 -37.15
C GLU A 718 -37.17 -22.89 -38.04
N LYS A 719 -35.89 -22.74 -37.72
CA LYS A 719 -35.00 -21.96 -38.58
C LYS A 719 -34.88 -22.60 -39.95
N HIS A 720 -34.75 -23.93 -39.99
CA HIS A 720 -34.76 -24.62 -41.29
C HIS A 720 -36.10 -24.43 -41.99
N TYR A 721 -37.19 -24.41 -41.22
CA TYR A 721 -38.52 -24.27 -41.81
C TYR A 721 -38.65 -22.96 -42.58
N MET A 722 -38.35 -21.84 -41.92
CA MET A 722 -38.39 -20.57 -42.65
C MET A 722 -37.20 -20.37 -43.60
N ALA A 723 -36.12 -21.12 -43.44
CA ALA A 723 -35.07 -21.06 -44.45
C ALA A 723 -35.55 -21.66 -45.77
N LYS A 724 -36.26 -22.79 -45.69
CA LYS A 724 -36.78 -23.42 -46.89
C LYS A 724 -37.98 -22.66 -47.45
N HIS A 725 -38.83 -22.13 -46.58
CA HIS A 725 -40.06 -21.49 -47.03
C HIS A 725 -39.93 -19.98 -47.22
N GLY A 726 -39.40 -19.29 -46.21
CA GLY A 726 -39.29 -17.85 -46.30
C GLY A 726 -40.56 -17.14 -45.85
N TYR A 727 -41.00 -17.41 -44.63
CA TYR A 727 -42.26 -16.89 -44.14
C TYR A 727 -42.12 -15.53 -43.45
N GLY A 728 -40.96 -15.25 -42.85
CA GLY A 728 -40.74 -13.95 -42.26
C GLY A 728 -41.59 -13.70 -41.02
N TYR A 729 -41.68 -12.43 -40.65
CA TYR A 729 -42.42 -11.99 -39.48
C TYR A 729 -43.30 -10.80 -39.84
N ASP A 730 -44.31 -10.57 -39.01
CA ASP A 730 -45.31 -9.53 -39.25
C ASP A 730 -46.03 -9.77 -40.58
N GLY A 769 -45.66 -33.42 -46.61
CA GLY A 769 -46.64 -32.49 -46.08
C GLY A 769 -46.80 -32.58 -44.57
N VAL A 770 -45.87 -33.27 -43.93
CA VAL A 770 -45.87 -33.46 -42.48
C VAL A 770 -44.63 -32.80 -41.92
N GLN A 771 -44.83 -31.80 -41.07
CA GLN A 771 -43.73 -31.04 -40.46
C GLN A 771 -43.40 -31.66 -39.10
N THR A 772 -42.20 -32.20 -38.98
CA THR A 772 -41.75 -32.87 -37.77
C THR A 772 -40.34 -32.41 -37.45
N VAL A 773 -39.72 -33.09 -36.48
CA VAL A 773 -38.31 -32.88 -36.15
C VAL A 773 -37.57 -34.18 -36.40
N HIS A 774 -36.26 -34.18 -36.17
CA HIS A 774 -35.46 -35.36 -36.41
C HIS A 774 -34.36 -35.44 -35.36
N ILE A 775 -33.81 -36.65 -35.19
CA ILE A 775 -32.69 -36.85 -34.29
C ILE A 775 -31.47 -36.04 -34.73
N THR A 776 -31.40 -35.70 -36.02
CA THR A 776 -30.29 -34.88 -36.50
C THR A 776 -30.32 -33.49 -35.84
N HIS A 777 -31.51 -32.92 -35.70
CA HIS A 777 -31.62 -31.60 -35.07
C HIS A 777 -31.19 -31.63 -33.62
N VAL A 778 -31.65 -32.66 -32.88
CA VAL A 778 -31.29 -32.79 -31.48
C VAL A 778 -29.78 -33.02 -31.35
N MET A 779 -29.21 -33.83 -32.24
CA MET A 779 -27.77 -34.07 -32.21
C MET A 779 -27.00 -32.79 -32.52
N LYS A 780 -27.50 -31.98 -33.45
CA LYS A 780 -26.86 -30.70 -33.75
C LYS A 780 -26.88 -29.79 -32.53
N ALA A 781 -28.02 -29.72 -31.85
CA ALA A 781 -28.11 -28.88 -30.65
C ALA A 781 -27.18 -29.39 -29.57
N LEU A 782 -27.12 -30.70 -29.37
CA LEU A 782 -26.26 -31.27 -28.34
C LEU A 782 -24.79 -31.02 -28.66
N ASN A 783 -24.40 -31.16 -29.93
CA ASN A 783 -23.02 -30.89 -30.31
C ASN A 783 -22.68 -29.42 -30.12
N GLU A 784 -23.61 -28.53 -30.45
CA GLU A 784 -23.38 -27.11 -30.20
C GLU A 784 -23.20 -26.84 -28.71
N THR A 785 -24.00 -27.49 -27.87
CA THR A 785 -23.88 -27.31 -26.43
C THR A 785 -22.54 -27.85 -25.92
N LEU A 786 -22.10 -29.00 -26.41
CA LEU A 786 -20.97 -29.71 -25.83
C LEU A 786 -19.64 -29.31 -26.46
N ASN A 787 -19.53 -29.46 -27.79
CA ASN A 787 -18.24 -29.28 -28.46
C ASN A 787 -17.72 -27.86 -28.29
N SER A 788 -16.42 -27.75 -28.02
CA SER A 788 -15.78 -26.47 -27.77
C SER A 788 -15.31 -25.85 -29.08
N HIS A 789 -14.78 -24.63 -28.99
CA HIS A 789 -14.37 -23.86 -30.16
C HIS A 789 -12.88 -23.58 -30.23
N VAL A 790 -12.10 -23.95 -29.20
CA VAL A 790 -10.68 -23.64 -29.19
C VAL A 790 -9.96 -24.32 -30.34
N ILE A 791 -10.26 -25.60 -30.58
CA ILE A 791 -9.65 -26.32 -31.69
C ILE A 791 -10.04 -25.68 -33.01
N THR A 792 -11.23 -25.10 -33.09
CA THR A 792 -11.63 -24.36 -34.28
C THR A 792 -11.14 -22.92 -34.27
N PHE A 793 -10.88 -22.35 -33.09
CA PHE A 793 -10.38 -20.98 -33.03
C PHE A 793 -8.93 -20.90 -33.48
N MET A 794 -8.11 -21.87 -33.09
CA MET A 794 -6.72 -21.91 -33.56
C MET A 794 -6.64 -22.02 -35.07
N THR A 795 -7.40 -22.94 -35.66
CA THR A 795 -7.21 -23.27 -37.07
C THR A 795 -7.57 -22.12 -38.01
N ARG A 796 -8.22 -21.08 -37.52
CA ARG A 796 -8.55 -19.92 -38.33
C ARG A 796 -7.78 -18.67 -37.90
N LEU A 797 -6.76 -18.83 -37.06
CA LEU A 797 -5.93 -17.72 -36.64
C LEU A 797 -4.95 -17.33 -37.74
N SER A 798 -4.30 -16.18 -37.53
CA SER A 798 -3.30 -15.70 -38.48
C SER A 798 -2.06 -16.59 -38.45
N PHE A 799 -1.20 -16.42 -39.46
CA PHE A 799 0.00 -17.24 -39.53
C PHE A 799 0.92 -16.98 -38.35
N THR A 800 1.04 -15.72 -37.93
CA THR A 800 1.88 -15.41 -36.78
C THR A 800 1.35 -16.03 -35.50
N ALA A 801 0.02 -16.13 -35.34
CA ALA A 801 -0.54 -16.77 -34.17
C ALA A 801 -0.15 -18.24 -34.12
N LYS A 802 -0.30 -18.94 -35.24
CA LYS A 802 0.08 -20.35 -35.27
C LYS A 802 1.58 -20.52 -35.11
N LEU A 803 2.38 -19.58 -35.61
CA LEU A 803 3.83 -19.64 -35.39
C LEU A 803 4.15 -19.48 -33.91
N PHE A 804 3.48 -18.55 -33.23
CA PHE A 804 3.69 -18.37 -31.80
C PHE A 804 3.31 -19.62 -31.02
N ILE A 805 2.17 -20.22 -31.37
CA ILE A 805 1.75 -21.44 -30.70
C ILE A 805 2.73 -22.58 -30.98
N TYR A 806 3.23 -22.66 -32.21
CA TYR A 806 4.21 -23.68 -32.56
C TYR A 806 5.49 -23.53 -31.75
N ALA A 807 6.00 -22.29 -31.63
CA ALA A 807 7.20 -22.06 -30.85
C ALA A 807 6.96 -22.39 -29.37
N LEU A 808 5.79 -22.02 -28.85
CA LEU A 808 5.47 -22.35 -27.47
C LEU A 808 5.44 -23.86 -27.25
N LEU A 809 4.84 -24.60 -28.18
CA LEU A 809 4.79 -26.05 -28.07
C LEU A 809 6.19 -26.65 -28.15
N ASN A 810 7.01 -26.14 -29.06
CA ASN A 810 8.38 -26.67 -29.20
C ASN A 810 9.19 -26.44 -27.93
N LEU A 811 9.11 -25.23 -27.36
CA LEU A 811 9.86 -24.96 -26.14
C LEU A 811 9.32 -25.75 -24.96
N MET A 812 8.00 -25.95 -24.91
CA MET A 812 7.43 -26.76 -23.83
C MET A 812 7.87 -28.21 -23.95
N LYS A 813 7.94 -28.74 -25.17
CA LYS A 813 8.44 -30.10 -25.37
C LYS A 813 9.91 -30.21 -25.01
N LYS A 814 10.71 -29.19 -25.34
CA LYS A 814 12.15 -29.27 -25.07
C LYS A 814 12.45 -29.14 -23.58
N ASN A 815 11.80 -28.21 -22.89
CA ASN A 815 12.10 -27.97 -21.49
C ASN A 815 11.23 -28.80 -20.56
N GLY A 816 9.95 -28.99 -20.89
CA GLY A 816 9.07 -29.77 -20.04
C GLY A 816 8.50 -29.02 -18.86
N SER A 817 8.74 -27.73 -18.74
CA SER A 817 8.25 -26.94 -17.62
C SER A 817 6.88 -26.35 -17.85
N GLN A 818 6.25 -26.67 -18.99
CA GLN A 818 4.90 -26.22 -19.36
C GLN A 818 4.70 -24.72 -19.15
N GLU A 819 5.80 -23.97 -19.14
CA GLU A 819 5.76 -22.51 -19.15
C GLU A 819 7.10 -22.03 -19.68
N GLN A 820 7.08 -20.95 -20.45
CA GLN A 820 8.27 -20.47 -21.14
C GLN A 820 8.44 -18.97 -20.97
N GLU A 821 9.69 -18.55 -20.80
CA GLU A 821 9.99 -17.13 -20.82
C GLU A 821 9.71 -16.56 -22.20
N LEU A 822 9.17 -15.34 -22.24
CA LEU A 822 8.67 -14.80 -23.49
C LEU A 822 9.81 -14.50 -24.46
N GLY A 823 10.93 -13.97 -23.95
CA GLY A 823 12.09 -13.77 -24.81
C GLY A 823 12.61 -15.07 -25.39
N ASP A 824 12.48 -16.16 -24.64
CA ASP A 824 12.84 -17.47 -25.16
C ASP A 824 11.89 -17.88 -26.29
N ILE A 825 10.61 -17.50 -26.19
CA ILE A 825 9.69 -17.68 -27.31
C ILE A 825 10.17 -16.91 -28.52
N VAL A 826 10.60 -15.66 -28.32
CA VAL A 826 11.08 -14.84 -29.45
C VAL A 826 12.28 -15.49 -30.11
N ASP A 827 13.23 -15.95 -29.28
CA ASP A 827 14.43 -16.59 -29.83
C ASP A 827 14.09 -17.85 -30.60
N GLU A 828 13.17 -18.65 -30.07
CA GLU A 828 12.75 -19.86 -30.78
C GLU A 828 12.08 -19.54 -32.09
N ILE A 829 11.25 -18.49 -32.12
CA ILE A 829 10.61 -18.09 -33.38
C ILE A 829 11.65 -17.68 -34.40
N LYS A 830 12.62 -16.87 -33.97
CA LYS A 830 13.66 -16.42 -34.91
C LYS A 830 14.45 -17.60 -35.44
N LEU A 831 14.84 -18.52 -34.56
CA LEU A 831 15.61 -19.68 -34.99
C LEU A 831 14.79 -20.55 -35.95
N LEU A 832 13.52 -20.76 -35.63
CA LEU A 832 12.66 -21.60 -36.46
C LEU A 832 12.45 -20.98 -37.85
N ILE A 833 12.31 -19.64 -37.90
CA ILE A 833 12.08 -18.99 -39.17
C ILE A 833 13.36 -18.82 -39.97
N GLU A 834 14.53 -18.91 -39.33
CA GLU A 834 15.77 -18.80 -40.08
C GLU A 834 16.38 -20.14 -40.49
N VAL A 835 16.08 -21.23 -39.76
CA VAL A 835 16.59 -22.53 -40.18
C VAL A 835 15.90 -23.00 -41.45
N ASN A 836 14.61 -22.76 -41.58
CA ASN A 836 13.86 -23.19 -42.76
C ASN A 836 13.91 -22.15 -43.86
N GLY A 837 15.11 -21.72 -44.23
CA GLY A 837 15.26 -20.70 -45.25
C GLY A 837 14.92 -21.15 -46.65
N SER A 838 14.72 -22.45 -46.86
CA SER A 838 14.38 -22.99 -48.17
C SER A 838 12.93 -23.41 -48.29
N ASN A 839 12.17 -23.42 -47.19
CA ASN A 839 10.76 -23.77 -47.27
C ASN A 839 10.01 -22.76 -48.11
N LYS A 840 9.16 -23.26 -49.01
CA LYS A 840 8.60 -22.43 -50.08
C LYS A 840 7.82 -21.23 -49.56
N PHE A 841 7.37 -21.27 -48.31
CA PHE A 841 6.67 -20.13 -47.72
C PHE A 841 7.62 -19.14 -47.06
N VAL A 842 8.76 -19.62 -46.55
CA VAL A 842 9.54 -18.84 -45.62
C VAL A 842 10.31 -17.72 -46.32
N MET A 843 10.85 -17.98 -47.51
CA MET A 843 11.68 -16.94 -48.12
C MET A 843 10.87 -15.70 -48.47
N GLU A 844 9.56 -15.83 -48.68
CA GLU A 844 8.72 -14.66 -48.91
C GLU A 844 7.91 -14.25 -47.69
N ILE A 845 7.87 -15.07 -46.64
CA ILE A 845 7.23 -14.59 -45.42
C ILE A 845 8.21 -13.84 -44.54
N ALA A 846 9.51 -14.12 -44.67
CA ALA A 846 10.49 -13.49 -43.79
C ALA A 846 10.55 -11.98 -44.01
N LYS A 847 10.50 -11.54 -45.27
CA LYS A 847 10.55 -10.12 -45.57
C LYS A 847 9.36 -9.40 -44.94
N THR A 848 8.15 -9.87 -45.21
CA THR A 848 6.95 -9.25 -44.67
C THR A 848 6.78 -9.48 -43.18
N LEU A 849 7.57 -10.37 -42.59
CA LEU A 849 7.43 -10.68 -41.17
C LEU A 849 8.46 -9.96 -40.31
N PHE A 850 9.60 -9.56 -40.88
CA PHE A 850 10.61 -8.84 -40.12
C PHE A 850 10.80 -7.40 -40.55
N GLN A 851 10.55 -7.07 -41.82
CA GLN A 851 10.63 -5.69 -42.29
C GLN A 851 9.28 -5.15 -42.70
N GLN A 852 8.22 -5.95 -42.63
CA GLN A 852 6.91 -5.61 -43.15
C GLN A 852 7.01 -5.14 -44.60
N GLY A 853 7.55 -6.04 -45.43
CA GLY A 853 7.49 -5.89 -46.87
C GLY A 853 8.39 -4.80 -47.41
N SER A 854 8.05 -3.55 -47.09
CA SER A 854 8.79 -2.42 -47.63
C SER A 854 10.16 -2.33 -47.01
N ASP A 855 11.07 -1.68 -47.73
CA ASP A 855 12.38 -1.35 -47.18
C ASP A 855 12.24 -0.11 -46.29
N ASN A 856 13.38 0.49 -45.93
CA ASN A 856 13.43 1.67 -45.07
C ASN A 856 13.00 1.33 -43.65
N ILE A 857 12.60 0.08 -43.43
CA ILE A 857 12.22 -0.41 -42.11
C ILE A 857 13.30 -1.40 -41.68
N SER A 858 14.02 -1.04 -40.61
CA SER A 858 15.16 -1.85 -40.18
C SER A 858 14.69 -3.21 -39.67
N GLU A 859 15.63 -4.15 -39.62
CA GLU A 859 15.37 -5.48 -39.11
C GLU A 859 14.75 -5.40 -37.71
N GLN A 860 13.52 -5.88 -37.58
CA GLN A 860 12.77 -5.78 -36.35
C GLN A 860 13.14 -6.92 -35.41
N LEU A 861 13.42 -6.58 -34.15
CA LEU A 861 13.80 -7.60 -33.17
C LEU A 861 12.66 -8.60 -32.95
N ARG A 862 11.43 -8.10 -32.83
CA ARG A 862 10.26 -8.95 -32.70
C ARG A 862 9.51 -9.01 -34.02
N ILE A 863 8.51 -9.88 -34.05
CA ILE A 863 7.67 -10.06 -35.23
C ILE A 863 6.87 -8.78 -35.44
N ILE A 864 6.30 -8.60 -36.64
CA ILE A 864 5.51 -7.41 -36.94
C ILE A 864 4.29 -7.34 -36.04
N SER A 865 3.56 -8.45 -35.93
CA SER A 865 2.33 -8.50 -35.15
C SER A 865 2.51 -9.16 -33.79
N TRP A 866 3.69 -9.00 -33.18
CA TRP A 866 3.99 -9.69 -31.93
C TRP A 866 3.06 -9.24 -30.81
N ASP A 867 2.99 -7.93 -30.58
CA ASP A 867 2.14 -7.42 -29.51
C ASP A 867 0.67 -7.71 -29.79
N PHE A 868 0.25 -7.52 -31.04
CA PHE A 868 -1.14 -7.79 -31.42
C PHE A 868 -1.49 -9.25 -31.17
N VAL A 869 -0.64 -10.17 -31.61
CA VAL A 869 -0.97 -11.59 -31.47
C VAL A 869 -0.92 -12.00 -30.01
N LEU A 870 0.03 -11.46 -29.24
CA LEU A 870 0.10 -11.80 -27.82
C LEU A 870 -1.15 -11.34 -27.09
N ASN A 871 -1.60 -10.11 -27.36
CA ASN A 871 -2.82 -9.63 -26.72
C ASN A 871 -4.05 -10.37 -27.22
N GLN A 872 -4.06 -10.76 -28.49
CA GLN A 872 -5.17 -11.54 -29.03
C GLN A 872 -5.30 -12.88 -28.32
N LEU A 873 -4.16 -13.51 -28.04
CA LEU A 873 -4.20 -14.79 -27.32
C LEU A 873 -4.55 -14.60 -25.85
N LEU A 874 -3.98 -13.59 -25.19
CA LEU A 874 -4.29 -13.38 -23.78
C LEU A 874 -5.76 -13.04 -23.58
N ASP A 875 -6.32 -12.19 -24.44
CA ASP A 875 -7.72 -11.81 -24.29
C ASP A 875 -8.64 -12.99 -24.50
N ALA A 876 -8.31 -13.85 -25.46
CA ALA A 876 -9.17 -14.99 -25.80
C ALA A 876 -9.16 -16.07 -24.74
N GLY A 877 -8.56 -15.85 -23.58
CA GLY A 877 -8.54 -16.86 -22.54
C GLY A 877 -7.85 -18.13 -22.93
N ILE A 878 -6.93 -18.05 -23.90
CA ILE A 878 -6.28 -19.22 -24.47
C ILE A 878 -4.80 -19.26 -24.13
N LEU A 879 -4.32 -18.31 -23.33
CA LEU A 879 -2.92 -18.24 -22.92
C LEU A 879 -2.81 -17.27 -21.74
N PHE A 880 -2.11 -17.68 -20.68
CA PHE A 880 -2.00 -16.86 -19.49
C PHE A 880 -0.58 -16.34 -19.34
N LYS A 881 -0.43 -15.02 -19.25
CA LYS A 881 0.86 -14.37 -19.06
C LYS A 881 0.87 -13.72 -17.69
N GLN A 882 1.85 -14.09 -16.87
CA GLN A 882 1.97 -13.46 -15.57
C GLN A 882 2.38 -12.01 -15.74
N THR A 883 1.99 -11.18 -14.77
CA THR A 883 2.29 -9.75 -14.84
C THR A 883 3.73 -9.51 -14.39
N MET A 884 4.53 -8.94 -15.28
CA MET A 884 5.89 -8.53 -14.98
C MET A 884 6.26 -7.35 -15.88
N LYS A 885 7.10 -6.47 -15.36
CA LYS A 885 7.52 -5.32 -16.17
C LYS A 885 8.48 -5.73 -17.27
N ASN A 886 9.28 -6.77 -17.04
CA ASN A 886 10.27 -7.22 -18.00
C ASN A 886 9.59 -8.14 -18.99
N ASP A 887 9.30 -7.62 -20.19
CA ASP A 887 8.67 -8.41 -21.24
C ASP A 887 9.58 -9.50 -21.78
N ARG A 888 10.87 -9.45 -21.45
CA ARG A 888 11.80 -10.46 -21.94
C ARG A 888 11.71 -11.77 -21.16
N ILE A 889 11.44 -11.71 -19.85
CA ILE A 889 11.49 -12.88 -18.99
C ILE A 889 10.14 -13.25 -18.40
N CYS A 890 9.07 -12.54 -18.75
CA CYS A 890 7.75 -12.93 -18.28
C CYS A 890 7.35 -14.26 -18.90
N CYS A 891 6.73 -15.12 -18.09
CA CYS A 891 6.42 -16.47 -18.51
C CYS A 891 4.96 -16.60 -18.93
N VAL A 892 4.71 -17.47 -19.90
CA VAL A 892 3.38 -17.69 -20.44
C VAL A 892 3.06 -19.18 -20.40
N LYS A 893 1.84 -19.50 -19.99
CA LYS A 893 1.36 -20.87 -19.92
C LYS A 893 0.17 -21.04 -20.86
N LEU A 894 -0.05 -22.26 -21.31
CA LEU A 894 -1.22 -22.58 -22.13
C LEU A 894 -2.33 -23.05 -21.20
N ASN A 895 -3.37 -22.21 -21.04
CA ASN A 895 -4.52 -22.63 -20.25
C ASN A 895 -5.21 -23.82 -20.88
N ILE A 896 -5.35 -23.82 -22.20
CA ILE A 896 -5.93 -24.97 -22.88
C ILE A 896 -4.99 -26.16 -22.78
N SER A 897 -5.56 -27.36 -22.88
CA SER A 897 -4.77 -28.57 -22.79
C SER A 897 -3.83 -28.69 -23.98
N VAL A 898 -2.66 -29.27 -23.72
CA VAL A 898 -1.59 -29.32 -24.72
C VAL A 898 -2.03 -30.13 -25.94
N GLU A 899 -2.94 -31.07 -25.76
CA GLU A 899 -3.39 -31.89 -26.87
C GLU A 899 -4.13 -31.04 -27.91
N GLU A 900 -4.92 -30.07 -27.45
CA GLU A 900 -5.66 -29.21 -28.37
C GLU A 900 -4.72 -28.43 -29.28
N ALA A 901 -3.66 -27.86 -28.71
CA ALA A 901 -2.72 -27.09 -29.51
C ALA A 901 -2.01 -27.96 -30.55
N LYS A 902 -1.62 -29.17 -30.15
CA LYS A 902 -0.96 -30.08 -31.08
C LYS A 902 -1.90 -30.46 -32.22
N ARG A 903 -3.17 -30.76 -31.91
CA ARG A 903 -4.13 -31.06 -32.96
C ARG A 903 -4.33 -29.88 -33.88
N ALA A 904 -4.41 -28.67 -33.31
CA ALA A 904 -4.63 -27.47 -34.13
C ALA A 904 -3.46 -27.23 -35.07
N MET A 905 -2.23 -27.40 -34.58
CA MET A 905 -1.07 -27.23 -35.45
C MET A 905 -0.99 -28.34 -36.49
N ASN A 906 -1.40 -29.55 -36.14
CA ASN A 906 -1.45 -30.63 -37.13
C ASN A 906 -2.47 -30.33 -38.22
N GLU A 907 -3.55 -29.62 -37.88
CA GLU A 907 -4.55 -29.28 -38.88
C GLU A 907 -4.04 -28.28 -39.91
N ASP A 908 -2.98 -27.54 -39.59
CA ASP A 908 -2.43 -26.59 -40.55
C ASP A 908 -1.74 -27.30 -41.69
N GLU A 909 -1.55 -26.59 -42.80
CA GLU A 909 -1.00 -27.18 -44.02
C GLU A 909 0.49 -26.91 -44.20
N THR A 910 1.01 -25.80 -43.69
CA THR A 910 2.43 -25.48 -43.86
C THR A 910 3.25 -25.70 -42.60
N LEU A 911 2.63 -25.62 -41.42
CA LEU A 911 3.39 -25.81 -40.18
C LEU A 911 3.85 -27.25 -40.04
N ARG A 912 3.01 -28.22 -40.42
CA ARG A 912 3.41 -29.61 -40.37
C ARG A 912 4.48 -29.95 -41.39
N ASN A 913 4.58 -29.18 -42.48
CA ASN A 913 5.62 -29.42 -43.47
C ASN A 913 7.00 -29.17 -42.89
N LEU A 914 7.15 -28.09 -42.12
CA LEU A 914 8.43 -27.78 -41.50
C LEU A 914 8.54 -28.44 -40.13
N SER B 238 43.40 -17.09 23.61
CA SER B 238 44.24 -16.34 24.54
C SER B 238 43.39 -15.62 25.58
N PHE B 239 42.54 -14.70 25.11
CA PHE B 239 41.65 -13.94 25.97
C PHE B 239 40.20 -14.37 25.74
N LEU B 240 39.34 -13.96 26.67
CA LEU B 240 37.93 -14.33 26.63
C LEU B 240 36.97 -13.15 26.72
N ASP B 241 37.41 -11.97 27.17
CA ASP B 241 36.52 -10.85 27.44
C ASP B 241 36.92 -9.61 26.66
N THR B 242 37.45 -9.78 25.45
CA THR B 242 37.81 -8.66 24.60
C THR B 242 37.38 -8.97 23.16
N PHE B 243 37.55 -7.99 22.28
CA PHE B 243 37.26 -8.22 20.87
C PHE B 243 38.21 -9.27 20.30
N GLU B 244 39.48 -9.25 20.71
CA GLU B 244 40.39 -10.32 20.35
C GLU B 244 39.92 -11.65 20.89
N GLY B 245 39.42 -11.66 22.13
CA GLY B 245 38.84 -12.87 22.68
C GLY B 245 37.63 -13.35 21.91
N TYR B 246 36.79 -12.41 21.47
CA TYR B 246 35.64 -12.77 20.65
C TYR B 246 36.06 -13.38 19.33
N PHE B 247 37.06 -12.79 18.68
CA PHE B 247 37.56 -13.33 17.41
C PHE B 247 38.16 -14.71 17.62
N ASP B 248 38.90 -14.91 18.72
CA ASP B 248 39.45 -16.22 19.01
C ASP B 248 38.34 -17.25 19.25
N GLN B 249 37.28 -16.86 19.97
CA GLN B 249 36.16 -17.73 20.24
C GLN B 249 35.25 -17.93 19.05
N ARG B 250 35.43 -17.14 17.98
CA ARG B 250 34.60 -17.23 16.78
C ARG B 250 35.34 -18.11 15.76
N LYS B 251 34.95 -19.37 15.69
CA LYS B 251 35.55 -20.31 14.74
C LYS B 251 34.66 -21.52 14.54
N LYS B 258 30.49 -32.51 19.89
CA LYS B 258 29.06 -32.58 19.72
C LYS B 258 28.48 -33.82 20.39
N SER B 259 27.45 -33.62 21.22
CA SER B 259 26.72 -34.70 21.86
C SER B 259 25.29 -34.68 21.35
N ARG B 260 24.83 -35.81 20.82
CA ARG B 260 23.49 -35.92 20.25
C ARG B 260 22.48 -36.33 21.33
N HIS B 261 22.44 -35.53 22.39
CA HIS B 261 21.58 -35.78 23.54
C HIS B 261 20.64 -34.59 23.71
N THR B 262 19.34 -34.83 23.50
CA THR B 262 18.33 -33.79 23.68
C THR B 262 17.88 -33.81 25.15
N MET B 263 16.84 -33.05 25.45
CA MET B 263 16.27 -33.02 26.80
C MET B 263 15.31 -34.17 27.05
N SER B 264 15.02 -35.00 26.03
CA SER B 264 14.18 -36.17 26.25
C SER B 264 14.84 -37.15 27.21
N MET B 265 16.15 -37.38 27.04
CA MET B 265 16.86 -38.26 27.96
C MET B 265 17.13 -37.59 29.29
N ALA B 266 17.02 -36.27 29.37
CA ALA B 266 17.17 -35.56 30.63
C ALA B 266 15.99 -35.90 31.54
N PRO B 267 16.16 -35.74 32.86
CA PRO B 267 15.06 -36.05 33.79
C PRO B 267 13.77 -35.34 33.43
N ASP B 268 12.67 -36.09 33.38
CA ASP B 268 11.39 -35.52 32.99
C ASP B 268 10.93 -34.51 34.03
N VAL B 269 10.33 -33.41 33.55
CA VAL B 269 9.89 -32.32 34.41
C VAL B 269 8.40 -32.13 34.24
N THR B 270 7.69 -32.01 35.37
CA THR B 270 6.27 -31.72 35.38
C THR B 270 6.08 -30.27 35.83
N ARG B 271 5.10 -29.60 35.23
CA ARG B 271 4.92 -28.17 35.48
C ARG B 271 4.61 -27.89 36.95
N GLU B 272 3.78 -28.74 37.55
CA GLU B 272 3.40 -28.51 38.95
C GLU B 272 4.60 -28.60 39.87
N GLU B 273 5.37 -29.68 39.78
CA GLU B 273 6.56 -29.82 40.62
C GLU B 273 7.63 -28.81 40.24
N PHE B 274 7.71 -28.44 38.96
CA PHE B 274 8.60 -27.36 38.55
C PHE B 274 8.29 -26.09 39.32
N SER B 275 7.01 -25.70 39.32
CA SER B 275 6.60 -24.49 40.04
C SER B 275 6.86 -24.62 41.53
N LEU B 276 6.57 -25.79 42.10
CA LEU B 276 6.77 -25.99 43.54
C LEU B 276 8.24 -25.82 43.92
N VAL B 277 9.14 -26.50 43.20
CA VAL B 277 10.56 -26.43 43.52
C VAL B 277 11.11 -25.04 43.27
N SER B 278 10.72 -24.42 42.15
CA SER B 278 11.20 -23.08 41.85
C SER B 278 10.75 -22.08 42.92
N ASN B 279 9.49 -22.17 43.35
CA ASN B 279 9.00 -21.29 44.41
C ASN B 279 9.76 -21.55 45.70
N PHE B 280 9.99 -22.81 46.06
CA PHE B 280 10.74 -23.10 47.27
C PHE B 280 12.13 -22.47 47.23
N PHE B 281 12.79 -22.55 46.07
CA PHE B 281 14.13 -21.98 45.96
C PHE B 281 14.09 -20.46 45.98
N ASN B 282 13.02 -19.85 45.45
CA ASN B 282 13.00 -18.41 45.28
C ASN B 282 13.01 -17.66 46.61
N GLU B 283 12.09 -18.01 47.52
CA GLU B 283 12.04 -17.34 48.81
C GLU B 283 12.74 -18.13 49.93
N ASN B 284 13.72 -18.95 49.60
CA ASN B 284 14.55 -19.58 50.62
C ASN B 284 16.05 -19.55 50.32
N PHE B 285 16.47 -19.18 49.11
CA PHE B 285 17.88 -19.30 48.75
C PHE B 285 18.71 -18.20 49.37
N GLN B 286 18.46 -16.95 48.98
CA GLN B 286 19.25 -15.81 49.45
C GLN B 286 18.33 -14.74 50.00
N LYS B 287 17.38 -15.15 50.85
CA LYS B 287 16.41 -14.23 51.41
C LYS B 287 17.08 -13.10 52.18
N ARG B 288 17.79 -13.44 53.26
CA ARG B 288 18.37 -12.42 54.12
C ARG B 288 19.33 -11.49 53.38
N PRO B 289 20.27 -11.95 52.56
CA PRO B 289 21.08 -11.00 51.78
C PRO B 289 20.26 -10.11 50.88
N ARG B 290 19.17 -10.64 50.30
CA ARG B 290 18.33 -9.82 49.44
C ARG B 290 17.64 -8.72 50.22
N GLN B 291 17.10 -9.03 51.40
CA GLN B 291 16.52 -7.96 52.22
C GLN B 291 17.57 -6.97 52.68
N LYS B 292 18.77 -7.45 53.00
CA LYS B 292 19.84 -6.54 53.40
C LYS B 292 20.16 -5.56 52.27
N LEU B 293 20.30 -6.07 51.05
CA LEU B 293 20.59 -5.21 49.90
C LEU B 293 19.43 -4.26 49.63
N PHE B 294 18.20 -4.74 49.77
CA PHE B 294 17.03 -3.90 49.57
C PHE B 294 17.01 -2.74 50.57
N GLU B 295 17.32 -3.04 51.84
CA GLU B 295 17.36 -1.98 52.84
C GLU B 295 18.49 -1.00 52.57
N ILE B 296 19.64 -1.50 52.10
CA ILE B 296 20.76 -0.62 51.79
C ILE B 296 20.38 0.34 50.66
N GLN B 297 19.77 -0.18 49.60
CA GLN B 297 19.46 0.66 48.46
C GLN B 297 18.17 1.45 48.62
N LYS B 298 17.36 1.14 49.64
CA LYS B 298 16.16 1.94 49.90
C LYS B 298 16.51 3.35 50.36
N LYS B 299 17.65 3.51 51.05
CA LYS B 299 18.05 4.82 51.52
C LYS B 299 18.35 5.79 50.38
N MET B 300 18.50 5.29 49.16
CA MET B 300 18.75 6.13 48.00
C MET B 300 17.47 6.80 47.49
N PHE B 301 16.32 6.46 48.05
CA PHE B 301 15.05 6.97 47.55
C PHE B 301 14.94 8.50 47.55
N PRO B 302 15.35 9.23 48.59
CA PRO B 302 15.28 10.69 48.50
C PRO B 302 16.04 11.26 47.32
N GLN B 303 17.18 10.67 46.96
CA GLN B 303 17.90 11.11 45.77
C GLN B 303 17.08 10.89 44.51
N TYR B 304 16.39 9.74 44.42
CA TYR B 304 15.54 9.48 43.26
C TYR B 304 14.40 10.50 43.19
N TRP B 305 13.78 10.81 44.32
CA TRP B 305 12.69 11.77 44.32
C TRP B 305 13.19 13.16 43.93
N PHE B 306 14.37 13.54 44.42
CA PHE B 306 14.93 14.84 44.06
C PHE B 306 15.26 14.90 42.57
N GLU B 307 15.77 13.80 42.00
CA GLU B 307 16.01 13.76 40.57
C GLU B 307 14.71 13.89 39.79
N LEU B 308 13.66 13.20 40.25
CA LEU B 308 12.38 13.26 39.54
C LEU B 308 11.79 14.66 39.58
N THR B 309 11.87 15.34 40.73
CA THR B 309 11.23 16.64 40.85
C THR B 309 11.94 17.73 40.06
N GLN B 310 12.99 17.41 39.31
CA GLN B 310 13.70 18.38 38.50
C GLN B 310 13.59 18.07 37.01
N GLY B 311 12.55 17.37 36.60
CA GLY B 311 12.33 17.09 35.19
C GLY B 311 13.14 15.96 34.62
N PHE B 312 13.71 15.09 35.45
CA PHE B 312 14.51 13.97 35.01
C PHE B 312 13.67 12.70 35.10
N SER B 313 13.31 12.14 33.95
CA SER B 313 12.73 10.80 33.95
C SER B 313 13.78 9.79 34.36
N LEU B 314 13.37 8.80 35.14
CA LEU B 314 14.30 7.96 35.87
C LEU B 314 14.19 6.53 35.35
N LEU B 315 15.35 5.88 35.18
CA LEU B 315 15.41 4.52 34.67
C LEU B 315 16.23 3.65 35.61
N PHE B 316 15.76 2.42 35.82
CA PHE B 316 16.45 1.43 36.64
C PHE B 316 16.87 0.29 35.75
N TYR B 317 18.16 -0.03 35.75
CA TYR B 317 18.71 -1.12 34.96
C TYR B 317 19.60 -1.99 35.83
N GLY B 318 19.61 -3.28 35.52
CA GLY B 318 20.46 -4.20 36.25
C GLY B 318 19.87 -5.60 36.23
N VAL B 319 20.67 -6.55 36.70
CA VAL B 319 20.23 -7.93 36.75
C VAL B 319 19.17 -8.10 37.84
N GLY B 320 18.38 -9.16 37.70
CA GLY B 320 17.33 -9.45 38.65
C GLY B 320 16.06 -8.66 38.35
N SER B 321 14.99 -9.05 39.03
CA SER B 321 13.69 -8.42 38.82
C SER B 321 13.59 -7.15 39.67
N LYS B 322 13.38 -6.02 39.01
CA LYS B 322 13.17 -4.76 39.70
C LYS B 322 11.69 -4.43 39.83
N ARG B 323 10.80 -5.33 39.43
CA ARG B 323 9.37 -5.05 39.51
C ARG B 323 8.93 -4.79 40.94
N ASN B 324 9.26 -5.70 41.85
CA ASN B 324 8.89 -5.52 43.25
C ASN B 324 9.55 -4.29 43.85
N PHE B 325 10.83 -4.09 43.57
CA PHE B 325 11.55 -2.94 44.12
C PHE B 325 10.96 -1.64 43.61
N LEU B 326 10.73 -1.55 42.29
CA LEU B 326 10.27 -0.29 41.72
C LEU B 326 8.84 0.00 42.15
N GLU B 327 8.01 -1.03 42.25
CA GLU B 327 6.65 -0.85 42.76
C GLU B 327 6.67 -0.39 44.21
N GLU B 328 7.54 -0.98 45.03
CA GLU B 328 7.68 -0.54 46.41
C GLU B 328 8.11 0.92 46.48
N PHE B 329 9.03 1.32 45.61
CA PHE B 329 9.48 2.71 45.59
C PHE B 329 8.34 3.65 45.21
N ALA B 330 7.63 3.34 44.13
CA ALA B 330 6.65 4.27 43.58
C ALA B 330 5.37 4.35 44.41
N ILE B 331 4.85 3.20 44.85
CA ILE B 331 3.53 3.19 45.49
C ILE B 331 3.62 3.61 46.94
N ASP B 332 4.61 3.06 47.67
CA ASP B 332 4.67 3.28 49.11
C ASP B 332 5.45 4.53 49.50
N TYR B 333 6.50 4.89 48.76
CA TYR B 333 7.34 6.02 49.13
C TYR B 333 7.08 7.26 48.30
N LEU B 334 7.09 7.14 46.97
CA LEU B 334 7.02 8.31 46.11
C LEU B 334 5.69 9.04 46.23
N SER B 335 4.58 8.30 46.10
CA SER B 335 3.27 8.95 46.05
C SER B 335 2.91 9.65 47.34
N PRO B 336 2.95 9.00 48.52
CA PRO B 336 2.63 9.75 49.75
C PRO B 336 3.54 10.93 49.99
N LYS B 337 4.83 10.79 49.69
CA LYS B 337 5.78 11.88 49.94
C LYS B 337 5.50 13.06 49.02
N ILE B 338 5.24 12.80 47.74
CA ILE B 338 4.95 13.90 46.82
C ILE B 338 3.60 14.53 47.15
N ALA B 339 2.63 13.74 47.62
CA ALA B 339 1.36 14.30 48.04
C ALA B 339 1.54 15.23 49.25
N TYR B 340 2.37 14.81 50.21
CA TYR B 340 2.66 15.67 51.35
C TYR B 340 3.38 16.94 50.92
N SER B 341 4.36 16.82 50.02
CA SER B 341 5.16 17.96 49.63
C SER B 341 4.39 18.96 48.79
N GLN B 342 3.44 18.48 47.97
CA GLN B 342 2.68 19.39 47.13
C GLN B 342 1.83 20.34 47.97
N LEU B 343 1.21 19.82 49.02
CA LEU B 343 0.35 20.63 49.89
C LEU B 343 1.18 21.66 50.64
N VAL B 355 -6.88 16.14 51.56
CA VAL B 355 -5.81 15.87 50.60
C VAL B 355 -5.87 14.41 50.15
N ASN B 356 -5.38 14.14 48.95
CA ASN B 356 -5.38 12.80 48.39
C ASN B 356 -4.02 12.51 47.77
N SER B 357 -3.67 11.23 47.72
CA SER B 357 -2.40 10.83 47.15
C SER B 357 -2.41 11.00 45.64
N ILE B 358 -1.22 11.17 45.08
CA ILE B 358 -1.07 11.32 43.62
C ILE B 358 -1.37 9.98 42.96
N PRO B 359 -2.18 9.94 41.90
CA PRO B 359 -2.47 8.66 41.24
C PRO B 359 -1.20 8.06 40.66
N CYS B 360 -1.18 6.73 40.63
CA CYS B 360 0.00 5.97 40.22
C CYS B 360 -0.40 5.01 39.12
N LEU B 361 -0.13 5.36 37.87
CA LEU B 361 -0.44 4.46 36.76
C LEU B 361 0.75 3.54 36.55
N ILE B 362 0.63 2.30 36.98
CA ILE B 362 1.69 1.31 36.83
C ILE B 362 1.39 0.46 35.61
N LEU B 363 2.39 0.29 34.75
CA LEU B 363 2.21 -0.27 33.42
C LEU B 363 3.10 -1.49 33.30
N ASN B 364 2.49 -2.67 33.24
CA ASN B 364 3.22 -3.93 33.16
C ASN B 364 3.69 -4.12 31.73
N GLY B 365 5.00 -3.96 31.51
CA GLY B 365 5.54 -4.11 30.18
C GLY B 365 5.92 -5.52 29.80
N TYR B 366 6.09 -6.41 30.79
CA TYR B 366 6.36 -7.80 30.47
C TYR B 366 5.18 -8.51 29.85
N ASN B 367 3.99 -7.91 29.91
CA ASN B 367 2.82 -8.49 29.28
C ASN B 367 2.84 -8.19 27.79
N PRO B 368 2.87 -9.21 26.92
CA PRO B 368 2.81 -8.96 25.47
C PRO B 368 1.47 -8.45 25.01
N SER B 369 0.46 -8.41 25.87
CA SER B 369 -0.87 -7.92 25.52
C SER B 369 -1.05 -6.45 25.83
N CYS B 370 0.01 -5.77 26.28
CA CYS B 370 -0.09 -4.33 26.54
C CYS B 370 -0.23 -3.58 25.22
N ASN B 371 -1.24 -2.71 25.15
CA ASN B 371 -1.54 -1.96 23.94
C ASN B 371 -1.48 -0.47 24.24
N TYR B 372 -0.95 0.29 23.30
CA TYR B 372 -0.75 1.71 23.54
C TYR B 372 -2.06 2.50 23.51
N ARG B 373 -3.04 2.02 22.74
CA ARG B 373 -4.35 2.66 22.72
C ARG B 373 -4.98 2.63 24.11
N ASP B 374 -4.94 1.46 24.76
CA ASP B 374 -5.54 1.34 26.09
C ASP B 374 -4.77 2.15 27.13
N VAL B 375 -3.45 2.20 27.01
CA VAL B 375 -2.64 2.98 27.93
C VAL B 375 -2.98 4.46 27.82
N PHE B 376 -3.10 4.96 26.59
CA PHE B 376 -3.47 6.36 26.45
C PHE B 376 -4.93 6.59 26.84
N LYS B 377 -5.79 5.59 26.67
CA LYS B 377 -7.16 5.73 27.17
C LYS B 377 -7.16 5.91 28.67
N GLU B 378 -6.35 5.13 29.38
CA GLU B 378 -6.23 5.31 30.83
C GLU B 378 -5.65 6.67 31.18
N ILE B 379 -4.62 7.10 30.45
CA ILE B 379 -3.97 8.36 30.78
C ILE B 379 -4.91 9.54 30.55
N THR B 380 -5.77 9.46 29.52
CA THR B 380 -6.72 10.52 29.27
C THR B 380 -7.98 10.40 30.11
N ASP B 381 -8.25 9.22 30.67
CA ASP B 381 -9.31 9.08 31.65
C ASP B 381 -8.89 9.65 33.00
N LEU B 382 -7.60 9.55 33.33
CA LEU B 382 -7.13 10.00 34.63
C LEU B 382 -6.75 11.48 34.60
N LEU B 383 -5.81 11.84 33.72
CA LEU B 383 -5.36 13.23 33.64
C LEU B 383 -6.45 14.14 33.08
N VAL B 384 -7.30 13.61 32.20
CA VAL B 384 -8.40 14.34 31.56
C VAL B 384 -7.86 15.61 30.91
N PRO B 385 -7.16 15.51 29.79
CA PRO B 385 -6.73 16.71 29.07
C PRO B 385 -7.84 17.25 28.18
N ALA B 386 -7.63 18.46 27.70
CA ALA B 386 -8.59 19.09 26.80
C ALA B 386 -8.62 18.35 25.47
N GLU B 387 -9.78 18.40 24.81
CA GLU B 387 -9.90 17.80 23.49
C GLU B 387 -9.22 18.66 22.44
N LEU B 388 -8.83 18.03 21.33
CA LEU B 388 -8.18 18.72 20.24
C LEU B 388 -9.22 19.20 19.23
N THR B 389 -9.06 20.43 18.79
CA THR B 389 -10.00 21.03 17.84
C THR B 389 -9.93 20.30 16.50
N ARG B 390 -10.91 20.57 15.65
CA ARG B 390 -10.98 19.90 14.35
C ARG B 390 -9.76 20.23 13.49
N SER B 391 -9.32 21.50 13.50
CA SER B 391 -8.16 21.88 12.73
C SER B 391 -6.91 21.16 13.22
N GLU B 392 -6.77 21.00 14.54
CA GLU B 392 -5.60 20.33 15.10
C GLU B 392 -5.57 18.84 14.80
N THR B 393 -6.69 18.25 14.36
CA THR B 393 -6.69 16.83 14.04
C THR B 393 -5.84 16.54 12.81
N LYS B 394 -5.70 17.50 11.90
CA LYS B 394 -4.95 17.37 10.66
C LYS B 394 -5.53 16.27 9.78
N TYR B 395 -4.96 16.08 8.59
CA TYR B 395 -5.51 15.14 7.62
C TYR B 395 -5.11 13.74 8.03
N TRP B 396 -6.00 13.05 8.74
CA TRP B 396 -5.87 11.64 9.11
C TRP B 396 -4.70 11.37 10.03
N GLY B 397 -4.12 12.40 10.63
CA GLY B 397 -2.98 12.20 11.50
C GLY B 397 -3.34 11.43 12.76
N ASN B 398 -2.32 10.80 13.33
CA ASN B 398 -2.52 10.02 14.55
C ASN B 398 -3.02 10.90 15.67
N HIS B 399 -4.16 10.53 16.25
CA HIS B 399 -4.77 11.36 17.30
C HIS B 399 -4.00 11.27 18.61
N VAL B 400 -3.37 10.13 18.89
CA VAL B 400 -2.65 9.98 20.15
C VAL B 400 -1.47 10.95 20.22
N ILE B 401 -0.64 10.97 19.17
CA ILE B 401 0.55 11.81 19.18
C ILE B 401 0.17 13.28 19.14
N LEU B 402 -0.84 13.63 18.34
CA LEU B 402 -1.28 15.02 18.29
C LEU B 402 -1.85 15.48 19.62
N GLN B 403 -2.63 14.61 20.28
CA GLN B 403 -3.14 14.94 21.60
C GLN B 403 -2.01 15.11 22.60
N ILE B 404 -0.96 14.28 22.50
CA ILE B 404 0.17 14.41 23.41
C ILE B 404 0.91 15.72 23.17
N GLN B 405 1.09 16.10 21.91
CA GLN B 405 1.76 17.37 21.63
C GLN B 405 0.93 18.55 22.13
N LYS B 406 -0.39 18.47 21.97
CA LYS B 406 -1.25 19.51 22.53
C LYS B 406 -1.14 19.53 24.05
N MET B 407 -1.04 18.36 24.68
CA MET B 407 -0.85 18.29 26.12
C MET B 407 0.46 18.95 26.53
N ILE B 408 1.53 18.74 25.75
CA ILE B 408 2.80 19.40 26.03
C ILE B 408 2.64 20.91 25.95
N ASP B 409 1.96 21.39 24.90
CA ASP B 409 1.75 22.82 24.76
C ASP B 409 0.95 23.39 25.93
N PHE B 410 -0.07 22.65 26.39
CA PHE B 410 -0.87 23.12 27.51
C PHE B 410 -0.08 23.09 28.82
N TYR B 411 0.72 22.05 29.03
CA TYR B 411 1.44 21.88 30.28
C TYR B 411 2.74 22.66 30.34
N LYS B 412 3.13 23.32 29.25
CA LYS B 412 4.29 24.20 29.33
C LYS B 412 4.03 25.45 30.17
N ASN B 413 2.78 25.71 30.54
CA ASN B 413 2.44 26.89 31.33
C ASN B 413 1.85 26.57 32.70
N GLN B 414 1.38 25.35 32.93
CA GLN B 414 0.84 24.99 34.24
C GLN B 414 1.95 24.97 35.29
N PRO B 415 1.59 25.12 36.57
CA PRO B 415 2.60 25.02 37.63
C PRO B 415 3.25 23.65 37.63
N LEU B 416 4.52 23.63 38.04
CA LEU B 416 5.35 22.42 37.95
C LEU B 416 5.18 21.55 39.20
N ASP B 417 3.99 20.97 39.31
CA ASP B 417 3.68 20.01 40.37
C ASP B 417 3.18 18.73 39.74
N ILE B 418 3.73 17.59 40.19
CA ILE B 418 3.41 16.31 39.57
C ILE B 418 1.97 15.93 39.87
N LYS B 419 1.24 15.55 38.82
CA LYS B 419 -0.14 15.10 38.96
C LYS B 419 -0.34 13.63 38.63
N LEU B 420 0.73 12.93 38.24
CA LEU B 420 0.67 11.51 37.93
C LEU B 420 2.10 10.97 37.86
N ILE B 421 2.28 9.74 38.31
CA ILE B 421 3.53 9.02 38.07
C ILE B 421 3.21 7.78 37.26
N LEU B 422 3.90 7.63 36.13
CA LEU B 422 3.65 6.57 35.17
C LEU B 422 4.79 5.56 35.30
N VAL B 423 4.58 4.60 36.19
CA VAL B 423 5.52 3.49 36.34
C VAL B 423 5.49 2.65 35.08
N VAL B 424 6.65 2.28 34.57
CA VAL B 424 6.78 1.48 33.36
C VAL B 424 7.67 0.29 33.70
N HIS B 425 7.06 -0.83 34.10
CA HIS B 425 7.84 -2.03 34.35
C HIS B 425 8.28 -2.63 33.03
N ASN B 426 9.55 -3.06 32.98
CA ASN B 426 10.10 -3.73 31.81
C ASN B 426 9.88 -2.92 30.54
N LEU B 427 10.52 -1.75 30.50
CA LEU B 427 10.36 -0.82 29.38
C LEU B 427 10.82 -1.43 28.06
N ASP B 428 11.62 -2.49 28.09
CA ASP B 428 12.15 -3.12 26.90
C ASP B 428 11.56 -4.52 26.68
N GLY B 429 10.26 -4.66 26.97
CA GLY B 429 9.57 -5.92 26.82
C GLY B 429 9.10 -6.18 25.41
N PRO B 430 8.27 -7.21 25.22
CA PRO B 430 7.90 -7.63 23.87
C PRO B 430 7.01 -6.66 23.11
N SER B 431 5.93 -6.21 23.73
CA SER B 431 4.98 -5.32 23.06
C SER B 431 5.17 -3.86 23.44
N ILE B 432 6.17 -3.56 24.25
CA ILE B 432 6.44 -2.20 24.72
C ILE B 432 7.69 -1.62 24.10
N ARG B 433 8.46 -2.43 23.35
CA ARG B 433 9.67 -1.97 22.69
C ARG B 433 9.41 -1.47 21.28
N LYS B 434 8.22 -1.68 20.73
CA LYS B 434 7.93 -1.26 19.37
C LYS B 434 7.94 0.27 19.26
N ASN B 435 8.28 0.75 18.07
CA ASN B 435 8.59 2.17 17.91
C ASN B 435 7.39 3.07 18.22
N THR B 436 6.17 2.58 18.00
CA THR B 436 5.00 3.44 18.20
C THR B 436 4.82 3.79 19.68
N PHE B 437 4.82 2.77 20.55
CA PHE B 437 4.60 3.05 21.96
C PHE B 437 5.79 3.77 22.55
N GLN B 438 7.01 3.49 22.06
CA GLN B 438 8.18 4.23 22.50
C GLN B 438 8.09 5.70 22.12
N THR B 439 7.60 5.99 20.91
CA THR B 439 7.41 7.39 20.53
C THR B 439 6.36 8.06 21.42
N MET B 440 5.27 7.34 21.72
CA MET B 440 4.28 7.88 22.64
C MET B 440 4.90 8.22 23.98
N LEU B 441 5.67 7.29 24.55
CA LEU B 441 6.29 7.56 25.85
C LEU B 441 7.30 8.68 25.75
N SER B 442 8.01 8.77 24.63
CA SER B 442 9.00 9.83 24.44
C SER B 442 8.33 11.19 24.46
N PHE B 443 7.22 11.34 23.76
CA PHE B 443 6.52 12.61 23.79
C PHE B 443 5.82 12.84 25.12
N LEU B 444 5.39 11.78 25.79
CA LEU B 444 4.67 11.90 27.05
C LEU B 444 5.59 12.33 28.18
N SER B 445 6.86 11.90 28.15
CA SER B 445 7.78 12.17 29.25
C SER B 445 8.23 13.61 29.30
N VAL B 446 8.11 14.36 28.19
CA VAL B 446 8.50 15.77 28.20
C VAL B 446 7.61 16.56 29.15
N ILE B 447 6.37 16.12 29.34
CA ILE B 447 5.46 16.77 30.27
C ILE B 447 6.06 16.70 31.66
N ARG B 448 6.33 17.87 32.25
CA ARG B 448 6.92 17.91 33.58
C ARG B 448 5.95 17.39 34.64
N GLN B 449 4.65 17.58 34.43
CA GLN B 449 3.65 17.25 35.44
C GLN B 449 3.47 15.75 35.65
N ILE B 450 4.05 14.91 34.80
CA ILE B 450 4.02 13.47 35.03
C ILE B 450 5.45 12.97 35.19
N ALA B 451 5.61 11.92 35.98
CA ALA B 451 6.91 11.35 36.29
C ALA B 451 7.03 9.97 35.65
N ILE B 452 8.09 9.75 34.89
CA ILE B 452 8.30 8.52 34.15
C ILE B 452 9.43 7.77 34.83
N VAL B 453 9.08 6.78 35.66
CA VAL B 453 10.05 5.85 36.22
C VAL B 453 9.89 4.52 35.49
N ALA B 454 10.99 4.00 34.97
CA ALA B 454 10.95 2.82 34.12
C ALA B 454 12.05 1.85 34.54
N SER B 455 11.96 0.64 34.02
CA SER B 455 12.96 -0.40 34.29
C SER B 455 13.28 -1.13 33.00
N THR B 456 14.55 -1.48 32.83
CA THR B 456 15.01 -2.18 31.64
C THR B 456 15.74 -3.45 32.03
N ASP B 457 15.71 -4.45 31.14
CA ASP B 457 16.38 -5.72 31.38
C ASP B 457 17.32 -6.14 30.25
N HIS B 458 16.96 -5.86 29.00
CA HIS B 458 17.78 -6.30 27.88
C HIS B 458 19.12 -5.59 27.87
N ILE B 459 20.14 -6.28 27.34
CA ILE B 459 21.46 -5.70 27.27
C ILE B 459 21.50 -4.59 26.22
N TYR B 460 20.89 -4.81 25.06
CA TYR B 460 20.84 -3.82 24.00
C TYR B 460 19.62 -2.91 24.09
N ALA B 461 19.05 -2.74 25.28
CA ALA B 461 17.91 -1.85 25.45
C ALA B 461 18.18 -0.44 24.96
N PRO B 462 19.32 0.20 25.26
CA PRO B 462 19.54 1.57 24.76
C PRO B 462 19.54 1.69 23.24
N LEU B 463 19.56 0.56 22.52
CA LEU B 463 19.42 0.62 21.06
C LEU B 463 18.06 1.14 20.64
N LEU B 464 17.08 1.13 21.53
CA LEU B 464 15.71 1.49 21.18
C LEU B 464 15.51 2.99 21.04
N TRP B 465 16.45 3.81 21.53
CA TRP B 465 16.25 5.24 21.65
C TRP B 465 17.21 5.99 20.74
N ASP B 466 16.68 6.85 19.89
CA ASP B 466 17.49 7.68 19.00
C ASP B 466 18.02 8.87 19.78
N ASN B 467 18.56 9.87 19.08
CA ASN B 467 18.96 11.11 19.76
C ASN B 467 17.73 11.84 20.28
N MET B 468 16.70 11.99 19.44
CA MET B 468 15.51 12.71 19.84
C MET B 468 14.78 12.01 20.98
N LYS B 469 14.65 10.68 20.89
CA LYS B 469 13.94 9.95 21.94
C LYS B 469 14.72 9.97 23.25
N ALA B 470 16.06 9.89 23.18
CA ALA B 470 16.86 10.00 24.39
C ALA B 470 16.73 11.38 25.00
N GLN B 471 16.67 12.43 24.17
CA GLN B 471 16.48 13.77 24.70
C GLN B 471 15.13 13.92 25.37
N ASN B 472 14.07 13.41 24.73
CA ASN B 472 12.73 13.57 25.29
C ASN B 472 12.55 12.77 26.57
N TYR B 473 13.04 11.53 26.59
CA TYR B 473 13.11 10.77 27.84
C TYR B 473 13.89 11.54 28.90
N ASN B 474 15.05 12.07 28.54
CA ASN B 474 15.90 12.80 29.48
C ASN B 474 16.27 11.90 30.66
N PHE B 475 16.72 10.69 30.35
CA PHE B 475 16.92 9.67 31.38
C PHE B 475 18.06 10.04 32.33
N VAL B 476 18.00 9.44 33.52
CA VAL B 476 19.09 9.44 34.47
C VAL B 476 19.23 7.98 34.93
N PHE B 477 20.15 7.25 34.30
CA PHE B 477 20.25 5.82 34.55
C PHE B 477 20.71 5.55 35.98
N HIS B 478 20.10 4.54 36.60
CA HIS B 478 20.44 4.12 37.94
C HIS B 478 20.57 2.61 38.00
N ASP B 479 21.60 2.13 38.66
CA ASP B 479 21.90 0.70 38.70
C ASP B 479 21.23 0.06 39.90
N ILE B 480 20.36 -0.92 39.64
CA ILE B 480 19.74 -1.74 40.67
C ILE B 480 19.95 -3.20 40.28
N SER B 481 20.65 -3.95 41.13
CA SER B 481 20.95 -5.35 40.86
C SER B 481 20.81 -6.12 42.17
N ASN B 482 19.76 -6.94 42.28
CA ASN B 482 19.51 -7.70 43.49
C ASN B 482 19.25 -9.18 43.22
N PHE B 483 19.41 -9.63 41.98
CA PHE B 483 19.33 -11.06 41.63
C PHE B 483 18.01 -11.68 42.01
N GLU B 484 16.92 -10.91 41.97
CA GLU B 484 15.61 -11.46 42.26
C GLU B 484 15.18 -12.41 41.15
N PRO B 485 14.40 -13.44 41.48
CA PRO B 485 14.17 -14.53 40.52
C PRO B 485 13.12 -14.23 39.45
N SER B 486 12.41 -13.10 39.55
CA SER B 486 11.43 -12.70 38.54
C SER B 486 10.34 -13.75 38.35
N THR B 487 9.62 -14.01 39.44
CA THR B 487 8.50 -14.95 39.37
C THR B 487 7.39 -14.42 38.49
N VAL B 488 7.07 -13.13 38.60
CA VAL B 488 5.97 -12.55 37.85
C VAL B 488 6.29 -12.46 36.37
N GLU B 489 7.52 -12.11 36.03
CA GLU B 489 7.90 -11.94 34.63
C GLU B 489 7.77 -13.26 33.86
N SER B 490 8.22 -14.36 34.46
CA SER B 490 8.18 -15.65 33.78
C SER B 490 6.78 -16.22 33.67
N THR B 491 5.80 -15.62 34.34
CA THR B 491 4.45 -16.19 34.35
C THR B 491 3.82 -16.17 32.96
N PHE B 492 4.05 -15.10 32.20
CA PHE B 492 3.33 -14.89 30.95
C PHE B 492 3.85 -15.75 29.80
N GLN B 493 4.90 -16.53 30.02
CA GLN B 493 5.47 -17.36 28.96
C GLN B 493 5.80 -18.73 29.52
N ASP B 494 5.78 -19.73 28.65
CA ASP B 494 6.02 -21.11 29.05
C ASP B 494 7.49 -21.31 29.43
N VAL B 495 7.73 -22.28 30.29
CA VAL B 495 9.07 -22.63 30.72
C VAL B 495 9.46 -24.06 30.36
N MET B 496 8.50 -24.96 30.15
CA MET B 496 8.83 -26.33 29.75
C MET B 496 9.52 -26.34 28.40
N LYS B 497 9.04 -25.54 27.46
CA LYS B 497 9.69 -25.37 26.16
C LYS B 497 10.73 -24.26 26.17
N MET B 498 11.16 -23.82 27.35
CA MET B 498 12.18 -22.80 27.58
C MET B 498 11.76 -21.43 27.06
N GLY B 499 10.54 -21.29 26.52
CA GLY B 499 10.09 -20.04 25.98
C GLY B 499 10.57 -19.75 24.57
N LYS B 500 11.22 -20.70 23.91
CA LYS B 500 11.74 -20.48 22.56
C LYS B 500 10.63 -20.35 21.53
N SER B 501 9.42 -20.83 21.83
CA SER B 501 8.31 -20.80 20.89
C SER B 501 7.15 -20.03 21.49
N ASP B 502 6.50 -19.20 20.65
CA ASP B 502 5.33 -18.42 21.05
C ASP B 502 5.63 -17.56 22.28
N THR B 503 6.82 -16.95 22.29
CA THR B 503 7.22 -16.11 23.42
C THR B 503 6.30 -14.89 23.55
N SER B 504 5.96 -14.27 22.43
CA SER B 504 5.11 -13.09 22.41
C SER B 504 3.64 -13.41 22.14
N SER B 505 3.28 -14.69 22.17
CA SER B 505 1.90 -15.07 21.91
C SER B 505 0.95 -14.52 22.97
N GLY B 506 1.35 -14.60 24.24
CA GLY B 506 0.48 -14.19 25.33
C GLY B 506 -0.54 -15.22 25.75
N ALA B 507 -0.53 -16.42 25.15
CA ALA B 507 -1.50 -17.44 25.52
C ALA B 507 -1.18 -18.07 26.86
N GLU B 508 0.09 -18.11 27.24
CA GLU B 508 0.46 -18.70 28.53
C GLU B 508 -0.09 -17.88 29.69
N GLY B 509 -0.04 -16.55 29.57
CA GLY B 509 -0.67 -15.70 30.58
C GLY B 509 -2.17 -15.92 30.67
N ALA B 510 -2.81 -16.11 29.52
CA ALA B 510 -4.23 -16.41 29.51
C ALA B 510 -4.52 -17.73 30.21
N LYS B 511 -3.69 -18.75 29.96
CA LYS B 511 -3.86 -20.03 30.63
C LYS B 511 -3.69 -19.88 32.14
N TYR B 512 -2.67 -19.12 32.56
CA TYR B 512 -2.43 -18.92 33.98
C TYR B 512 -3.60 -18.21 34.65
N VAL B 513 -4.12 -17.16 34.02
CA VAL B 513 -5.22 -16.40 34.63
C VAL B 513 -6.51 -17.21 34.61
N LEU B 514 -6.71 -18.06 33.60
CA LEU B 514 -7.93 -18.84 33.48
C LEU B 514 -7.89 -20.14 34.29
N GLN B 515 -6.71 -20.54 34.76
CA GLN B 515 -6.60 -21.80 35.51
C GLN B 515 -7.58 -21.84 36.68
N SER B 516 -7.58 -20.78 37.51
CA SER B 516 -8.52 -20.67 38.63
C SER B 516 -9.15 -19.28 38.59
N LEU B 517 -10.21 -19.15 37.79
CA LEU B 517 -10.95 -17.88 37.73
C LEU B 517 -12.39 -18.03 38.20
N THR B 518 -13.17 -18.89 37.55
CA THR B 518 -14.56 -19.17 37.90
C THR B 518 -15.04 -20.31 37.01
N VAL B 519 -15.90 -21.17 37.56
CA VAL B 519 -16.40 -22.31 36.80
C VAL B 519 -17.30 -21.85 35.65
N ASN B 520 -18.19 -20.90 35.91
CA ASN B 520 -19.11 -20.44 34.87
C ASN B 520 -18.36 -19.64 33.81
N SER B 521 -17.40 -18.81 34.23
CA SER B 521 -16.59 -18.08 33.27
C SER B 521 -15.78 -19.05 32.40
N LYS B 522 -15.23 -20.10 33.01
CA LYS B 522 -14.51 -21.11 32.23
C LYS B 522 -15.45 -21.81 31.25
N LYS B 523 -16.67 -22.12 31.68
CA LYS B 523 -17.61 -22.80 30.79
C LYS B 523 -17.98 -21.93 29.60
N MET B 524 -18.30 -20.65 29.84
CA MET B 524 -18.66 -19.78 28.73
C MET B 524 -17.46 -19.51 27.83
N TYR B 525 -16.26 -19.41 28.41
CA TYR B 525 -15.06 -19.27 27.59
C TYR B 525 -14.86 -20.49 26.71
N LYS B 526 -15.14 -21.69 27.26
CA LYS B 526 -15.07 -22.90 26.44
C LYS B 526 -16.08 -22.85 25.30
N LEU B 527 -17.29 -22.39 25.57
CA LEU B 527 -18.29 -22.26 24.51
C LEU B 527 -17.82 -21.30 23.43
N LEU B 528 -17.28 -20.14 23.84
CA LEU B 528 -16.79 -19.17 22.87
C LEU B 528 -15.63 -19.73 22.05
N ILE B 529 -14.70 -20.41 22.72
CA ILE B 529 -13.55 -20.99 22.01
C ILE B 529 -14.03 -22.03 21.00
N GLU B 530 -14.93 -22.91 21.42
CA GLU B 530 -15.42 -23.96 20.53
C GLU B 530 -16.15 -23.37 19.34
N THR B 531 -16.95 -22.33 19.56
CA THR B 531 -17.63 -21.67 18.45
C THR B 531 -16.62 -21.04 17.50
N GLN B 532 -15.55 -20.45 18.04
CA GLN B 532 -14.54 -19.87 17.17
C GLN B 532 -13.81 -20.93 16.35
N MET B 533 -13.52 -22.09 16.95
CA MET B 533 -12.90 -23.17 16.17
C MET B 533 -13.84 -23.67 15.08
N GLN B 534 -15.13 -23.78 15.40
CA GLN B 534 -16.10 -24.18 14.37
C GLN B 534 -16.11 -23.18 13.22
N ASN B 535 -16.09 -21.89 13.54
CA ASN B 535 -16.07 -20.87 12.50
C ASN B 535 -14.77 -20.92 11.68
N MET B 536 -13.64 -21.17 12.34
CA MET B 536 -12.39 -21.32 11.61
C MET B 536 -12.44 -22.50 10.66
N GLY B 537 -12.96 -23.63 11.13
CA GLY B 537 -13.08 -24.80 10.26
C GLY B 537 -13.99 -24.54 9.08
N ASN B 538 -15.10 -23.83 9.31
CA ASN B 538 -15.98 -23.46 8.20
C ASN B 538 -15.26 -22.56 7.21
N LEU B 539 -14.48 -21.61 7.72
CA LEU B 539 -13.73 -20.70 6.85
C LEU B 539 -12.45 -21.35 6.35
N GLY B 544 -4.09 -24.48 7.53
CA GLY B 544 -3.09 -23.49 7.93
C GLY B 544 -3.49 -22.72 9.17
N PRO B 545 -2.55 -22.51 10.08
CA PRO B 545 -2.86 -21.75 11.30
C PRO B 545 -3.04 -20.27 11.00
N LYS B 546 -4.21 -19.75 11.35
CA LYS B 546 -4.56 -18.35 11.13
C LYS B 546 -4.89 -17.71 12.47
N ARG B 547 -4.75 -16.39 12.53
CA ARG B 547 -5.17 -15.66 13.72
C ARG B 547 -6.69 -15.61 13.80
N GLY B 548 -7.20 -15.46 15.03
CA GLY B 548 -8.62 -15.33 15.24
C GLY B 548 -9.11 -13.92 15.02
N THR B 549 -9.25 -13.51 13.77
CA THR B 549 -9.62 -12.14 13.45
C THR B 549 -11.14 -11.96 13.60
N GLN B 550 -11.63 -10.79 13.19
CA GLN B 550 -13.04 -10.46 13.38
C GLN B 550 -13.96 -11.28 12.48
N ARG B 551 -13.51 -11.55 11.25
CA ARG B 551 -14.35 -12.25 10.29
C ARG B 551 -14.73 -13.65 10.77
N THR B 552 -13.97 -14.21 11.71
CA THR B 552 -14.22 -15.55 12.21
C THR B 552 -14.84 -15.55 13.60
N GLY B 553 -14.88 -14.40 14.27
CA GLY B 553 -15.43 -14.31 15.62
C GLY B 553 -16.90 -14.67 15.72
N VAL B 554 -17.45 -14.54 16.93
CA VAL B 554 -18.82 -14.95 17.23
C VAL B 554 -19.66 -13.71 17.50
N GLU B 555 -20.88 -13.71 16.98
CA GLU B 555 -21.79 -12.59 17.18
C GLU B 555 -22.26 -12.52 18.62
N LEU B 556 -22.47 -11.29 19.11
CA LEU B 556 -22.90 -11.11 20.49
C LEU B 556 -24.29 -11.69 20.73
N LYS B 557 -25.22 -11.46 19.79
CA LYS B 557 -26.55 -12.06 19.92
C LYS B 557 -26.49 -13.58 19.85
N LEU B 558 -25.69 -14.10 18.92
CA LEU B 558 -25.50 -15.55 18.83
C LEU B 558 -24.91 -16.11 20.12
N PHE B 559 -23.91 -15.42 20.68
CA PHE B 559 -23.31 -15.88 21.92
C PHE B 559 -24.30 -15.85 23.07
N ASN B 560 -25.13 -14.79 23.15
CA ASN B 560 -26.12 -14.72 24.21
C ASN B 560 -27.14 -15.86 24.08
N HIS B 561 -27.58 -16.14 22.86
CA HIS B 561 -28.52 -17.25 22.66
C HIS B 561 -27.88 -18.58 23.05
N LEU B 562 -26.62 -18.79 22.67
CA LEU B 562 -25.95 -20.04 23.02
C LEU B 562 -25.77 -20.18 24.52
N CYS B 563 -25.41 -19.09 25.21
CA CYS B 563 -25.27 -19.14 26.66
C CYS B 563 -26.61 -19.38 27.34
N ALA B 564 -27.67 -18.75 26.85
CA ALA B 564 -28.99 -18.98 27.42
C ALA B 564 -29.43 -20.42 27.22
N ALA B 565 -29.09 -21.01 26.08
CA ALA B 565 -29.40 -22.41 25.86
C ALA B 565 -28.63 -23.33 26.80
N ASP B 566 -27.54 -22.85 27.40
CA ASP B 566 -26.74 -23.64 28.32
C ASP B 566 -26.78 -23.12 29.75
N PHE B 567 -27.69 -22.19 30.05
CA PHE B 567 -27.88 -21.67 31.41
C PHE B 567 -26.59 -21.11 31.99
N ILE B 568 -25.87 -20.33 31.19
CA ILE B 568 -24.65 -19.70 31.64
C ILE B 568 -24.94 -18.25 32.04
N ALA B 569 -25.39 -17.45 31.08
CA ALA B 569 -25.78 -16.07 31.33
C ALA B 569 -27.21 -15.87 30.84
N SER B 570 -28.08 -15.42 31.75
CA SER B 570 -29.50 -15.32 31.42
C SER B 570 -29.77 -14.23 30.40
N ASN B 571 -29.18 -13.05 30.58
CA ASN B 571 -29.51 -11.89 29.78
C ASN B 571 -28.25 -11.13 29.35
N GLU B 572 -28.47 -10.02 28.65
CA GLU B 572 -27.36 -9.20 28.17
C GLU B 572 -26.53 -8.64 29.32
N ILE B 573 -27.20 -8.20 30.39
CA ILE B 573 -26.52 -7.43 31.43
C ILE B 573 -25.45 -8.28 32.12
N ALA B 574 -25.82 -9.48 32.56
CA ALA B 574 -24.88 -10.35 33.25
C ALA B 574 -23.73 -10.76 32.33
N LEU B 575 -24.04 -11.11 31.08
CA LEU B 575 -23.01 -11.52 30.14
C LEU B 575 -22.01 -10.41 29.89
N ARG B 576 -22.50 -9.20 29.66
CA ARG B 576 -21.61 -8.06 29.43
C ARG B 576 -20.78 -7.75 30.68
N SER B 577 -21.41 -7.82 31.85
CA SER B 577 -20.69 -7.52 33.10
C SER B 577 -19.55 -8.52 33.31
N MET B 578 -19.80 -9.81 33.07
CA MET B 578 -18.76 -10.79 33.29
C MET B 578 -17.78 -10.87 32.13
N LEU B 579 -18.13 -10.35 30.96
CA LEU B 579 -17.22 -10.32 29.82
C LEU B 579 -16.30 -9.11 29.84
N ARG B 580 -16.70 -8.03 30.52
CA ARG B 580 -15.81 -6.88 30.67
C ARG B 580 -14.50 -7.27 31.34
N GLU B 581 -14.55 -8.25 32.26
CA GLU B 581 -13.34 -8.71 32.92
C GLU B 581 -12.38 -9.35 31.92
N PHE B 582 -12.90 -10.19 31.02
CA PHE B 582 -12.05 -10.79 29.99
C PHE B 582 -11.53 -9.73 29.03
N ILE B 583 -12.39 -8.76 28.67
CA ILE B 583 -11.96 -7.71 27.74
C ILE B 583 -10.82 -6.90 28.33
N GLU B 584 -10.92 -6.54 29.62
CA GLU B 584 -9.87 -5.74 30.25
C GLU B 584 -8.55 -6.48 30.35
N HIS B 585 -8.56 -7.81 30.36
CA HIS B 585 -7.33 -8.60 30.43
C HIS B 585 -6.92 -9.16 29.07
N LYS B 586 -7.60 -8.73 28.00
CA LYS B 586 -7.21 -9.04 26.62
C LYS B 586 -7.25 -10.53 26.30
N MET B 587 -8.05 -11.30 27.04
CA MET B 587 -8.33 -12.67 26.61
C MET B 587 -9.35 -12.72 25.48
N ALA B 588 -10.09 -11.64 25.27
CA ALA B 588 -11.07 -11.56 24.19
C ALA B 588 -11.23 -10.10 23.81
N ASN B 589 -11.78 -9.87 22.63
CA ASN B 589 -12.03 -8.53 22.11
C ASN B 589 -13.43 -8.46 21.54
N ILE B 590 -14.05 -7.28 21.67
CA ILE B 590 -15.38 -7.02 21.14
C ILE B 590 -15.29 -5.83 20.19
N THR B 591 -15.78 -6.00 18.97
CA THR B 591 -15.81 -4.94 17.98
C THR B 591 -17.17 -4.98 17.28
N LYS B 592 -17.32 -4.14 16.26
CA LYS B 592 -18.53 -4.07 15.47
C LYS B 592 -18.18 -4.28 14.01
N ASN B 593 -18.94 -5.14 13.34
CA ASN B 593 -18.69 -5.44 11.94
C ASN B 593 -19.07 -4.24 11.07
N ASN B 594 -18.79 -4.35 9.77
CA ASN B 594 -19.13 -3.28 8.84
C ASN B 594 -20.63 -3.07 8.76
N SER B 595 -21.42 -4.14 8.89
CA SER B 595 -22.86 -4.03 8.86
C SER B 595 -23.45 -3.56 10.19
N GLY B 596 -22.64 -3.45 11.23
CA GLY B 596 -23.10 -3.04 12.55
C GLY B 596 -23.31 -4.17 13.53
N MET B 597 -23.13 -5.42 13.12
CA MET B 597 -23.31 -6.54 14.03
C MET B 597 -22.13 -6.63 14.98
N GLU B 598 -22.42 -6.80 16.26
CA GLU B 598 -21.37 -6.96 17.27
C GLU B 598 -20.68 -8.29 17.10
N ILE B 599 -19.36 -8.30 17.34
CA ILE B 599 -18.56 -9.51 17.19
C ILE B 599 -17.62 -9.62 18.39
N ILE B 600 -17.57 -10.80 18.98
CA ILE B 600 -16.62 -11.12 20.05
C ILE B 600 -15.70 -12.22 19.53
N TRP B 601 -14.39 -12.04 19.75
CA TRP B 601 -13.42 -12.96 19.18
C TRP B 601 -12.21 -13.06 20.09
N VAL B 602 -11.46 -14.14 19.92
CA VAL B 602 -10.24 -14.41 20.67
C VAL B 602 -9.06 -14.23 19.73
N PRO B 603 -8.08 -13.39 20.07
CA PRO B 603 -7.00 -13.08 19.12
C PRO B 603 -5.89 -14.12 19.09
N TYR B 604 -6.12 -15.31 19.62
CA TYR B 604 -5.10 -16.33 19.70
C TYR B 604 -5.11 -17.22 18.46
N THR B 605 -3.95 -17.78 18.15
CA THR B 605 -3.79 -18.66 17.00
C THR B 605 -4.57 -19.95 17.20
N TYR B 606 -5.07 -20.51 16.08
CA TYR B 606 -5.90 -21.71 16.16
C TYR B 606 -5.20 -22.85 16.87
N ALA B 607 -3.90 -23.04 16.60
CA ALA B 607 -3.14 -24.04 17.33
C ALA B 607 -3.07 -23.71 18.82
N GLU B 608 -2.83 -22.44 19.14
CA GLU B 608 -2.82 -22.02 20.54
C GLU B 608 -4.19 -22.21 21.17
N LEU B 609 -5.26 -21.90 20.42
CA LEU B 609 -6.61 -22.09 20.95
C LEU B 609 -6.88 -23.57 21.23
N GLU B 610 -6.48 -24.45 20.31
CA GLU B 610 -6.68 -25.87 20.53
C GLU B 610 -5.88 -26.37 21.73
N LYS B 611 -4.64 -25.90 21.88
CA LYS B 611 -3.85 -26.27 23.05
C LYS B 611 -4.51 -25.81 24.33
N LEU B 612 -5.01 -24.57 24.34
CA LEU B 612 -5.70 -24.05 25.53
C LEU B 612 -6.94 -24.86 25.84
N LEU B 613 -7.68 -25.27 24.80
CA LEU B 613 -8.88 -26.07 25.02
C LEU B 613 -8.52 -27.45 25.58
N LYS B 614 -7.45 -28.06 25.07
CA LYS B 614 -7.14 -29.44 25.44
C LYS B 614 -6.28 -29.55 26.69
N THR B 615 -5.74 -28.44 27.21
CA THR B 615 -4.89 -28.55 28.39
C THR B 615 -5.56 -28.09 29.68
N VAL B 616 -6.46 -27.11 29.64
CA VAL B 616 -7.10 -26.63 30.84
C VAL B 616 -8.61 -26.68 30.72
N LEU B 617 -9.15 -26.27 29.57
CA LEU B 617 -10.60 -26.25 29.39
C LEU B 617 -11.18 -27.66 29.44
N ASN B 618 -10.53 -28.62 28.78
CA ASN B 618 -11.11 -29.95 28.64
C ASN B 618 -11.13 -30.75 29.93
N THR B 619 -10.35 -30.34 30.93
CA THR B 619 -10.33 -31.08 32.19
C THR B 619 -11.49 -30.71 33.12
N LEU B 620 -12.28 -29.69 32.76
CA LEU B 620 -13.43 -29.26 33.55
C LEU B 620 -13.04 -28.81 34.95
N PHE C 15 -9.08 -11.07 41.09
CA PHE C 15 -8.05 -11.12 40.05
C PHE C 15 -6.67 -10.86 40.63
N ALA C 16 -5.65 -11.08 39.80
CA ALA C 16 -4.26 -10.80 40.16
C ALA C 16 -3.85 -9.53 39.44
N ASP C 17 -3.54 -8.49 40.21
CA ASP C 17 -3.16 -7.21 39.62
C ASP C 17 -1.85 -7.31 38.84
N ALA C 18 -0.95 -8.18 39.28
CA ALA C 18 0.30 -8.37 38.55
C ALA C 18 0.07 -8.95 37.16
N GLN C 19 -1.02 -9.69 36.98
CA GLN C 19 -1.36 -10.23 35.68
C GLN C 19 -2.05 -9.22 34.78
N ARG C 20 -2.38 -8.04 35.29
CA ARG C 20 -3.07 -7.03 34.52
C ARG C 20 -2.06 -6.24 33.69
N SER C 21 -2.51 -5.13 33.11
CA SER C 21 -1.65 -4.20 32.41
C SER C 21 -2.21 -2.80 32.55
N HIS C 22 -1.33 -1.82 32.77
CA HIS C 22 -1.67 -0.40 32.77
C HIS C 22 -2.86 -0.09 33.69
N TYR C 23 -2.84 -0.68 34.88
CA TYR C 23 -3.92 -0.50 35.84
C TYR C 23 -3.52 0.56 36.86
N THR C 24 -4.33 1.61 36.97
CA THR C 24 -4.05 2.68 37.91
C THR C 24 -4.23 2.19 39.35
N VAL C 25 -3.48 2.80 40.26
CA VAL C 25 -3.56 2.49 41.68
C VAL C 25 -3.57 3.79 42.46
N TYR C 26 -4.52 3.94 43.37
CA TYR C 26 -4.61 5.13 44.21
C TYR C 26 -4.17 4.75 45.62
N PRO C 27 -2.95 5.08 46.02
CA PRO C 27 -2.49 4.71 47.36
C PRO C 27 -3.21 5.48 48.44
N SER C 28 -3.33 4.85 49.61
CA SER C 28 -3.97 5.46 50.77
C SER C 28 -2.88 6.12 51.61
N LEU C 29 -2.74 7.43 51.45
CA LEU C 29 -1.73 8.15 52.21
C LEU C 29 -2.08 8.16 53.69
N PRO C 30 -1.10 8.03 54.58
CA PRO C 30 -1.38 8.06 56.01
C PRO C 30 -1.85 9.45 56.45
N GLN C 31 -2.69 9.46 57.48
CA GLN C 31 -3.13 10.73 58.06
C GLN C 31 -2.03 11.40 58.87
N SER C 32 -1.01 10.64 59.29
CA SER C 32 0.10 11.22 60.04
C SER C 32 0.93 12.13 59.15
N ASN C 33 1.23 13.32 59.64
CA ASN C 33 2.02 14.29 58.88
C ASN C 33 2.63 15.30 59.84
N LYS C 34 3.61 16.03 59.34
CA LYS C 34 4.32 17.05 60.09
C LYS C 34 4.29 18.37 59.34
N ASN C 35 5.08 19.34 59.81
CA ASN C 35 5.10 20.66 59.20
C ASN C 35 6.04 20.72 58.00
N ASP C 36 7.32 20.40 58.23
CA ASP C 36 8.32 20.52 57.17
C ASP C 36 9.26 19.32 57.18
N LYS C 37 8.71 18.12 57.43
CA LYS C 37 9.49 16.90 57.22
C LYS C 37 9.51 16.48 55.76
N HIS C 38 8.63 17.03 54.93
CA HIS C 38 8.49 16.65 53.53
C HIS C 38 9.49 17.44 52.70
N ILE C 39 10.68 16.89 52.56
CA ILE C 39 11.73 17.53 51.77
C ILE C 39 12.64 16.43 51.22
N PRO C 40 12.98 16.44 49.93
CA PRO C 40 13.88 15.41 49.40
C PRO C 40 15.25 15.43 50.04
N PHE C 41 15.77 16.59 50.42
CA PHE C 41 17.09 16.66 51.03
C PHE C 41 17.08 15.99 52.39
N VAL C 42 18.13 15.21 52.67
CA VAL C 42 18.25 14.47 53.91
C VAL C 42 19.37 15.07 54.74
N LYS C 43 19.27 14.91 56.06
CA LYS C 43 20.28 15.42 56.97
C LYS C 43 21.58 14.63 56.78
N LEU C 44 22.65 15.33 56.39
CA LEU C 44 23.92 14.69 56.16
C LEU C 44 24.68 14.51 57.47
N LEU C 45 25.87 13.94 57.38
CA LEU C 45 26.74 13.65 58.53
C LEU C 45 26.00 12.79 59.55
N SER C 46 25.54 11.63 59.08
CA SER C 46 24.82 10.67 59.92
C SER C 46 23.59 11.28 60.56
N GLY C 47 22.89 12.13 59.80
CA GLY C 47 21.68 12.76 60.30
C GLY C 47 21.90 13.66 61.49
N LYS C 48 22.96 14.47 61.47
CA LYS C 48 23.27 15.37 62.56
C LYS C 48 22.98 16.83 62.26
N GLU C 49 22.94 17.21 61.00
CA GLU C 49 22.70 18.61 60.64
C GLU C 49 21.27 19.02 60.99
N SER C 50 21.11 20.29 61.32
CA SER C 50 19.80 20.83 61.68
C SER C 50 18.93 20.99 60.45
N GLU C 51 17.62 21.13 60.69
CA GLU C 51 16.67 21.28 59.59
C GLU C 51 16.81 22.63 58.90
N VAL C 52 17.24 23.66 59.62
CA VAL C 52 17.37 24.99 59.03
C VAL C 52 18.45 24.98 57.95
N ASN C 53 19.54 24.24 58.18
CA ASN C 53 20.58 24.13 57.15
C ASN C 53 20.05 23.47 55.89
N VAL C 54 19.24 22.42 56.05
CA VAL C 54 18.68 21.73 54.90
C VAL C 54 17.73 22.65 54.14
N GLU C 55 16.89 23.38 54.87
CA GLU C 55 15.95 24.30 54.22
C GLU C 55 16.69 25.40 53.49
N LYS C 56 17.76 25.93 54.08
CA LYS C 56 18.55 26.95 53.41
C LYS C 56 19.22 26.40 52.16
N ARG C 57 19.73 25.17 52.24
CA ARG C 57 20.30 24.52 51.05
C ARG C 57 19.25 24.40 49.95
N TRP C 58 18.04 23.98 50.32
CA TRP C 58 16.97 23.82 49.35
C TRP C 58 16.63 25.14 48.67
N GLU C 59 16.49 26.21 49.46
CA GLU C 59 16.10 27.48 48.87
C GLU C 59 17.22 28.08 48.02
N LEU C 60 18.49 27.93 48.45
CA LEU C 60 19.58 28.44 47.64
C LEU C 60 19.70 27.64 46.34
N TYR C 61 19.50 26.33 46.40
CA TYR C 61 19.51 25.53 45.18
C TYR C 61 18.41 25.98 44.23
N HIS C 62 17.21 26.22 44.75
CA HIS C 62 16.12 26.63 43.88
C HIS C 62 16.38 27.99 43.25
N GLN C 63 16.88 28.95 44.04
CA GLN C 63 17.15 30.28 43.47
C GLN C 63 18.26 30.21 42.43
N LEU C 64 19.30 29.40 42.68
CA LEU C 64 20.40 29.31 41.72
C LEU C 64 19.95 28.60 40.45
N HIS C 65 19.15 27.55 40.59
CA HIS C 65 18.61 26.84 39.44
C HIS C 65 17.74 27.76 38.58
N SER C 66 16.89 28.56 39.24
CA SER C 66 16.07 29.51 38.49
C SER C 66 16.94 30.55 37.79
N HIS C 67 17.97 31.05 38.48
CA HIS C 67 18.85 32.05 37.89
C HIS C 67 19.56 31.50 36.65
N PHE C 68 20.02 30.25 36.72
CA PHE C 68 20.70 29.65 35.58
C PHE C 68 19.72 29.40 34.43
N HIS C 69 18.57 28.79 34.73
CA HIS C 69 17.66 28.40 33.67
C HIS C 69 16.97 29.60 33.02
N ASP C 70 16.84 30.73 33.71
CA ASP C 70 16.30 31.93 33.06
C ASP C 70 17.22 32.35 31.92
N GLN C 71 18.52 32.41 32.18
CA GLN C 71 19.46 32.77 31.13
C GLN C 71 19.52 31.70 30.05
N VAL C 72 19.43 30.43 30.43
CA VAL C 72 19.41 29.37 29.42
C VAL C 72 18.22 29.54 28.49
N ASP C 73 17.04 29.81 29.05
CA ASP C 73 15.85 30.02 28.23
C ASP C 73 15.98 31.25 27.35
N HIS C 74 16.59 32.32 27.88
CA HIS C 74 16.82 33.51 27.06
C HIS C 74 17.72 33.19 25.88
N ILE C 75 18.80 32.43 26.11
CA ILE C 75 19.70 32.06 25.02
C ILE C 75 18.97 31.20 23.99
N ILE C 76 18.17 30.24 24.47
CA ILE C 76 17.46 29.36 23.55
C ILE C 76 16.48 30.16 22.69
N ASP C 77 15.73 31.05 23.32
CA ASP C 77 14.78 31.88 22.59
C ASP C 77 15.50 32.78 21.59
N ASN C 78 16.67 33.31 21.97
CA ASN C 78 17.47 34.09 21.04
C ASN C 78 17.87 33.25 19.82
N ILE C 79 18.27 32.00 20.06
CA ILE C 79 18.64 31.11 18.95
C ILE C 79 17.46 30.91 18.01
N GLU C 80 16.29 30.59 18.57
CA GLU C 80 15.12 30.35 17.74
C GLU C 80 14.75 31.59 16.93
N ALA C 81 14.73 32.76 17.60
CA ALA C 81 14.37 33.98 16.91
C ALA C 81 15.36 34.32 15.81
N ASP C 82 16.66 34.15 16.08
CA ASP C 82 17.67 34.48 15.07
C ASP C 82 17.56 33.57 13.86
N LEU C 83 17.39 32.26 14.09
CA LEU C 83 17.29 31.34 12.96
C LEU C 83 16.03 31.60 12.15
N LYS C 84 14.90 31.87 12.84
CA LYS C 84 13.66 32.16 12.13
C LYS C 84 13.78 33.42 11.30
N ALA C 85 14.37 34.47 11.88
CA ALA C 85 14.54 35.72 11.13
C ALA C 85 15.45 35.53 9.93
N GLU C 86 16.55 34.79 10.11
CA GLU C 86 17.47 34.58 9.00
C GLU C 86 16.81 33.80 7.87
N ILE C 87 16.09 32.73 8.21
CA ILE C 87 15.47 31.92 7.16
C ILE C 87 14.34 32.70 6.48
N SER C 88 13.60 33.51 7.24
CA SER C 88 12.55 34.32 6.62
C SER C 88 13.14 35.37 5.69
N ASP C 89 14.26 35.98 6.08
CA ASP C 89 14.93 36.93 5.19
C ASP C 89 15.43 36.25 3.93
N LEU C 90 16.01 35.06 4.08
CA LEU C 90 16.49 34.34 2.90
C LEU C 90 15.34 33.85 2.03
N LEU C 91 14.16 33.68 2.61
CA LEU C 91 13.01 33.19 1.84
C LEU C 91 12.62 34.16 0.73
N TYR C 92 12.62 35.45 1.01
CA TYR C 92 12.27 36.44 -0.01
C TYR C 92 13.53 37.00 -0.68
N SER C 93 14.39 37.65 0.09
CA SER C 93 15.71 38.11 -0.37
C SER C 93 15.62 39.00 -1.61
N GLU C 94 14.42 39.52 -1.92
CA GLU C 94 14.18 40.33 -3.11
C GLU C 94 14.70 39.62 -4.37
N THR C 95 14.10 38.46 -4.64
CA THR C 95 14.51 37.65 -5.78
C THR C 95 13.89 38.18 -7.07
N THR C 96 14.73 38.53 -8.04
CA THR C 96 14.30 39.06 -9.31
C THR C 96 14.17 37.96 -10.37
N GLN C 97 14.43 36.70 -9.99
CA GLN C 97 14.39 35.60 -10.93
C GLN C 97 12.99 35.44 -11.53
N LYS C 98 12.97 35.06 -12.80
CA LYS C 98 11.70 34.85 -13.51
C LYS C 98 10.90 33.73 -12.85
N ARG C 99 9.57 33.88 -12.87
CA ARG C 99 8.67 32.89 -12.28
C ARG C 99 8.59 31.71 -13.25
N ARG C 100 9.68 30.93 -13.25
CA ARG C 100 9.72 29.66 -13.97
C ARG C 100 10.33 28.55 -13.14
N CYS C 101 10.76 28.83 -11.92
CA CYS C 101 11.28 27.81 -11.03
C CYS C 101 11.01 28.23 -9.59
N PHE C 102 11.05 27.25 -8.70
CA PHE C 102 10.81 27.46 -7.29
C PHE C 102 12.11 27.46 -6.51
N ASN C 103 12.27 28.45 -5.63
CA ASN C 103 13.48 28.55 -4.84
C ASN C 103 13.51 27.52 -3.72
N THR C 104 14.70 26.97 -3.48
CA THR C 104 14.89 25.88 -2.55
C THR C 104 15.88 26.29 -1.47
N ILE C 105 15.60 25.90 -0.23
CA ILE C 105 16.47 26.17 0.91
C ILE C 105 16.79 24.85 1.58
N PHE C 106 18.05 24.45 1.56
CA PHE C 106 18.50 23.24 2.23
C PHE C 106 19.03 23.62 3.59
N LEU C 107 18.28 23.28 4.64
CA LEU C 107 18.71 23.56 6.01
C LEU C 107 19.64 22.44 6.45
N LEU C 108 20.95 22.71 6.42
CA LEU C 108 21.93 21.68 6.71
C LEU C 108 21.90 21.30 8.18
N GLY C 109 21.61 20.04 8.46
CA GLY C 109 21.67 19.53 9.82
C GLY C 109 20.73 20.22 10.79
N SER C 110 19.49 20.46 10.37
CA SER C 110 18.52 21.17 11.18
C SER C 110 17.58 20.17 11.83
N ASP C 111 17.47 20.24 13.16
CA ASP C 111 16.44 19.49 13.85
C ASP C 111 15.07 20.00 13.43
N SER C 112 14.13 19.09 13.24
CA SER C 112 12.82 19.47 12.71
C SER C 112 11.94 20.03 13.82
N THR C 113 12.45 21.01 14.55
CA THR C 113 11.70 21.71 15.60
C THR C 113 11.89 23.21 15.41
N THR C 114 11.05 23.79 14.56
CA THR C 114 11.07 25.23 14.31
C THR C 114 9.73 25.63 13.71
N LYS C 115 9.27 26.83 14.06
CA LYS C 115 8.03 27.38 13.55
C LYS C 115 8.39 28.44 12.51
N ILE C 116 8.58 27.99 11.26
CA ILE C 116 8.90 28.90 10.17
C ILE C 116 7.70 29.82 9.96
N GLU C 117 7.88 31.11 10.25
CA GLU C 117 6.80 32.07 10.15
C GLU C 117 6.84 32.71 8.76
N LEU C 118 5.68 32.76 8.11
CA LEU C 118 5.55 33.37 6.80
C LEU C 118 4.97 34.77 6.94
N LYS C 119 5.66 35.75 6.37
CA LYS C 119 5.21 37.13 6.48
C LYS C 119 3.90 37.33 5.73
N ASP C 120 3.03 38.16 6.31
CA ASP C 120 1.72 38.43 5.75
C ASP C 120 1.85 39.49 4.66
N GLU C 121 1.29 39.20 3.49
CA GLU C 121 1.28 40.12 2.37
C GLU C 121 -0.16 40.45 2.01
N SER C 122 -0.39 41.70 1.62
CA SER C 122 -1.75 42.15 1.31
C SER C 122 -2.34 41.40 0.12
N SER C 123 -1.53 41.18 -0.92
CA SER C 123 -2.04 40.61 -2.16
C SER C 123 -1.76 39.11 -2.31
N ARG C 124 -0.95 38.53 -1.44
CA ARG C 124 -0.60 37.12 -1.56
C ARG C 124 -0.83 36.40 -0.24
N TYR C 125 -1.58 35.29 -0.30
CA TYR C 125 -1.59 34.35 0.80
C TYR C 125 -0.22 33.70 0.91
N ASN C 126 0.18 33.41 2.15
CA ASN C 126 1.45 32.72 2.41
C ASN C 126 1.13 31.49 3.25
N VAL C 127 1.08 30.32 2.61
CA VAL C 127 0.62 29.10 3.25
C VAL C 127 1.82 28.20 3.48
N LEU C 128 2.10 27.89 4.75
CA LEU C 128 3.15 26.96 5.12
C LEU C 128 2.55 25.56 5.18
N ILE C 129 3.00 24.67 4.30
CA ILE C 129 2.52 23.30 4.25
C ILE C 129 3.63 22.40 4.76
N GLU C 130 3.41 21.75 5.89
CA GLU C 130 4.44 20.93 6.53
C GLU C 130 4.15 19.47 6.28
N LEU C 131 5.18 18.73 5.85
CA LEU C 131 5.05 17.32 5.52
C LEU C 131 6.13 16.52 6.24
N THR C 132 5.75 15.35 6.75
CA THR C 132 6.61 14.47 7.52
C THR C 132 6.63 13.09 6.88
N PRO C 133 7.68 12.30 7.12
CA PRO C 133 7.73 10.95 6.53
C PRO C 133 6.59 10.05 6.95
N LYS C 134 6.10 10.19 8.18
CA LYS C 134 4.96 9.39 8.61
C LYS C 134 3.69 9.80 7.88
N GLU C 135 3.55 11.09 7.57
CA GLU C 135 2.38 11.62 6.88
C GLU C 135 2.61 11.79 5.39
N SER C 136 3.38 10.89 4.77
CA SER C 136 3.62 10.93 3.32
C SER C 136 3.95 9.52 2.82
N PRO C 137 2.98 8.60 2.85
CA PRO C 137 3.25 7.27 2.30
C PRO C 137 3.58 7.27 0.82
N ASN C 138 2.95 8.14 0.05
CA ASN C 138 3.09 8.12 -1.41
C ASN C 138 2.67 9.47 -1.97
N VAL C 139 2.76 9.62 -3.28
CA VAL C 139 2.58 10.91 -3.92
C VAL C 139 1.15 11.40 -3.74
N ARG C 140 0.16 10.51 -3.92
CA ARG C 140 -1.23 10.95 -3.87
C ARG C 140 -1.58 11.49 -2.48
N MET C 141 -1.04 10.87 -1.43
CA MET C 141 -1.34 11.36 -0.09
C MET C 141 -0.57 12.63 0.24
N MET C 142 0.67 12.75 -0.25
CA MET C 142 1.37 14.03 -0.19
C MET C 142 0.50 15.14 -0.76
N LEU C 143 -0.03 14.92 -1.97
CA LEU C 143 -0.80 15.96 -2.63
C LEU C 143 -2.11 16.25 -1.91
N ARG C 144 -2.81 15.19 -1.45
CA ARG C 144 -4.07 15.42 -0.76
C ARG C 144 -3.87 16.17 0.54
N ARG C 145 -2.86 15.81 1.32
CA ARG C 145 -2.58 16.53 2.54
C ARG C 145 -2.18 17.98 2.26
N SER C 146 -1.34 18.19 1.25
CA SER C 146 -0.92 19.56 0.92
C SER C 146 -2.10 20.41 0.49
N MET C 147 -2.98 19.88 -0.36
CA MET C 147 -4.13 20.64 -0.82
C MET C 147 -5.12 20.87 0.32
N TYR C 148 -5.29 19.91 1.22
CA TYR C 148 -6.17 20.13 2.36
C TYR C 148 -5.63 21.24 3.25
N LYS C 149 -4.33 21.22 3.54
CA LYS C 149 -3.74 22.27 4.36
C LYS C 149 -3.87 23.63 3.67
N LEU C 150 -3.65 23.67 2.36
CA LEU C 150 -3.80 24.91 1.61
C LEU C 150 -5.22 25.44 1.70
N TYR C 151 -6.20 24.58 1.45
CA TYR C 151 -7.60 25.00 1.50
C TYR C 151 -7.98 25.47 2.88
N SER C 152 -7.57 24.74 3.92
CA SER C 152 -7.95 25.10 5.28
C SER C 152 -7.33 26.44 5.68
N ALA C 153 -6.04 26.62 5.40
CA ALA C 153 -5.39 27.88 5.75
C ALA C 153 -5.97 29.05 4.98
N ALA C 154 -6.22 28.86 3.68
CA ALA C 154 -6.78 29.93 2.87
C ALA C 154 -8.19 30.30 3.35
N ASP C 155 -9.00 29.30 3.71
CA ASP C 155 -10.36 29.59 4.17
C ASP C 155 -10.34 30.25 5.54
N ALA C 156 -9.41 29.85 6.41
CA ALA C 156 -9.30 30.49 7.72
C ALA C 156 -8.88 31.95 7.56
N GLU C 157 -7.93 32.23 6.67
CA GLU C 157 -7.54 33.61 6.44
C GLU C 157 -8.66 34.43 5.80
N GLU C 158 -9.36 33.84 4.83
CA GLU C 158 -10.42 34.52 4.11
C GLU C 158 -11.76 34.50 4.86
N HIS C 159 -11.89 33.63 5.87
CA HIS C 159 -13.14 33.48 6.62
C HIS C 159 -14.31 33.14 5.71
N ASN C 179 -19.72 25.67 -1.10
CA ASN C 179 -19.26 24.63 -2.00
C ASN C 179 -17.92 24.06 -1.54
N ASP C 180 -17.53 22.94 -2.13
CA ASP C 180 -16.25 22.30 -1.83
C ASP C 180 -15.47 22.13 -3.12
N VAL C 181 -14.17 21.87 -2.97
CA VAL C 181 -13.27 21.63 -4.09
C VAL C 181 -12.52 20.34 -3.85
N SER C 182 -12.42 19.50 -4.88
CA SER C 182 -11.70 18.25 -4.75
C SER C 182 -10.22 18.50 -4.48
N TYR C 183 -9.61 17.57 -3.76
CA TYR C 183 -8.23 17.72 -3.32
C TYR C 183 -7.31 17.22 -4.43
N ASP C 184 -6.86 18.15 -5.26
CA ASP C 184 -5.94 17.86 -6.35
C ASP C 184 -5.22 19.16 -6.69
N LEU C 185 -4.30 19.10 -7.65
CA LEU C 185 -3.48 20.26 -7.96
C LEU C 185 -4.29 21.37 -8.62
N SER C 186 -5.47 21.05 -9.18
CA SER C 186 -6.28 22.09 -9.81
C SER C 186 -6.79 23.11 -8.82
N LEU C 187 -6.79 22.79 -7.52
CA LEU C 187 -7.10 23.81 -6.51
C LEU C 187 -6.12 24.97 -6.60
N VAL C 188 -4.86 24.68 -6.93
CA VAL C 188 -3.90 25.74 -7.20
C VAL C 188 -4.25 26.47 -8.47
N GLU C 189 -4.75 25.74 -9.48
CA GLU C 189 -5.14 26.36 -10.74
C GLU C 189 -6.29 27.36 -10.55
N ASN C 190 -7.27 27.00 -9.71
CA ASN C 190 -8.46 27.83 -9.52
C ASN C 190 -8.32 28.82 -8.37
N PHE C 191 -7.15 28.88 -7.73
CA PHE C 191 -7.02 29.69 -6.51
C PHE C 191 -7.29 31.16 -6.77
N LYS C 192 -6.75 31.70 -7.87
CA LYS C 192 -6.96 33.11 -8.18
C LYS C 192 -8.44 33.39 -8.41
N ARG C 193 -9.13 32.48 -9.07
CA ARG C 193 -10.57 32.67 -9.28
C ARG C 193 -11.35 32.48 -7.98
N LEU C 194 -10.98 31.49 -7.17
CA LEU C 194 -11.75 31.20 -5.96
C LEU C 194 -11.63 32.33 -4.94
N PHE C 195 -10.41 32.77 -4.64
CA PHE C 195 -10.20 33.69 -3.52
C PHE C 195 -9.74 35.08 -3.96
N GLY C 196 -9.55 35.31 -5.25
CA GLY C 196 -9.19 36.64 -5.73
C GLY C 196 -7.89 37.17 -5.17
N LYS C 197 -6.90 36.30 -4.99
CA LYS C 197 -5.62 36.71 -4.44
C LYS C 197 -4.54 35.80 -5.01
N ASP C 198 -3.30 36.29 -4.95
CA ASP C 198 -2.17 35.48 -5.36
C ASP C 198 -1.79 34.52 -4.24
N LEU C 199 -1.03 33.49 -4.60
CA LEU C 199 -0.70 32.42 -3.68
C LEU C 199 0.82 32.30 -3.54
N ALA C 200 1.26 31.89 -2.35
CA ALA C 200 2.66 31.54 -2.12
C ALA C 200 2.68 30.38 -1.14
N MET C 201 2.87 29.17 -1.66
CA MET C 201 2.94 27.97 -0.84
C MET C 201 4.39 27.64 -0.55
N VAL C 202 4.70 27.37 0.72
CA VAL C 202 6.04 27.06 1.17
C VAL C 202 6.01 25.66 1.76
N PHE C 203 6.68 24.73 1.12
CA PHE C 203 6.68 23.34 1.55
C PHE C 203 7.84 23.11 2.53
N ASN C 204 7.52 22.69 3.73
CA ASN C 204 8.52 22.38 4.75
C ASN C 204 8.51 20.87 4.94
N PHE C 205 9.51 20.20 4.36
CA PHE C 205 9.69 18.77 4.56
C PHE C 205 10.43 18.58 5.88
N LYS C 206 9.74 17.99 6.86
CA LYS C 206 10.29 17.96 8.22
C LYS C 206 11.53 17.09 8.30
N ASP C 207 11.46 15.87 7.77
CA ASP C 207 12.58 14.93 7.81
C ASP C 207 12.80 14.40 6.39
N VAL C 208 13.59 15.12 5.61
CA VAL C 208 13.77 14.77 4.20
C VAL C 208 14.68 13.56 4.02
N ASP C 209 15.43 13.18 5.06
CA ASP C 209 16.26 11.99 4.95
C ASP C 209 15.43 10.71 5.07
N SER C 210 14.38 10.73 5.91
CA SER C 210 13.61 9.53 6.16
C SER C 210 12.67 9.18 5.02
N ILE C 211 12.13 10.17 4.31
CA ILE C 211 11.23 9.89 3.20
C ILE C 211 11.99 9.16 2.11
N ASN C 212 11.39 8.08 1.60
CA ASN C 212 11.97 7.40 0.44
C ASN C 212 11.94 8.36 -0.75
N PHE C 213 13.11 8.61 -1.33
CA PHE C 213 13.26 9.70 -2.28
C PHE C 213 12.54 9.47 -3.59
N ASN C 214 12.04 8.25 -3.85
CA ASN C 214 11.24 8.04 -5.05
C ASN C 214 9.96 8.87 -5.00
N THR C 215 9.22 8.78 -3.90
CA THR C 215 7.97 9.53 -3.80
C THR C 215 8.23 11.03 -3.64
N LEU C 216 9.32 11.42 -2.99
CA LEU C 216 9.63 12.84 -2.88
C LEU C 216 9.99 13.41 -4.25
N ASP C 217 10.78 12.67 -5.04
CA ASP C 217 11.11 13.12 -6.39
C ASP C 217 9.87 13.20 -7.25
N ASN C 218 8.97 12.21 -7.15
CA ASN C 218 7.74 12.27 -7.92
C ASN C 218 6.88 13.46 -7.51
N PHE C 219 6.85 13.76 -6.21
CA PHE C 219 6.07 14.91 -5.75
C PHE C 219 6.68 16.22 -6.23
N ILE C 220 8.01 16.31 -6.27
CA ILE C 220 8.64 17.51 -6.79
C ILE C 220 8.33 17.69 -8.27
N ILE C 221 8.39 16.59 -9.03
CA ILE C 221 8.06 16.65 -10.46
C ILE C 221 6.60 17.05 -10.64
N LEU C 222 5.72 16.55 -9.77
CA LEU C 222 4.32 16.94 -9.82
C LEU C 222 4.16 18.44 -9.55
N LEU C 223 4.86 18.95 -8.54
CA LEU C 223 4.80 20.38 -8.24
C LEU C 223 5.33 21.22 -9.38
N LYS C 224 6.28 20.67 -10.15
CA LYS C 224 6.80 21.38 -11.31
C LYS C 224 5.69 21.73 -12.29
N SER C 225 4.63 20.93 -12.34
CA SER C 225 3.53 21.18 -13.26
C SER C 225 2.69 22.39 -12.88
N ALA C 226 2.93 22.98 -11.70
CA ALA C 226 2.15 24.12 -11.23
C ALA C 226 2.78 25.47 -11.59
N PHE C 227 3.52 25.54 -12.69
CA PHE C 227 4.16 26.78 -13.11
C PHE C 227 3.58 27.35 -14.39
N LYS C 228 2.43 26.84 -14.83
CA LYS C 228 1.77 27.35 -16.02
C LYS C 228 0.70 28.39 -15.70
N TYR C 229 0.63 28.84 -14.44
CA TYR C 229 -0.47 29.69 -14.01
C TYR C 229 -0.09 31.16 -13.89
N ASP C 230 1.19 31.47 -13.68
CA ASP C 230 1.69 32.84 -13.61
C ASP C 230 1.05 33.64 -12.48
N HIS C 231 0.45 32.96 -11.51
CA HIS C 231 -0.05 33.64 -10.32
C HIS C 231 0.27 32.86 -9.05
N VAL C 232 1.02 31.77 -9.15
CA VAL C 232 1.40 30.95 -8.01
C VAL C 232 2.91 30.81 -7.97
N LYS C 233 3.50 31.04 -6.81
CA LYS C 233 4.93 30.85 -6.60
C LYS C 233 5.12 29.85 -5.48
N ILE C 234 6.08 28.96 -5.68
CA ILE C 234 6.33 27.85 -4.77
C ILE C 234 7.73 28.00 -4.18
N SER C 235 7.88 27.55 -2.94
CA SER C 235 9.17 27.58 -2.26
C SER C 235 9.34 26.26 -1.51
N LEU C 236 10.47 25.61 -1.70
CA LEU C 236 10.74 24.33 -1.07
C LEU C 236 11.81 24.48 0.00
N ILE C 237 11.58 23.83 1.14
CA ILE C 237 12.55 23.81 2.23
C ILE C 237 12.84 22.36 2.57
N PHE C 238 14.10 21.96 2.48
CA PHE C 238 14.53 20.58 2.72
C PHE C 238 15.31 20.58 4.03
N ASN C 239 14.76 19.90 5.04
CA ASN C 239 15.40 19.84 6.36
C ASN C 239 16.39 18.68 6.39
N ILE C 240 17.45 18.83 5.59
CA ILE C 240 18.47 17.79 5.48
C ILE C 240 19.25 17.70 6.79
N ASN C 241 19.65 16.49 7.14
CA ASN C 241 20.39 16.23 8.37
C ASN C 241 21.83 15.81 8.15
N THR C 242 22.11 15.09 7.08
CA THR C 242 23.46 14.55 6.88
C THR C 242 24.33 15.47 6.01
N ASN C 243 23.93 15.65 4.75
CA ASN C 243 24.68 16.45 3.80
C ASN C 243 23.92 16.44 2.48
N LEU C 244 24.40 17.22 1.51
CA LEU C 244 23.83 17.22 0.17
C LEU C 244 24.36 16.08 -0.69
N SER C 245 25.36 15.33 -0.22
CA SER C 245 25.85 14.19 -0.99
C SER C 245 24.77 13.14 -1.16
N ASN C 246 24.03 12.84 -0.09
CA ASN C 246 22.96 11.86 -0.18
C ASN C 246 21.83 12.36 -1.07
N ILE C 247 21.51 13.66 -1.00
CA ILE C 247 20.50 14.22 -1.87
C ILE C 247 20.90 14.09 -3.33
N GLU C 248 22.16 14.40 -3.64
CA GLU C 248 22.64 14.25 -5.01
C GLU C 248 22.60 12.80 -5.45
N LYS C 249 23.00 11.88 -4.57
CA LYS C 249 23.02 10.46 -4.93
C LYS C 249 21.62 9.93 -5.19
N ASN C 250 20.65 10.30 -4.35
CA ASN C 250 19.34 9.64 -4.42
C ASN C 250 18.44 10.27 -5.47
N LEU C 251 18.36 11.61 -5.49
CA LEU C 251 17.45 12.28 -6.41
C LEU C 251 17.89 12.08 -7.86
N ARG C 252 16.90 12.06 -8.76
CA ARG C 252 17.20 11.93 -10.17
C ARG C 252 17.95 13.16 -10.66
N GLN C 253 18.72 12.97 -11.75
CA GLN C 253 19.53 14.05 -12.28
C GLN C 253 18.66 15.20 -12.77
N SER C 254 17.54 14.89 -13.42
CA SER C 254 16.66 15.94 -13.91
C SER C 254 16.08 16.75 -12.76
N THR C 255 15.72 16.08 -11.67
CA THR C 255 15.21 16.80 -10.50
C THR C 255 16.28 17.70 -9.90
N ILE C 256 17.52 17.24 -9.85
CA ILE C 256 18.60 18.08 -9.34
C ILE C 256 18.81 19.28 -10.24
N ARG C 257 18.73 19.07 -11.56
CA ARG C 257 18.85 20.20 -12.49
C ARG C 257 17.73 21.20 -12.27
N LEU C 258 16.51 20.73 -12.06
CA LEU C 258 15.39 21.63 -11.80
C LEU C 258 15.57 22.38 -10.50
N LEU C 259 16.07 21.71 -9.46
CA LEU C 259 16.27 22.38 -8.17
C LEU C 259 17.39 23.41 -8.25
N LYS C 260 18.42 23.14 -9.07
CA LYS C 260 19.61 23.97 -9.10
C LYS C 260 19.33 25.40 -9.56
N ARG C 261 18.21 25.64 -10.24
CA ARG C 261 17.94 26.98 -10.75
C ARG C 261 17.91 28.01 -9.63
N ASN C 262 17.38 27.65 -8.47
CA ASN C 262 17.40 28.52 -7.30
C ASN C 262 17.50 27.62 -6.06
N TYR C 263 18.70 27.52 -5.51
CA TYR C 263 18.90 26.83 -4.24
C TYR C 263 19.77 27.69 -3.34
N HIS C 264 19.57 27.56 -2.03
CA HIS C 264 20.33 28.31 -1.06
C HIS C 264 20.73 27.37 0.08
N LYS C 265 21.99 26.96 0.08
CA LYS C 265 22.51 26.10 1.14
C LYS C 265 22.64 26.92 2.41
N LEU C 266 21.74 26.69 3.36
CA LEU C 266 21.73 27.40 4.64
C LEU C 266 22.12 26.42 5.73
N ASP C 267 23.15 26.78 6.49
CA ASP C 267 23.69 25.92 7.54
C ASP C 267 23.14 26.40 8.88
N VAL C 268 22.04 25.80 9.31
CA VAL C 268 21.41 26.10 10.60
C VAL C 268 21.60 24.90 11.51
N SER C 269 22.18 25.14 12.68
CA SER C 269 22.46 24.08 13.65
C SER C 269 22.86 24.73 14.96
N SER C 270 22.61 24.01 16.06
CA SER C 270 23.02 24.48 17.37
C SER C 270 24.51 24.31 17.62
N ASN C 271 25.16 23.42 16.88
CA ASN C 271 26.58 23.12 17.08
C ASN C 271 27.49 23.88 16.14
N LYS C 272 26.95 24.67 15.21
CA LYS C 272 27.77 25.38 14.24
C LYS C 272 28.14 26.76 14.75
N GLY C 273 29.40 27.13 14.57
CA GLY C 273 29.89 28.44 14.93
C GLY C 273 30.38 28.57 16.36
N PHE C 274 30.05 27.61 17.24
CA PHE C 274 30.44 27.61 18.64
C PHE C 274 30.00 28.84 19.40
N LYS C 275 29.10 29.64 18.83
CA LYS C 275 28.70 30.92 19.43
C LYS C 275 27.54 30.78 20.39
N TYR C 276 27.00 29.58 20.58
CA TYR C 276 25.85 29.38 21.47
C TYR C 276 26.17 28.52 22.68
N GLY C 277 27.06 27.54 22.55
CA GLY C 277 27.55 26.85 23.73
C GLY C 277 28.34 27.76 24.64
N ASN C 278 29.08 28.70 24.06
CA ASN C 278 29.85 29.66 24.85
C ASN C 278 28.92 30.49 25.74
N GLN C 279 27.78 30.93 25.20
CA GLN C 279 26.87 31.75 25.98
C GLN C 279 26.32 30.98 27.18
N ILE C 280 25.94 29.71 26.97
CA ILE C 280 25.38 28.93 28.07
C ILE C 280 26.45 28.62 29.11
N PHE C 281 27.67 28.30 28.66
CA PHE C 281 28.75 28.05 29.62
C PHE C 281 29.09 29.30 30.41
N GLN C 282 29.07 30.47 29.75
CA GLN C 282 29.30 31.72 30.46
C GLN C 282 28.19 32.00 31.45
N SER C 283 26.94 31.70 31.08
CA SER C 283 25.84 31.86 32.01
C SER C 283 26.02 30.99 33.24
N PHE C 284 26.43 29.73 33.04
CA PHE C 284 26.69 28.87 34.20
C PHE C 284 27.84 29.42 35.04
N LEU C 285 28.90 29.89 34.38
CA LEU C 285 30.06 30.41 35.10
C LEU C 285 29.68 31.61 35.95
N ASP C 286 28.78 32.46 35.43
CA ASP C 286 28.33 33.61 36.21
C ASP C 286 27.35 33.20 37.30
N THR C 287 26.51 32.19 37.06
CA THR C 287 25.57 31.78 38.09
C THR C 287 26.24 31.00 39.21
N VAL C 288 27.45 30.49 38.98
CA VAL C 288 28.28 30.00 40.10
C VAL C 288 29.27 31.05 40.57
N ASP C 289 29.69 31.97 39.70
CA ASP C 289 30.57 33.10 40.02
C ASP C 289 31.80 32.56 40.75
N GLY C 290 32.31 33.23 41.78
CA GLY C 290 33.38 32.69 42.58
C GLY C 290 32.85 31.86 43.73
N LYS C 291 31.53 31.82 43.84
CA LYS C 291 30.89 31.00 44.88
C LYS C 291 31.22 29.53 44.72
N LEU C 292 31.40 29.07 43.48
CA LEU C 292 31.75 27.70 43.20
C LEU C 292 32.92 27.66 42.22
N ASN C 293 33.55 26.50 42.14
CA ASN C 293 34.72 26.30 41.29
C ASN C 293 34.52 25.05 40.45
N LEU C 294 35.00 25.09 39.21
CA LEU C 294 34.88 23.97 38.30
C LEU C 294 36.19 23.17 38.29
N SER C 295 36.09 21.88 38.57
CA SER C 295 37.27 21.03 38.56
C SER C 295 37.74 20.80 37.12
N ASP C 296 39.05 20.60 36.98
CA ASP C 296 39.63 20.39 35.66
C ASP C 296 39.09 19.11 35.02
N ARG C 297 39.00 18.04 35.79
CA ARG C 297 38.50 16.78 35.24
C ARG C 297 37.02 16.89 34.89
N PHE C 298 36.26 17.70 35.62
CA PHE C 298 34.84 17.87 35.31
C PHE C 298 34.66 18.55 33.96
N VAL C 299 35.39 19.64 33.72
CA VAL C 299 35.27 20.30 32.42
C VAL C 299 35.86 19.44 31.32
N GLU C 300 36.87 18.62 31.63
CA GLU C 300 37.38 17.67 30.64
C GLU C 300 36.30 16.67 30.26
N PHE C 301 35.56 16.16 31.25
CA PHE C 301 34.46 15.24 30.96
C PHE C 301 33.37 15.93 30.15
N ILE C 302 33.07 17.20 30.48
CA ILE C 302 32.09 17.95 29.71
C ILE C 302 32.52 18.05 28.25
N LEU C 303 33.79 18.39 28.02
CA LEU C 303 34.29 18.51 26.66
C LEU C 303 34.24 17.17 25.93
N SER C 304 34.63 16.10 26.62
CA SER C 304 34.65 14.77 25.99
C SER C 304 33.25 14.33 25.59
N LYS C 305 32.27 14.52 26.48
CA LYS C 305 30.91 14.11 26.16
C LYS C 305 30.27 15.03 25.13
N MET C 306 30.70 16.31 25.09
CA MET C 306 30.20 17.21 24.06
C MET C 306 30.74 16.85 22.69
N ALA C 307 32.00 16.40 22.63
CA ALA C 307 32.60 16.05 21.34
C ALA C 307 31.97 14.81 20.71
N ASN C 308 31.29 13.99 21.49
CA ASN C 308 30.72 12.74 20.99
C ASN C 308 29.27 12.89 20.56
N ASN C 309 28.73 14.11 20.55
CA ASN C 309 27.35 14.33 20.11
C ASN C 309 27.25 15.72 19.51
N THR C 310 26.65 15.82 18.32
CA THR C 310 26.51 17.09 17.62
C THR C 310 25.08 17.43 17.25
N ASN C 311 24.24 16.44 16.96
CA ASN C 311 22.87 16.72 16.55
C ASN C 311 22.08 17.41 17.67
N HIS C 312 22.27 16.95 18.91
CA HIS C 312 21.63 17.55 20.09
C HIS C 312 22.72 17.77 21.11
N ASN C 313 23.31 18.97 21.12
CA ASN C 313 24.47 19.27 21.94
C ASN C 313 24.12 20.18 23.12
N LEU C 314 23.42 21.29 22.87
CA LEU C 314 23.16 22.25 23.94
C LEU C 314 22.32 21.64 25.05
N GLN C 315 21.30 20.84 24.67
CA GLN C 315 20.44 20.21 25.67
C GLN C 315 21.24 19.23 26.52
N LEU C 316 22.13 18.46 25.90
CA LEU C 316 22.96 17.53 26.66
C LEU C 316 23.88 18.28 27.63
N LEU C 317 24.45 19.39 27.18
CA LEU C 317 25.29 20.20 28.05
C LEU C 317 24.50 20.74 29.23
N THR C 318 23.29 21.24 28.99
CA THR C 318 22.46 21.74 30.08
C THR C 318 22.11 20.63 31.05
N LYS C 319 21.79 19.45 30.54
CA LYS C 319 21.50 18.32 31.41
C LYS C 319 22.69 17.96 32.28
N MET C 320 23.89 17.91 31.68
CA MET C 320 25.08 17.55 32.44
C MET C 320 25.37 18.58 33.53
N LEU C 321 25.28 19.87 33.19
CA LEU C 321 25.55 20.90 34.17
C LEU C 321 24.54 20.87 35.31
N ASP C 322 23.25 20.74 34.98
CA ASP C 322 22.22 20.71 36.01
C ASP C 322 22.39 19.50 36.91
N TYR C 323 22.67 18.33 36.34
CA TYR C 323 22.85 17.14 37.17
C TYR C 323 24.04 17.29 38.09
N SER C 324 25.16 17.82 37.58
CA SER C 324 26.33 18.03 38.43
C SER C 324 26.00 18.99 39.56
N LEU C 325 25.28 20.07 39.27
CA LEU C 325 24.95 21.06 40.28
C LEU C 325 24.06 20.46 41.37
N MET C 326 23.00 19.75 40.97
CA MET C 326 22.08 19.19 41.96
C MET C 326 22.77 18.11 42.78
N SER C 327 23.62 17.30 42.15
CA SER C 327 24.37 16.31 42.92
C SER C 327 25.30 16.98 43.92
N TYR C 328 25.97 18.06 43.52
CA TYR C 328 26.89 18.73 44.43
C TYR C 328 26.15 19.31 45.62
N PHE C 329 24.99 19.95 45.39
CA PHE C 329 24.18 20.38 46.53
C PHE C 329 23.58 19.23 47.30
N PHE C 330 23.49 18.03 46.72
CA PHE C 330 22.86 16.93 47.44
C PHE C 330 23.83 16.23 48.38
N GLN C 331 24.92 15.66 47.85
CA GLN C 331 25.79 14.84 48.68
C GLN C 331 26.93 15.60 49.35
N ASN C 332 26.99 16.92 49.21
CA ASN C 332 27.99 17.70 49.94
C ASN C 332 27.32 18.49 51.05
N ALA C 333 27.85 18.34 52.28
CA ALA C 333 27.25 18.98 53.44
C ALA C 333 27.57 20.46 53.54
N PHE C 334 28.72 20.88 52.99
CA PHE C 334 29.17 22.26 53.16
C PHE C 334 28.52 23.24 52.19
N SER C 335 27.65 22.76 51.30
CA SER C 335 26.98 23.66 50.37
C SER C 335 26.08 24.66 51.09
N VAL C 336 25.73 24.39 52.36
CA VAL C 336 24.96 25.35 53.14
C VAL C 336 25.77 26.60 53.46
N PHE C 337 27.10 26.53 53.35
CA PHE C 337 27.98 27.62 53.74
C PHE C 337 28.54 28.37 52.53
N ILE C 338 27.82 28.34 51.40
CA ILE C 338 28.31 29.03 50.21
C ILE C 338 28.33 30.54 50.41
N ASP C 339 27.26 31.10 51.00
CA ASP C 339 27.25 32.54 51.22
C ASP C 339 27.91 32.88 52.55
N PRO C 340 28.54 34.06 52.63
CA PRO C 340 29.26 34.42 53.87
C PRO C 340 28.37 34.51 55.09
N VAL C 341 27.07 34.82 54.93
CA VAL C 341 26.21 35.10 56.07
C VAL C 341 26.10 33.91 57.01
N ASN C 342 26.20 32.69 56.49
CA ASN C 342 26.11 31.49 57.30
C ASN C 342 27.48 30.91 57.65
N VAL C 343 28.56 31.63 57.35
CA VAL C 343 29.90 31.15 57.72
C VAL C 343 30.01 30.99 59.22
N ASP C 344 29.40 31.91 59.98
CA ASP C 344 29.40 31.83 61.43
C ASP C 344 28.62 30.63 61.96
N PHE C 345 27.82 29.96 61.11
CA PHE C 345 27.04 28.83 61.53
C PHE C 345 27.84 27.54 61.62
N LEU C 346 29.17 27.62 61.55
CA LEU C 346 30.01 26.43 61.69
C LEU C 346 29.89 25.87 63.09
N ASN C 347 29.78 24.55 63.19
CA ASN C 347 29.65 23.85 64.46
C ASN C 347 30.85 22.93 64.65
N ASP C 348 30.87 22.22 65.79
CA ASP C 348 32.00 21.36 66.11
C ASP C 348 32.14 20.22 65.11
N ASP C 349 31.01 19.63 64.69
CA ASP C 349 31.07 18.54 63.73
C ASP C 349 31.63 19.00 62.39
N TYR C 350 31.23 20.19 61.93
CA TYR C 350 31.72 20.72 60.67
C TYR C 350 33.25 20.88 60.71
N LEU C 351 33.75 21.52 61.77
CA LEU C 351 35.19 21.73 61.89
C LEU C 351 35.93 20.40 62.04
N LYS C 352 35.37 19.46 62.79
CA LYS C 352 36.00 18.16 62.96
C LYS C 352 36.10 17.43 61.63
N ILE C 353 35.05 17.46 60.82
CA ILE C 353 35.09 16.81 59.52
C ILE C 353 36.09 17.51 58.61
N LEU C 354 36.07 18.85 58.59
CA LEU C 354 36.93 19.58 57.67
C LEU C 354 38.40 19.56 58.09
N SER C 355 38.69 19.19 59.34
CA SER C 355 40.09 19.12 59.78
C SER C 355 40.90 18.16 58.93
N ARG C 356 40.28 17.12 58.38
CA ARG C 356 40.96 16.15 57.54
C ARG C 356 41.08 16.59 56.08
N CYS C 357 40.90 17.88 55.80
CA CYS C 357 41.05 18.36 54.44
C CYS C 357 42.53 18.33 54.05
N PRO C 358 42.88 17.72 52.91
CA PRO C 358 44.30 17.68 52.52
C PRO C 358 44.89 19.06 52.31
N THR C 359 44.10 20.02 51.81
CA THR C 359 44.61 21.38 51.63
C THR C 359 44.96 22.03 52.96
N PHE C 360 44.13 21.80 53.99
CA PHE C 360 44.42 22.35 55.30
C PHE C 360 45.71 21.77 55.87
N MET C 361 45.91 20.46 55.73
CA MET C 361 47.14 19.84 56.20
C MET C 361 48.36 20.35 55.44
N PHE C 362 48.23 20.51 54.13
CA PHE C 362 49.35 21.00 53.33
C PHE C 362 49.69 22.44 53.70
N PHE C 363 48.68 23.27 53.91
CA PHE C 363 48.89 24.66 54.28
C PHE C 363 49.48 24.79 55.67
N GLU C 389 37.14 29.18 62.02
CA GLU C 389 36.09 30.10 61.60
C GLU C 389 36.68 31.29 60.85
N GLU C 390 37.41 32.13 61.56
CA GLU C 390 38.01 33.31 60.94
C GLU C 390 39.09 32.92 59.93
N PHE C 391 39.75 31.78 60.14
CA PHE C 391 40.72 31.30 59.17
C PHE C 391 40.07 30.94 57.84
N PHE C 392 38.85 30.39 57.89
CA PHE C 392 38.18 29.95 56.68
C PHE C 392 37.65 31.12 55.87
N VAL C 393 37.06 32.11 56.53
CA VAL C 393 36.40 33.20 55.81
C VAL C 393 37.40 34.06 55.08
N GLU C 394 38.58 34.28 55.66
CA GLU C 394 39.59 35.11 55.02
C GLU C 394 40.20 34.45 53.78
N PHE C 395 39.99 33.15 53.60
CA PHE C 395 40.37 32.45 52.38
C PHE C 395 39.17 31.93 51.60
N LEU C 396 37.97 32.40 51.92
CA LEU C 396 36.75 32.02 51.22
C LEU C 396 36.13 33.17 50.45
N VAL C 397 36.00 34.34 51.09
CA VAL C 397 35.41 35.50 50.43
C VAL C 397 36.25 36.01 49.27
N ARG C 398 37.49 35.56 49.14
CA ARG C 398 38.34 35.93 48.02
C ARG C 398 37.77 35.30 46.75
N GLU C 399 37.12 36.11 45.93
CA GLU C 399 36.50 35.60 44.71
C GLU C 399 37.58 35.12 43.74
N ASN C 400 37.26 34.07 43.00
CA ASN C 400 38.18 33.53 42.02
C ASN C 400 38.24 34.46 40.81
N PRO C 401 39.41 34.98 40.45
CA PRO C 401 39.51 35.84 39.27
C PRO C 401 39.55 35.09 37.95
N ILE C 402 39.52 33.75 37.98
CA ILE C 402 39.62 32.97 36.76
C ILE C 402 38.43 33.23 35.85
N ASN C 403 37.23 33.30 36.42
CA ASN C 403 36.04 33.51 35.59
C ASN C 403 36.04 34.89 34.96
N GLY C 404 36.41 35.92 35.72
CA GLY C 404 36.48 37.27 35.17
C GLY C 404 37.54 37.39 34.10
N HIS C 405 38.71 36.78 34.32
CA HIS C 405 39.76 36.81 33.32
C HIS C 405 39.33 36.09 32.05
N ALA C 406 38.65 34.94 32.19
CA ALA C 406 38.19 34.21 31.02
C ALA C 406 37.16 35.01 30.24
N LYS C 407 36.21 35.65 30.95
CA LYS C 407 35.22 36.47 30.26
C LYS C 407 35.89 37.65 29.55
N PHE C 408 36.84 38.30 30.21
CA PHE C 408 37.54 39.42 29.58
C PHE C 408 38.31 38.96 28.34
N VAL C 409 39.00 37.82 28.43
CA VAL C 409 39.75 37.32 27.29
C VAL C 409 38.82 37.00 26.13
N ALA C 410 37.70 36.33 26.42
CA ALA C 410 36.76 35.98 25.36
C ALA C 410 36.20 37.23 24.70
N ARG C 411 35.80 38.22 25.51
CA ARG C 411 35.26 39.46 24.94
C ARG C 411 36.33 40.20 24.12
N PHE C 412 37.56 40.23 24.63
CA PHE C 412 38.64 40.91 23.93
C PHE C 412 38.91 40.27 22.58
N LEU C 413 38.94 38.94 22.53
CA LEU C 413 39.20 38.28 21.26
C LEU C 413 37.99 38.33 20.32
N GLU C 414 36.78 38.42 20.86
CA GLU C 414 35.58 38.41 20.01
C GLU C 414 35.14 39.79 19.55
N GLU C 415 35.69 40.87 20.11
CA GLU C 415 35.30 42.20 19.66
C GLU C 415 36.12 42.67 18.45
N GLU C 416 37.43 42.77 18.60
CA GLU C 416 38.27 43.38 17.57
C GLU C 416 39.37 42.47 17.03
N LEU C 417 39.64 41.34 17.69
CA LEU C 417 40.66 40.41 17.18
C LEU C 417 40.16 39.60 15.99
N ASN C 418 38.87 39.71 15.65
CA ASN C 418 38.30 39.06 14.46
C ASN C 418 38.45 37.55 14.51
N ILE C 419 38.33 36.98 15.71
CA ILE C 419 38.29 35.53 15.89
C ILE C 419 37.01 35.18 16.63
N THR C 420 36.26 34.24 16.08
CA THR C 420 34.98 33.82 16.67
C THR C 420 34.89 32.31 16.84
N ASN C 421 35.50 31.53 15.96
CA ASN C 421 35.40 30.07 15.99
C ASN C 421 36.31 29.55 17.10
N PHE C 422 35.80 29.56 18.33
CA PHE C 422 36.52 29.01 19.47
C PHE C 422 35.51 28.51 20.49
N ASN C 423 35.92 27.52 21.27
CA ASN C 423 35.08 26.92 22.29
C ASN C 423 35.45 27.50 23.65
N LEU C 424 34.52 28.20 24.28
CA LEU C 424 34.80 28.76 25.60
C LEU C 424 35.03 27.67 26.63
N ILE C 425 34.39 26.50 26.44
CA ILE C 425 34.66 25.36 27.32
C ILE C 425 36.10 24.90 27.14
N GLU C 426 36.57 24.79 25.90
CA GLU C 426 37.94 24.40 25.65
C GLU C 426 38.92 25.41 26.23
N LEU C 427 38.63 26.70 26.05
CA LEU C 427 39.49 27.75 26.59
C LEU C 427 39.54 27.68 28.11
N TYR C 428 38.39 27.47 28.76
CA TYR C 428 38.35 27.37 30.21
C TYR C 428 39.11 26.15 30.69
N HIS C 429 38.97 25.02 30.00
CA HIS C 429 39.73 23.82 30.36
C HIS C 429 41.22 24.04 30.23
N ASN C 430 41.65 24.69 29.14
CA ASN C 430 43.07 24.97 28.94
C ASN C 430 43.60 25.91 30.01
N LEU C 431 42.82 26.93 30.36
CA LEU C 431 43.22 27.84 31.43
C LEU C 431 43.31 27.12 32.76
N LEU C 432 42.39 26.20 33.03
CA LEU C 432 42.44 25.41 34.25
C LEU C 432 43.71 24.57 34.31
N ILE C 433 44.09 23.95 33.18
CA ILE C 433 45.34 23.21 33.16
C ILE C 433 46.52 24.17 33.33
N GLY C 434 46.49 25.30 32.64
CA GLY C 434 47.52 26.31 32.73
C GLY C 434 48.40 26.48 31.50
N LYS C 435 47.97 26.01 30.34
CA LYS C 435 48.74 26.11 29.10
C LYS C 435 48.09 27.09 28.13
N LEU C 436 47.60 28.22 28.65
CA LEU C 436 46.80 29.15 27.86
C LEU C 436 47.54 29.61 26.60
N ASP C 437 48.87 29.65 26.64
CA ASP C 437 49.63 29.98 25.44
C ASP C 437 49.42 28.94 24.35
N SER C 438 49.35 27.65 24.73
CA SER C 438 49.17 26.59 23.75
C SER C 438 47.81 26.65 23.07
N TYR C 439 46.85 27.38 23.63
CA TYR C 439 45.56 27.59 22.99
C TYR C 439 45.45 28.95 22.31
N LEU C 440 46.22 29.94 22.75
CA LEU C 440 46.17 31.25 22.12
C LEU C 440 47.14 31.39 20.95
N ASP C 441 48.08 30.45 20.80
CA ASP C 441 49.03 30.53 19.70
C ASP C 441 48.53 29.91 18.40
N ARG C 442 47.38 29.24 18.42
CA ARG C 442 46.88 28.59 17.21
C ARG C 442 46.41 29.61 16.19
N TRP C 443 45.85 30.73 16.64
CA TRP C 443 45.35 31.74 15.72
C TRP C 443 46.49 32.51 15.05
N SER C 444 47.64 32.62 15.73
CA SER C 444 48.81 33.31 15.21
C SER C 444 48.50 34.76 14.84
N ALA C 445 47.65 35.39 15.65
CA ALA C 445 47.29 36.79 15.43
C ALA C 445 47.37 37.65 16.68
N CYS C 446 47.36 37.07 17.87
CA CYS C 446 47.45 37.83 19.12
C CYS C 446 48.87 37.87 19.66
N LYS C 447 49.88 37.77 18.79
CA LYS C 447 51.27 37.72 19.25
C LYS C 447 51.66 39.01 19.97
N GLU C 448 51.22 40.15 19.44
CA GLU C 448 51.48 41.43 20.10
C GLU C 448 50.53 41.72 21.23
N TYR C 449 49.49 40.91 21.43
CA TYR C 449 48.55 41.08 22.52
C TYR C 449 48.72 40.05 23.63
N LYS C 450 49.63 39.09 23.47
CA LYS C 450 49.84 38.09 24.52
C LYS C 450 50.45 38.68 25.77
N ASP C 451 51.10 39.84 25.66
CA ASP C 451 51.75 40.44 26.84
C ASP C 451 50.73 40.79 27.92
N ARG C 452 49.59 41.37 27.52
CA ARG C 452 48.56 41.73 28.47
C ARG C 452 47.56 40.61 28.73
N LEU C 453 47.66 39.50 28.02
CA LEU C 453 46.76 38.37 28.22
C LEU C 453 47.32 37.32 29.17
N HIS C 454 48.52 37.55 29.72
CA HIS C 454 49.09 36.60 30.67
C HIS C 454 48.23 36.52 31.92
N PHE C 455 48.16 35.33 32.50
CA PHE C 455 47.32 35.07 33.67
C PHE C 455 48.17 34.48 34.78
N GLU C 456 48.01 35.03 35.99
CA GLU C 456 48.73 34.53 37.15
C GLU C 456 48.28 33.11 37.47
N PRO C 457 49.21 32.20 37.79
CA PRO C 457 48.84 30.79 37.99
C PRO C 457 47.83 30.62 39.12
N ILE C 458 47.30 29.40 39.21
CA ILE C 458 46.25 29.10 40.17
C ILE C 458 46.80 29.23 41.59
N ASP C 459 46.17 30.09 42.39
CA ASP C 459 46.56 30.29 43.80
C ASP C 459 45.26 30.29 44.61
N THR C 460 44.85 29.11 45.06
CA THR C 460 43.61 28.99 45.83
C THR C 460 43.79 27.89 46.87
N ILE C 461 42.98 27.98 47.93
CA ILE C 461 42.97 27.00 49.00
C ILE C 461 41.52 26.68 49.36
N PHE C 462 41.35 25.51 49.99
CA PHE C 462 40.02 25.06 50.46
C PHE C 462 39.02 25.01 49.32
N GLN C 463 39.49 24.62 48.14
CA GLN C 463 38.61 24.46 46.99
C GLN C 463 37.98 23.07 46.90
N GLU C 464 38.44 22.13 47.73
CA GLU C 464 37.84 20.79 47.71
C GLU C 464 36.39 20.84 48.16
N LEU C 465 36.10 21.63 49.20
CA LEU C 465 34.75 21.71 49.74
C LEU C 465 33.79 22.47 48.83
N PHE C 466 34.28 23.45 48.08
CA PHE C 466 33.48 24.15 47.06
C PHE C 466 34.09 23.85 45.69
N THR C 467 33.62 22.76 45.07
CA THR C 467 34.02 22.42 43.71
C THR C 467 32.97 21.51 43.10
N LEU C 468 33.00 21.43 41.78
CA LEU C 468 32.11 20.55 41.02
C LEU C 468 33.00 19.52 40.32
N ASP C 469 32.88 18.26 40.75
CA ASP C 469 33.76 17.21 40.25
C ASP C 469 33.05 15.87 40.35
N ASN C 470 33.65 14.87 39.72
CA ASN C 470 33.14 13.49 39.73
C ASN C 470 34.30 12.57 40.09
N ARG C 471 34.51 12.37 41.39
CA ARG C 471 35.53 11.45 41.87
C ARG C 471 34.96 10.12 42.33
N SER C 472 33.70 10.09 42.73
CA SER C 472 33.02 8.84 43.08
C SER C 472 32.36 8.17 41.89
N GLY C 473 32.41 8.79 40.71
CA GLY C 473 31.92 8.17 39.50
C GLY C 473 30.42 8.25 39.28
N LEU C 474 29.70 9.00 40.11
CA LEU C 474 28.25 9.09 39.95
C LEU C 474 27.88 9.83 38.67
N LEU C 475 28.62 10.90 38.33
CA LEU C 475 28.27 11.69 37.15
C LEU C 475 28.35 10.87 35.87
N THR C 476 29.40 10.05 35.73
CA THR C 476 29.54 9.25 34.53
C THR C 476 28.61 8.06 34.52
N GLN C 477 28.28 7.50 35.67
CA GLN C 477 27.45 6.30 35.75
C GLN C 477 25.96 6.61 35.90
N SER C 478 25.58 7.89 35.93
CA SER C 478 24.18 8.26 36.01
C SER C 478 23.64 8.92 34.76
N ILE C 479 24.51 9.40 33.86
CA ILE C 479 24.10 10.04 32.63
C ILE C 479 24.59 9.26 31.40
N PHE C 480 25.84 8.78 31.43
CA PHE C 480 26.39 7.96 30.35
C PHE C 480 26.99 6.69 30.92
N PRO C 481 26.18 5.84 31.54
CA PRO C 481 26.73 4.61 32.15
C PRO C 481 27.17 3.63 31.08
N SER C 482 28.14 2.79 31.45
CA SER C 482 28.56 1.68 30.60
C SER C 482 27.59 0.53 30.81
N TYR C 483 26.45 0.63 30.13
CA TYR C 483 25.28 -0.23 30.37
C TYR C 483 25.64 -1.71 30.32
N LYS C 484 26.05 -2.19 29.16
CA LYS C 484 26.43 -3.61 29.05
C LYS C 484 27.63 -3.92 29.93
N SER C 485 28.61 -3.02 29.97
CA SER C 485 29.78 -3.23 30.81
C SER C 485 29.39 -3.27 32.28
N ASN C 486 28.47 -2.41 32.71
CA ASN C 486 28.00 -2.46 34.09
C ASN C 486 27.29 -3.76 34.39
N ILE C 487 26.46 -4.23 33.44
CA ILE C 487 25.76 -5.49 33.64
C ILE C 487 26.77 -6.62 33.83
N GLU C 488 27.77 -6.70 32.96
CA GLU C 488 28.74 -7.78 33.05
C GLU C 488 29.60 -7.66 34.30
N ASP C 489 29.96 -6.44 34.69
CA ASP C 489 30.74 -6.26 35.91
C ASP C 489 29.95 -6.69 37.14
N ASN C 490 28.66 -6.37 37.18
CA ASN C 490 27.83 -6.80 38.29
C ASN C 490 27.61 -8.31 38.28
N LEU C 491 27.54 -8.91 37.08
CA LEU C 491 27.18 -10.31 36.98
C LEU C 491 28.37 -11.23 37.23
N LEU C 492 29.54 -10.89 36.70
CA LEU C 492 30.72 -11.73 36.89
C LEU C 492 31.14 -11.75 38.35
N SER C 493 31.29 -10.57 38.97
CA SER C 493 31.67 -10.45 40.37
C SER C 493 30.42 -10.12 41.18
N TRP C 494 29.68 -11.17 41.52
CA TRP C 494 28.48 -11.00 42.34
C TRP C 494 28.78 -10.76 43.80
N GLU C 495 30.03 -10.95 44.23
CA GLU C 495 30.37 -10.77 45.64
C GLU C 495 30.16 -9.32 46.08
N GLN C 496 30.51 -8.37 45.24
CA GLN C 496 30.38 -6.96 45.58
C GLN C 496 28.96 -6.42 45.37
N VAL C 497 28.06 -7.21 44.79
CA VAL C 497 26.70 -6.78 44.55
C VAL C 497 25.82 -7.22 45.72
N LEU C 498 25.84 -8.51 46.03
CA LEU C 498 25.12 -9.03 47.18
C LEU C 498 26.01 -8.93 48.42
N PRO C 499 25.64 -8.14 49.42
CA PRO C 499 26.47 -8.05 50.63
C PRO C 499 26.57 -9.39 51.34
N SER C 500 27.73 -9.65 51.93
CA SER C 500 27.98 -10.87 52.68
C SER C 500 27.77 -10.57 54.16
N LEU C 501 26.86 -11.31 54.79
CA LEU C 501 26.50 -11.09 56.19
C LEU C 501 26.67 -12.39 56.97
N ASP C 502 27.09 -12.26 58.22
CA ASP C 502 27.28 -13.40 59.11
C ASP C 502 26.71 -13.19 60.51
N LYS C 503 26.14 -12.02 60.79
CA LYS C 503 25.61 -11.75 62.13
C LYS C 503 24.38 -12.60 62.41
N GLU C 504 23.47 -12.71 61.44
CA GLU C 504 22.20 -13.40 61.64
C GLU C 504 22.14 -14.72 60.86
N ASN C 505 23.29 -15.27 60.46
CA ASN C 505 23.29 -16.54 59.75
C ASN C 505 22.79 -17.68 60.64
N TYR C 506 22.97 -17.56 61.95
CA TYR C 506 22.41 -18.53 62.88
C TYR C 506 20.89 -18.51 62.86
N ASP C 507 20.31 -17.30 62.80
CA ASP C 507 18.86 -17.19 62.83
C ASP C 507 18.22 -17.69 61.53
N THR C 508 18.87 -17.44 60.39
CA THR C 508 18.31 -17.84 59.12
C THR C 508 18.36 -19.36 58.95
N LEU C 509 17.48 -19.87 58.09
CA LEU C 509 17.37 -21.30 57.88
C LEU C 509 18.47 -21.86 56.97
N SER C 510 19.18 -21.01 56.25
CA SER C 510 20.19 -21.43 55.27
C SER C 510 21.52 -20.76 55.55
N GLY C 511 21.95 -20.82 56.82
CA GLY C 511 23.20 -20.18 57.21
C GLY C 511 24.45 -20.91 56.78
N ASP C 512 24.32 -22.13 56.25
CA ASP C 512 25.47 -22.89 55.79
C ASP C 512 25.56 -23.04 54.28
N LEU C 513 24.47 -22.83 53.56
CA LEU C 513 24.44 -22.98 52.12
C LEU C 513 24.63 -21.67 51.36
N ASP C 514 24.23 -20.54 51.96
CA ASP C 514 24.39 -19.26 51.30
C ASP C 514 25.86 -18.93 51.04
N LYS C 515 26.73 -19.20 52.02
CA LYS C 515 28.13 -18.82 51.88
C LYS C 515 28.85 -19.70 50.86
N ILE C 516 28.56 -21.01 50.86
CA ILE C 516 29.37 -21.93 50.08
C ILE C 516 29.13 -21.74 48.58
N MET C 517 27.88 -21.55 48.18
CA MET C 517 27.51 -21.51 46.78
C MET C 517 27.29 -20.08 46.31
N ALA C 518 26.89 -19.94 45.05
CA ALA C 518 26.70 -18.67 44.38
C ALA C 518 25.30 -18.57 43.81
N PRO C 519 24.78 -17.35 43.58
CA PRO C 519 23.46 -17.21 42.97
C PRO C 519 23.42 -17.90 41.61
N VAL C 520 22.25 -18.48 41.31
CA VAL C 520 22.14 -19.39 40.17
C VAL C 520 22.47 -18.67 38.86
N LEU C 521 21.94 -17.46 38.67
CA LEU C 521 22.10 -16.76 37.41
C LEU C 521 23.56 -16.39 37.16
N GLY C 522 24.21 -15.80 38.16
CA GLY C 522 25.62 -15.47 38.02
C GLY C 522 26.51 -16.69 37.91
N GLN C 523 26.18 -17.75 38.64
CA GLN C 523 26.96 -18.99 38.54
C GLN C 523 26.86 -19.56 37.14
N LEU C 524 25.68 -19.52 36.53
CA LEU C 524 25.56 -19.96 35.15
C LEU C 524 26.32 -19.04 34.21
N PHE C 525 26.29 -17.73 34.47
CA PHE C 525 27.02 -16.80 33.62
C PHE C 525 28.53 -17.06 33.66
N LYS C 526 29.04 -17.54 34.79
CA LYS C 526 30.45 -17.89 34.86
C LYS C 526 30.81 -18.93 33.80
N LEU C 527 30.06 -20.03 33.77
CA LEU C 527 30.29 -21.07 32.77
C LEU C 527 30.04 -20.54 31.36
N TYR C 528 28.99 -19.71 31.21
CA TYR C 528 28.65 -19.18 29.89
C TYR C 528 29.79 -18.34 29.32
N ARG C 529 30.42 -17.50 30.16
CA ARG C 529 31.60 -16.77 29.74
C ARG C 529 32.75 -17.73 29.45
N GLU C 530 32.94 -18.75 30.29
CA GLU C 530 33.98 -19.73 30.05
C GLU C 530 33.59 -20.77 29.00
N ALA C 531 32.48 -20.57 28.31
CA ALA C 531 31.98 -21.54 27.33
C ALA C 531 32.50 -21.20 25.94
N ASN C 532 32.00 -21.91 24.94
CA ASN C 532 32.35 -21.70 23.54
C ASN C 532 31.24 -20.95 22.81
N MET C 533 31.51 -20.60 21.55
CA MET C 533 30.55 -19.82 20.78
C MET C 533 29.22 -20.54 20.64
N THR C 534 29.25 -21.80 20.21
CA THR C 534 28.06 -22.63 20.12
C THR C 534 28.08 -23.65 21.25
N ILE C 535 26.96 -23.76 21.97
CA ILE C 535 26.89 -24.57 23.18
C ILE C 535 25.73 -25.54 23.07
N ASN C 536 26.02 -26.82 23.28
CA ASN C 536 24.97 -27.81 23.44
C ASN C 536 24.31 -27.63 24.80
N ILE C 537 22.98 -27.67 24.82
CA ILE C 537 22.25 -27.48 26.07
C ILE C 537 22.58 -28.60 27.06
N TYR C 538 22.67 -29.83 26.57
CA TYR C 538 22.92 -30.97 27.45
C TYR C 538 24.25 -30.83 28.17
N ASP C 539 25.32 -30.54 27.43
CA ASP C 539 26.64 -30.41 28.05
C ASP C 539 26.71 -29.22 28.99
N PHE C 540 26.05 -28.12 28.62
CA PHE C 540 26.02 -26.95 29.51
C PHE C 540 25.33 -27.30 30.82
N TYR C 541 24.20 -28.00 30.76
CA TYR C 541 23.51 -28.41 31.98
C TYR C 541 24.35 -29.40 32.78
N ILE C 542 25.05 -30.30 32.10
CA ILE C 542 25.90 -31.27 32.80
C ILE C 542 26.99 -30.55 33.57
N ALA C 543 27.66 -29.58 32.92
CA ALA C 543 28.69 -28.82 33.60
C ALA C 543 28.13 -28.00 34.75
N PHE C 544 26.96 -27.40 34.55
CA PHE C 544 26.36 -26.60 35.61
C PHE C 544 26.02 -27.47 36.82
N ARG C 545 25.48 -28.66 36.59
CA ARG C 545 25.16 -29.55 37.70
C ARG C 545 26.42 -30.08 38.38
N GLU C 546 27.47 -30.34 37.59
CA GLU C 546 28.73 -30.79 38.19
C GLU C 546 29.33 -29.71 39.07
N THR C 547 29.23 -28.45 38.66
CA THR C 547 29.65 -27.34 39.51
C THR C 547 28.77 -27.18 40.74
N LEU C 548 27.57 -27.78 40.72
CA LEU C 548 26.60 -27.71 41.81
C LEU C 548 26.94 -28.73 42.89
N PRO C 549 27.06 -28.32 44.15
CA PRO C 549 27.23 -29.31 45.23
C PRO C 549 26.02 -30.22 45.34
N LYS C 550 26.28 -31.48 45.71
CA LYS C 550 25.26 -32.52 45.67
C LYS C 550 24.52 -32.67 47.00
N GLU C 551 25.25 -32.98 48.08
CA GLU C 551 24.60 -33.29 49.35
C GLU C 551 23.97 -32.05 49.97
N GLU C 552 24.56 -30.88 49.75
CA GLU C 552 24.05 -29.66 50.37
C GLU C 552 22.66 -29.32 49.86
N ILE C 553 22.42 -29.51 48.56
CA ILE C 553 21.10 -29.26 48.00
C ILE C 553 20.06 -30.17 48.67
N LEU C 554 20.40 -31.46 48.81
CA LEU C 554 19.48 -32.39 49.46
C LEU C 554 19.23 -31.99 50.91
N ASN C 555 20.27 -31.58 51.62
CA ASN C 555 20.11 -31.16 53.01
C ASN C 555 19.20 -29.94 53.11
N PHE C 556 19.35 -28.99 52.18
CA PHE C 556 18.47 -27.82 52.17
C PHE C 556 17.03 -28.23 51.90
N ILE C 557 16.83 -29.19 50.98
CA ILE C 557 15.48 -29.69 50.72
C ILE C 557 14.88 -30.30 51.98
N ARG C 558 15.68 -31.10 52.71
CA ARG C 558 15.18 -31.72 53.92
C ARG C 558 14.89 -30.71 55.03
N LYS C 559 15.40 -29.48 54.91
CA LYS C 559 15.30 -28.50 55.99
C LYS C 559 13.89 -27.98 56.20
N ASP C 560 12.98 -28.21 55.26
CA ASP C 560 11.61 -27.69 55.40
C ASP C 560 10.65 -28.83 55.72
N PRO C 561 10.09 -28.89 56.92
CA PRO C 561 9.08 -29.89 57.23
C PRO C 561 7.65 -29.45 56.98
N SER C 562 7.41 -28.16 56.71
CA SER C 562 6.05 -27.68 56.49
C SER C 562 5.45 -28.27 55.22
N ASN C 563 6.18 -28.17 54.11
CA ASN C 563 5.69 -28.72 52.85
C ASN C 563 5.82 -30.24 52.86
N THR C 564 4.93 -30.90 52.10
CA THR C 564 4.92 -32.35 52.00
C THR C 564 5.30 -32.87 50.62
N LYS C 565 4.94 -32.15 49.55
CA LYS C 565 5.34 -32.58 48.21
C LYS C 565 6.85 -32.52 48.04
N LEU C 566 7.49 -31.52 48.64
CA LEU C 566 8.94 -31.39 48.54
C LEU C 566 9.64 -32.57 49.18
N LEU C 567 9.21 -32.96 50.39
CA LEU C 567 9.83 -34.11 51.04
C LEU C 567 9.47 -35.41 50.32
N GLU C 568 8.26 -35.47 49.73
CA GLU C 568 7.90 -36.65 48.94
C GLU C 568 8.83 -36.81 47.75
N LEU C 569 9.14 -35.72 47.06
CA LEU C 569 10.09 -35.76 45.95
C LEU C 569 11.53 -35.93 46.43
N ALA C 570 11.80 -35.61 47.69
CA ALA C 570 13.16 -35.71 48.20
C ALA C 570 13.66 -37.16 48.21
N GLU C 571 12.79 -38.10 48.57
CA GLU C 571 13.20 -39.50 48.64
C GLU C 571 13.54 -40.06 47.25
N THR C 572 13.06 -39.43 46.18
CA THR C 572 13.39 -39.90 44.84
C THR C 572 14.89 -39.74 44.61
N PRO C 573 15.57 -40.78 44.11
CA PRO C 573 17.05 -40.72 44.02
C PRO C 573 17.58 -39.56 43.19
N ASP C 574 16.90 -39.19 42.10
CA ASP C 574 17.36 -38.12 41.23
C ASP C 574 16.70 -36.78 41.55
N ALA C 575 16.34 -36.56 42.82
CA ALA C 575 15.76 -35.28 43.21
C ALA C 575 16.75 -34.14 42.96
N PHE C 576 18.01 -34.33 43.31
CA PHE C 576 19.02 -33.33 43.02
C PHE C 576 19.18 -33.12 41.52
N ASP C 577 19.19 -34.21 40.75
CA ASP C 577 19.40 -34.11 39.32
C ASP C 577 18.26 -33.40 38.61
N LYS C 578 17.08 -33.34 39.23
CA LYS C 578 15.96 -32.62 38.62
C LYS C 578 15.79 -31.21 39.18
N VAL C 579 16.13 -30.97 40.44
CA VAL C 579 16.09 -29.59 40.94
C VAL C 579 17.19 -28.77 40.26
N ALA C 580 18.35 -29.38 40.02
CA ALA C 580 19.40 -28.70 39.27
C ALA C 580 18.93 -28.39 37.85
N LEU C 581 18.21 -29.32 37.23
CA LEU C 581 17.68 -29.08 35.89
C LEU C 581 16.67 -27.94 35.90
N ILE C 582 15.80 -27.91 36.92
CA ILE C 582 14.82 -26.82 37.02
C ILE C 582 15.52 -25.48 37.15
N LEU C 583 16.56 -25.43 38.01
CA LEU C 583 17.34 -24.21 38.14
C LEU C 583 18.00 -23.83 36.81
N PHE C 584 18.47 -24.83 36.06
CA PHE C 584 19.11 -24.55 34.78
C PHE C 584 18.13 -23.97 33.77
N MET C 585 16.92 -24.53 33.69
CA MET C 585 15.93 -23.95 32.79
C MET C 585 15.56 -22.54 33.21
N GLN C 586 15.41 -22.30 34.51
CA GLN C 586 15.10 -20.95 34.98
C GLN C 586 16.20 -19.97 34.58
N ALA C 587 17.46 -20.36 34.79
CA ALA C 587 18.57 -19.47 34.50
C ALA C 587 18.72 -19.23 33.00
N ILE C 588 18.55 -20.28 32.19
CA ILE C 588 18.66 -20.08 30.74
C ILE C 588 17.51 -19.23 30.22
N PHE C 589 16.31 -19.37 30.80
CA PHE C 589 15.22 -18.49 30.43
C PHE C 589 15.52 -17.04 30.81
N ALA C 590 16.09 -16.82 31.99
CA ALA C 590 16.46 -15.47 32.38
C ALA C 590 17.51 -14.90 31.44
N PHE C 591 18.48 -15.71 31.03
CA PHE C 591 19.48 -15.26 30.08
C PHE C 591 18.86 -14.90 28.75
N GLU C 592 17.93 -15.73 28.26
CA GLU C 592 17.26 -15.44 27.00
C GLU C 592 16.46 -14.14 27.10
N ASN C 593 15.80 -13.91 28.24
CA ASN C 593 15.07 -12.67 28.43
C ASN C 593 16.01 -11.47 28.46
N MET C 594 17.17 -11.63 29.10
CA MET C 594 18.14 -10.55 29.17
C MET C 594 18.99 -10.42 27.92
N GLY C 595 18.88 -11.36 26.97
CA GLY C 595 19.61 -11.28 25.73
C GLY C 595 21.02 -11.80 25.76
N LEU C 596 21.47 -12.37 26.88
CA LEU C 596 22.82 -12.93 26.94
C LEU C 596 22.99 -14.08 25.96
N ILE C 597 21.98 -14.95 25.88
CA ILE C 597 22.05 -16.15 25.05
C ILE C 597 20.91 -16.10 24.03
N LYS C 598 21.10 -16.82 22.94
CA LYS C 598 20.05 -16.95 21.93
C LYS C 598 19.98 -18.41 21.49
N PHE C 599 18.85 -18.78 20.92
CA PHE C 599 18.61 -20.16 20.50
C PHE C 599 18.49 -20.21 18.98
N GLN C 600 19.03 -21.27 18.39
CA GLN C 600 18.92 -21.50 16.95
C GLN C 600 17.56 -22.09 16.63
N SER C 601 17.42 -22.64 15.42
CA SER C 601 16.15 -23.17 14.93
C SER C 601 15.43 -23.98 16.00
N THR C 602 14.21 -23.55 16.33
CA THR C 602 13.47 -24.14 17.43
C THR C 602 13.04 -25.58 17.16
N LYS C 603 13.02 -26.00 15.89
CA LYS C 603 12.71 -27.39 15.59
C LYS C 603 13.80 -28.33 16.06
N SER C 604 15.02 -27.83 16.24
CA SER C 604 16.12 -28.60 16.80
C SER C 604 16.37 -28.27 18.26
N TYR C 605 16.49 -26.98 18.59
CA TYR C 605 16.59 -26.46 19.96
C TYR C 605 17.67 -27.15 20.80
N ASP C 606 18.59 -27.85 20.15
CA ASP C 606 19.67 -28.54 20.86
C ASP C 606 20.93 -27.71 20.97
N LEU C 607 20.96 -26.50 20.41
CA LEU C 607 22.14 -25.67 20.43
C LEU C 607 21.74 -24.24 20.76
N VAL C 608 22.69 -23.50 21.35
CA VAL C 608 22.51 -22.09 21.65
C VAL C 608 23.78 -21.33 21.26
N GLU C 609 23.61 -20.04 21.02
CA GLU C 609 24.71 -19.15 20.66
C GLU C 609 24.83 -18.03 21.68
N LYS C 610 26.05 -17.75 22.11
CA LYS C 610 26.30 -16.64 23.01
C LYS C 610 26.26 -15.33 22.25
N CYS C 611 25.50 -14.37 22.79
CA CYS C 611 25.33 -13.07 22.15
C CYS C 611 26.34 -12.05 22.65
N VAL C 612 26.33 -11.77 23.95
CA VAL C 612 27.15 -10.71 24.52
C VAL C 612 28.36 -11.33 25.20
N TRP C 613 29.53 -10.78 24.94
CA TRP C 613 30.75 -11.14 25.64
C TRP C 613 31.08 -10.07 26.68
N ARG C 614 31.75 -10.49 27.75
CA ARG C 614 32.11 -9.54 28.80
C ARG C 614 33.10 -8.52 28.27
N GLY C 615 32.96 -7.28 28.73
CA GLY C 615 33.84 -6.20 28.32
C GLY C 615 33.75 -5.84 26.85
N ASP D 46 -11.31 22.10 -56.19
CA ASP D 46 -12.52 21.46 -56.71
C ASP D 46 -13.37 20.89 -55.58
N PRO D 47 -14.69 21.03 -55.68
CA PRO D 47 -15.57 20.50 -54.64
C PRO D 47 -15.92 19.05 -54.84
N GLY D 48 -15.81 18.57 -56.09
CA GLY D 48 -16.17 17.18 -56.36
C GLY D 48 -15.27 16.20 -55.64
N PHE D 49 -13.96 16.42 -55.70
CA PHE D 49 -13.05 15.54 -54.99
C PHE D 49 -13.19 15.66 -53.49
N GLY D 50 -13.47 16.86 -52.99
CA GLY D 50 -13.72 17.02 -51.56
C GLY D 50 -14.92 16.21 -51.10
N SER D 51 -16.01 16.26 -51.88
CA SER D 51 -17.19 15.49 -51.53
C SER D 51 -16.92 13.98 -51.63
N LEU D 52 -16.20 13.55 -52.65
CA LEU D 52 -15.86 12.13 -52.76
C LEU D 52 -14.98 11.68 -51.60
N GLN D 53 -14.01 12.50 -51.22
CA GLN D 53 -13.14 12.17 -50.10
C GLN D 53 -13.93 12.06 -48.80
N ARG D 54 -14.82 13.01 -48.55
CA ARG D 54 -15.62 12.96 -47.34
C ARG D 54 -16.51 11.72 -47.32
N ARG D 55 -17.17 11.43 -48.45
CA ARG D 55 -18.03 10.25 -48.50
C ARG D 55 -17.23 8.97 -48.31
N LEU D 56 -16.06 8.87 -48.97
CA LEU D 56 -15.26 7.67 -48.87
C LEU D 56 -14.74 7.45 -47.44
N LEU D 57 -14.30 8.52 -46.79
CA LEU D 57 -13.76 8.37 -45.45
C LEU D 57 -14.87 8.11 -44.44
N GLN D 58 -16.06 8.68 -44.68
CA GLN D 58 -17.24 8.33 -43.89
C GLN D 58 -17.59 6.86 -44.05
N GLN D 59 -17.51 6.35 -45.28
CA GLN D 59 -17.73 4.93 -45.51
C GLN D 59 -16.71 4.10 -44.74
N LEU D 60 -15.46 4.55 -44.72
CA LEU D 60 -14.42 3.83 -44.00
C LEU D 60 -14.70 3.79 -42.50
N TYR D 61 -15.16 4.90 -41.93
CA TYR D 61 -15.36 4.94 -40.49
C TYR D 61 -16.64 4.25 -40.04
N GLY D 62 -17.53 3.88 -40.96
CA GLY D 62 -18.74 3.18 -40.60
C GLY D 62 -19.89 4.06 -40.16
N THR D 63 -19.68 5.38 -40.09
CA THR D 63 -20.74 6.29 -39.67
C THR D 63 -21.74 6.57 -40.78
N LEU D 64 -21.69 5.80 -41.87
CA LEU D 64 -22.65 5.96 -42.94
C LEU D 64 -24.05 5.63 -42.42
N PRO D 65 -25.08 6.33 -42.88
CA PRO D 65 -26.43 6.08 -42.35
C PRO D 65 -26.88 4.65 -42.58
N THR D 66 -27.68 4.15 -41.63
CA THR D 66 -28.19 2.80 -41.73
C THR D 66 -29.12 2.67 -42.93
N ASP D 67 -29.40 1.41 -43.30
CA ASP D 67 -30.08 0.89 -44.49
C ASP D 67 -29.16 0.91 -45.71
N GLU D 68 -27.96 1.48 -45.59
CA GLU D 68 -26.96 1.35 -46.65
C GLU D 68 -25.58 1.06 -46.10
N LYS D 69 -25.48 0.63 -44.83
CA LYS D 69 -24.19 0.32 -44.24
C LYS D 69 -23.57 -0.89 -44.93
N ILE D 70 -22.27 -0.82 -45.17
CA ILE D 70 -21.55 -1.90 -45.82
C ILE D 70 -21.36 -3.04 -44.84
N ILE D 71 -21.78 -4.24 -45.24
CA ILE D 71 -21.63 -5.43 -44.42
C ILE D 71 -20.79 -6.44 -45.20
N PHE D 72 -19.77 -6.98 -44.53
CA PHE D 72 -18.85 -7.89 -45.19
C PHE D 72 -19.51 -9.24 -45.44
N THR D 73 -18.94 -9.99 -46.37
CA THR D 73 -19.53 -11.25 -46.81
C THR D 73 -19.22 -12.43 -45.88
N TYR D 74 -18.26 -12.28 -44.97
CA TYR D 74 -17.92 -13.39 -44.08
C TYR D 74 -18.68 -13.36 -42.77
N LEU D 75 -19.20 -12.20 -42.38
CA LEU D 75 -20.04 -12.08 -41.18
C LEU D 75 -21.51 -11.91 -41.53
N GLN D 76 -21.90 -12.12 -42.78
CA GLN D 76 -23.31 -12.06 -43.15
C GLN D 76 -24.11 -13.16 -42.46
N ASP D 77 -23.53 -14.35 -42.34
CA ASP D 77 -24.21 -15.44 -41.64
C ASP D 77 -24.44 -15.08 -40.17
N CYS D 78 -23.42 -14.53 -39.52
CA CYS D 78 -23.56 -14.13 -38.13
C CYS D 78 -24.56 -12.98 -37.99
N GLN D 79 -24.55 -12.05 -38.94
CA GLN D 79 -25.54 -10.97 -38.89
C GLN D 79 -26.95 -11.51 -39.02
N GLN D 80 -27.14 -12.49 -39.91
CA GLN D 80 -28.45 -13.10 -40.05
C GLN D 80 -28.85 -13.81 -38.77
N GLU D 81 -27.90 -14.47 -38.11
CA GLU D 81 -28.21 -15.16 -36.85
C GLU D 81 -28.62 -14.17 -35.75
N ILE D 82 -27.86 -13.08 -35.60
CA ILE D 82 -28.20 -12.09 -34.59
C ILE D 82 -29.52 -11.41 -34.91
N ASP D 83 -29.75 -11.12 -36.20
CA ASP D 83 -31.03 -10.56 -36.62
C ASP D 83 -32.17 -11.51 -36.32
N ARG D 84 -31.97 -12.80 -36.58
CA ARG D 84 -32.97 -13.81 -36.25
C ARG D 84 -33.30 -13.77 -34.77
N ILE D 85 -32.27 -13.76 -33.92
CA ILE D 85 -32.50 -13.76 -32.47
C ILE D 85 -33.27 -12.52 -32.06
N ILE D 86 -32.80 -11.34 -32.47
CA ILE D 86 -33.38 -10.10 -31.97
C ILE D 86 -34.79 -9.89 -32.53
N LYS D 87 -35.04 -10.29 -33.78
CA LYS D 87 -36.38 -10.14 -34.33
C LYS D 87 -37.34 -11.17 -33.73
N GLN D 88 -36.89 -12.41 -33.56
CA GLN D 88 -37.72 -13.39 -32.87
C GLN D 88 -38.04 -12.97 -31.46
N SER D 89 -37.20 -12.14 -30.85
CA SER D 89 -37.47 -11.67 -29.50
C SER D 89 -38.33 -10.42 -29.44
N ILE D 90 -38.16 -9.49 -30.37
CA ILE D 90 -38.90 -8.23 -30.30
C ILE D 90 -40.25 -8.36 -30.99
N ILE D 91 -40.27 -8.91 -32.20
CA ILE D 91 -41.52 -9.03 -32.95
C ILE D 91 -42.48 -9.98 -32.24
N GLN D 92 -41.98 -11.13 -31.82
CA GLN D 92 -42.80 -12.16 -31.21
C GLN D 92 -42.82 -12.09 -29.69
N LYS D 93 -42.12 -11.13 -29.08
CA LYS D 93 -42.13 -10.94 -27.64
C LYS D 93 -41.73 -12.21 -26.89
N GLU D 94 -40.70 -12.88 -27.39
CA GLU D 94 -40.16 -14.09 -26.77
C GLU D 94 -38.81 -13.77 -26.15
N SER D 95 -38.66 -14.10 -24.86
CA SER D 95 -37.47 -13.73 -24.11
C SER D 95 -36.41 -14.82 -24.22
N HIS D 96 -35.17 -14.43 -24.52
CA HIS D 96 -34.07 -15.38 -24.52
C HIS D 96 -32.75 -14.63 -24.41
N SER D 97 -31.71 -15.39 -24.08
CA SER D 97 -30.37 -14.89 -23.80
C SER D 97 -29.39 -15.43 -24.83
N VAL D 98 -28.27 -14.73 -24.99
CA VAL D 98 -27.20 -15.21 -25.86
C VAL D 98 -25.92 -14.50 -25.48
N ILE D 99 -24.80 -15.19 -25.63
CA ILE D 99 -23.48 -14.63 -25.36
C ILE D 99 -22.67 -14.66 -26.64
N LEU D 100 -22.27 -13.48 -27.10
CA LEU D 100 -21.35 -13.37 -28.22
C LEU D 100 -19.92 -13.48 -27.71
N VAL D 101 -19.08 -14.20 -28.44
CA VAL D 101 -17.68 -14.35 -28.09
C VAL D 101 -16.83 -14.10 -29.32
N GLY D 102 -15.66 -13.51 -29.13
CA GLY D 102 -14.75 -13.23 -30.21
C GLY D 102 -13.67 -12.26 -29.76
N PRO D 103 -12.63 -12.12 -30.56
CA PRO D 103 -11.54 -11.22 -30.21
C PRO D 103 -12.01 -9.77 -30.24
N ARG D 104 -11.13 -8.88 -29.78
CA ARG D 104 -11.43 -7.45 -29.84
C ARG D 104 -11.53 -7.01 -31.30
N GLN D 105 -12.46 -6.10 -31.56
CA GLN D 105 -12.73 -5.62 -32.91
C GLN D 105 -13.05 -6.78 -33.85
N SER D 106 -13.95 -7.64 -33.40
CA SER D 106 -14.45 -8.76 -34.19
C SER D 106 -15.87 -8.52 -34.68
N TYR D 107 -16.32 -7.26 -34.70
CA TYR D 107 -17.62 -6.88 -35.25
C TYR D 107 -18.77 -7.54 -34.49
N LYS D 108 -18.86 -7.23 -33.20
CA LYS D 108 -20.00 -7.63 -32.39
C LYS D 108 -20.78 -6.45 -31.85
N THR D 109 -20.10 -5.43 -31.31
CA THR D 109 -20.80 -4.19 -30.98
C THR D 109 -21.33 -3.51 -32.23
N TYR D 110 -20.52 -3.51 -33.30
CA TYR D 110 -20.97 -2.94 -34.56
C TYR D 110 -22.16 -3.70 -35.12
N LEU D 111 -22.13 -5.03 -35.05
CA LEU D 111 -23.23 -5.82 -35.60
C LEU D 111 -24.50 -5.62 -34.79
N LEU D 112 -24.40 -5.63 -33.47
CA LEU D 112 -25.58 -5.40 -32.63
C LEU D 112 -26.14 -4.00 -32.82
N ASP D 113 -25.26 -3.00 -32.93
CA ASP D 113 -25.73 -1.64 -33.18
C ASP D 113 -26.39 -1.52 -34.54
N TYR D 114 -25.84 -2.20 -35.55
CA TYR D 114 -26.48 -2.20 -36.86
C TYR D 114 -27.86 -2.85 -36.80
N GLU D 115 -27.98 -3.97 -36.09
CA GLU D 115 -29.27 -4.62 -35.95
C GLU D 115 -30.27 -3.72 -35.24
N LEU D 116 -29.84 -3.07 -34.16
CA LEU D 116 -30.74 -2.19 -33.42
C LEU D 116 -31.15 -0.98 -34.26
N SER D 117 -30.21 -0.42 -35.02
CA SER D 117 -30.56 0.72 -35.87
C SER D 117 -31.51 0.31 -36.99
N LEU D 118 -31.28 -0.86 -37.59
CA LEU D 118 -32.18 -1.35 -38.62
C LEU D 118 -33.57 -1.59 -38.08
N LEU D 119 -33.67 -2.17 -36.89
CA LEU D 119 -34.96 -2.55 -36.32
C LEU D 119 -35.65 -1.39 -35.62
N GLN D 120 -34.94 -0.29 -35.34
CA GLN D 120 -35.50 0.87 -34.67
C GLN D 120 -36.16 1.85 -35.63
N GLN D 121 -35.72 1.88 -36.89
CA GLN D 121 -36.32 2.78 -37.87
C GLN D 121 -37.75 2.40 -38.22
N SER D 122 -38.19 1.19 -37.87
CA SER D 122 -39.55 0.75 -38.15
C SER D 122 -40.34 0.46 -36.89
N TYR D 123 -39.76 -0.28 -35.94
CA TYR D 123 -40.44 -0.71 -34.72
C TYR D 123 -39.73 -0.08 -33.53
N LYS D 124 -40.12 1.16 -33.21
CA LYS D 124 -39.45 1.92 -32.17
C LYS D 124 -40.21 1.94 -30.85
N GLU D 125 -41.52 1.75 -30.88
CA GLU D 125 -42.35 1.83 -29.70
C GLU D 125 -42.56 0.48 -29.02
N GLN D 126 -41.88 -0.57 -29.49
CA GLN D 126 -42.07 -1.91 -28.96
C GLN D 126 -40.87 -2.43 -28.18
N PHE D 127 -39.82 -1.63 -27.99
CA PHE D 127 -38.64 -2.13 -27.29
C PHE D 127 -37.87 -0.96 -26.70
N ILE D 128 -37.22 -1.22 -25.58
CA ILE D 128 -36.31 -0.27 -24.95
C ILE D 128 -34.95 -0.92 -24.77
N THR D 129 -33.90 -0.17 -25.11
CA THR D 129 -32.54 -0.69 -25.13
C THR D 129 -31.83 -0.27 -23.85
N ILE D 130 -31.33 -1.26 -23.11
CA ILE D 130 -30.57 -1.03 -21.89
C ILE D 130 -29.20 -1.68 -22.09
N ARG D 131 -28.16 -0.86 -22.16
CA ARG D 131 -26.81 -1.34 -22.41
C ARG D 131 -25.94 -1.12 -21.19
N LEU D 132 -25.26 -2.17 -20.76
CA LEU D 132 -24.30 -2.10 -19.67
C LEU D 132 -22.93 -2.50 -20.20
N ASN D 133 -21.89 -1.90 -19.66
CA ASN D 133 -20.52 -2.26 -20.00
C ASN D 133 -19.86 -2.83 -18.76
N GLY D 134 -19.28 -4.02 -18.90
CA GLY D 134 -18.70 -4.71 -17.76
C GLY D 134 -17.48 -4.03 -17.16
N PHE D 135 -16.93 -3.02 -17.84
CA PHE D 135 -15.76 -2.33 -17.34
C PHE D 135 -16.11 -1.14 -16.45
N ILE D 136 -17.01 -0.28 -16.90
CA ILE D 136 -17.32 0.91 -16.12
C ILE D 136 -18.41 0.65 -15.10
N HIS D 137 -19.28 -0.33 -15.34
CA HIS D 137 -20.37 -0.65 -14.42
C HIS D 137 -19.91 -1.75 -13.47
N SER D 138 -19.73 -1.40 -12.20
CA SER D 138 -19.30 -2.35 -11.19
C SER D 138 -20.50 -3.20 -10.74
N GLU D 139 -20.33 -3.95 -9.66
CA GLU D 139 -21.43 -4.77 -9.16
C GLU D 139 -22.51 -3.92 -8.52
N GLN D 140 -22.12 -2.93 -7.72
CA GLN D 140 -23.10 -2.06 -7.08
C GLN D 140 -23.70 -1.06 -8.06
N THR D 141 -22.87 -0.49 -8.94
CA THR D 141 -23.36 0.53 -9.87
C THR D 141 -24.20 -0.05 -10.98
N ALA D 142 -24.18 -1.36 -11.21
CA ALA D 142 -24.98 -1.94 -12.28
C ALA D 142 -26.47 -1.77 -12.02
N ILE D 143 -26.90 -1.93 -10.76
CA ILE D 143 -28.31 -1.73 -10.43
C ILE D 143 -28.72 -0.28 -10.68
N ASN D 144 -27.88 0.67 -10.26
CA ASN D 144 -28.17 2.07 -10.50
C ASN D 144 -28.26 2.38 -11.98
N GLY D 145 -27.33 1.83 -12.77
CA GLY D 145 -27.37 2.05 -14.21
C GLY D 145 -28.61 1.46 -14.86
N ILE D 146 -28.99 0.25 -14.46
CA ILE D 146 -30.18 -0.37 -15.02
C ILE D 146 -31.41 0.45 -14.67
N ALA D 147 -31.52 0.93 -13.44
CA ALA D 147 -32.67 1.73 -13.06
C ALA D 147 -32.71 3.04 -13.83
N THR D 148 -31.56 3.71 -13.94
CA THR D 148 -31.52 4.99 -14.65
C THR D 148 -31.93 4.81 -16.10
N GLN D 149 -31.42 3.77 -16.76
CA GLN D 149 -31.75 3.57 -18.16
C GLN D 149 -33.20 3.14 -18.34
N LEU D 150 -33.73 2.34 -17.41
CA LEU D 150 -35.14 2.00 -17.44
C LEU D 150 -36.00 3.26 -17.38
N GLU D 151 -35.73 4.14 -16.43
CA GLU D 151 -36.55 5.34 -16.30
C GLU D 151 -36.39 6.26 -17.51
N GLN D 152 -35.17 6.35 -18.05
CA GLN D 152 -34.94 7.19 -19.21
C GLN D 152 -35.69 6.69 -20.43
N GLN D 153 -35.59 5.38 -20.71
CA GLN D 153 -36.28 4.83 -21.88
C GLN D 153 -37.79 4.89 -21.69
N LEU D 154 -38.28 4.69 -20.46
CA LEU D 154 -39.71 4.79 -20.22
C LEU D 154 -40.20 6.21 -20.45
N GLN D 155 -39.44 7.21 -20.01
CA GLN D 155 -39.80 8.60 -20.29
C GLN D 155 -39.78 8.88 -21.79
N LYS D 156 -38.78 8.35 -22.49
CA LYS D 156 -38.68 8.61 -23.93
C LYS D 156 -39.85 7.98 -24.69
N ILE D 157 -40.21 6.74 -24.34
CA ILE D 157 -41.30 6.07 -25.05
C ILE D 157 -42.63 6.75 -24.77
N HIS D 158 -42.90 7.09 -23.51
CA HIS D 158 -44.14 7.76 -23.16
C HIS D 158 -43.94 9.28 -23.13
N THR D 171 -40.78 7.43 -8.86
CA THR D 171 -39.85 6.97 -9.88
C THR D 171 -39.15 5.69 -9.44
N ILE D 172 -38.15 5.26 -10.22
CA ILE D 172 -37.45 4.01 -9.96
C ILE D 172 -36.11 4.25 -9.30
N SER D 173 -35.31 5.17 -9.84
CA SER D 173 -33.93 5.35 -9.39
C SER D 173 -33.81 5.98 -8.01
N SER D 174 -34.91 6.47 -7.44
CA SER D 174 -34.85 7.11 -6.13
C SER D 174 -34.76 6.06 -5.03
N GLY D 175 -34.10 6.42 -3.95
CA GLY D 175 -33.97 5.56 -2.79
C GLY D 175 -32.60 4.92 -2.71
N SER D 176 -32.43 4.06 -1.71
CA SER D 176 -31.19 3.34 -1.52
C SER D 176 -31.04 2.27 -2.60
N LEU D 177 -29.87 1.63 -2.64
CA LEU D 177 -29.61 0.67 -3.70
C LEU D 177 -30.46 -0.58 -3.55
N THR D 178 -30.72 -1.02 -2.32
CA THR D 178 -31.60 -2.17 -2.14
C THR D 178 -33.04 -1.82 -2.55
N GLU D 179 -33.49 -0.60 -2.26
CA GLU D 179 -34.79 -0.17 -2.74
C GLU D 179 -34.83 -0.12 -4.26
N VAL D 180 -33.75 0.35 -4.88
CA VAL D 180 -33.68 0.37 -6.34
C VAL D 180 -33.77 -1.04 -6.90
N PHE D 181 -33.04 -1.98 -6.30
CA PHE D 181 -33.05 -3.34 -6.81
C PHE D 181 -34.42 -3.99 -6.66
N GLU D 182 -35.05 -3.84 -5.49
CA GLU D 182 -36.38 -4.41 -5.33
C GLU D 182 -37.38 -3.74 -6.26
N LYS D 183 -37.21 -2.45 -6.54
CA LYS D 183 -38.13 -1.75 -7.43
C LYS D 183 -38.00 -2.26 -8.87
N ILE D 184 -36.77 -2.41 -9.36
CA ILE D 184 -36.63 -2.89 -10.73
C ILE D 184 -37.06 -4.36 -10.84
N LEU D 185 -36.81 -5.15 -9.80
CA LEU D 185 -37.27 -6.53 -9.80
C LEU D 185 -38.79 -6.60 -9.83
N LEU D 186 -39.46 -5.77 -9.02
CA LEU D 186 -40.92 -5.76 -9.01
C LEU D 186 -41.46 -5.26 -10.34
N LEU D 187 -40.81 -4.27 -10.95
CA LEU D 187 -41.24 -3.76 -12.23
C LEU D 187 -41.15 -4.82 -13.31
N LEU D 188 -40.00 -5.47 -13.43
CA LEU D 188 -39.69 -6.21 -14.65
C LEU D 188 -39.80 -7.72 -14.47
N ASP D 189 -39.34 -8.26 -13.33
CA ASP D 189 -39.50 -9.69 -13.09
C ASP D 189 -40.96 -10.05 -12.83
N SER D 190 -41.64 -9.27 -11.99
CA SER D 190 -43.03 -9.52 -11.61
C SER D 190 -43.21 -10.89 -10.99
N SER D 206 -56.52 -5.98 -28.04
CA SER D 206 -55.33 -6.66 -27.50
C SER D 206 -54.10 -5.78 -27.63
N ILE D 207 -53.14 -5.96 -26.71
CA ILE D 207 -51.90 -5.19 -26.69
C ILE D 207 -50.75 -6.14 -26.40
N THR D 208 -49.54 -5.62 -26.54
CA THR D 208 -48.32 -6.37 -26.29
C THR D 208 -47.52 -5.69 -25.17
N LYS D 209 -46.32 -6.21 -24.93
CA LYS D 209 -45.45 -5.74 -23.86
C LYS D 209 -44.16 -5.20 -24.45
N ILE D 210 -43.77 -4.00 -24.04
CA ILE D 210 -42.52 -3.39 -24.50
C ILE D 210 -41.36 -4.25 -24.01
N THR D 211 -40.65 -4.87 -24.93
CA THR D 211 -39.55 -5.76 -24.55
C THR D 211 -38.31 -4.95 -24.17
N VAL D 212 -37.66 -5.39 -23.10
CA VAL D 212 -36.45 -4.75 -22.59
C VAL D 212 -35.26 -5.54 -23.12
N VAL D 213 -34.53 -4.96 -24.07
CA VAL D 213 -33.38 -5.61 -24.66
C VAL D 213 -32.12 -5.17 -23.91
N PHE D 214 -31.53 -6.09 -23.16
CA PHE D 214 -30.27 -5.84 -22.48
C PHE D 214 -29.10 -6.13 -23.42
N ILE D 215 -28.02 -5.38 -23.23
CA ILE D 215 -26.79 -5.61 -23.99
C ILE D 215 -25.62 -5.49 -23.03
N PHE D 216 -25.04 -6.62 -22.66
CA PHE D 216 -23.85 -6.65 -21.82
C PHE D 216 -22.61 -6.63 -22.69
N ASP D 217 -21.72 -5.67 -22.45
CA ASP D 217 -20.40 -5.65 -23.04
C ASP D 217 -19.40 -6.12 -22.00
N GLU D 218 -18.54 -7.06 -22.40
CA GLU D 218 -17.57 -7.66 -21.49
C GLU D 218 -18.28 -8.27 -20.27
N ILE D 219 -19.13 -9.26 -20.54
CA ILE D 219 -19.85 -9.94 -19.50
C ILE D 219 -18.94 -10.77 -18.61
N ASP D 220 -17.70 -11.00 -19.03
CA ASP D 220 -16.77 -11.79 -18.22
C ASP D 220 -16.38 -11.10 -16.92
N THR D 221 -16.53 -9.78 -16.83
CA THR D 221 -16.30 -9.11 -15.55
C THR D 221 -17.43 -9.37 -14.58
N PHE D 222 -18.67 -9.33 -15.06
CA PHE D 222 -19.81 -9.71 -14.23
C PHE D 222 -19.82 -11.20 -13.93
N ALA D 223 -19.12 -11.99 -14.74
CA ALA D 223 -19.07 -13.44 -14.50
C ALA D 223 -18.45 -13.73 -13.14
N GLY D 224 -17.36 -13.07 -12.80
CA GLY D 224 -16.79 -13.11 -11.48
C GLY D 224 -16.33 -14.48 -11.03
N PRO D 225 -15.62 -14.54 -9.90
CA PRO D 225 -15.27 -15.83 -9.33
C PRO D 225 -16.30 -16.38 -8.35
N VAL D 226 -17.01 -15.51 -7.65
CA VAL D 226 -17.77 -15.95 -6.49
C VAL D 226 -19.25 -15.51 -6.50
N ARG D 227 -19.51 -14.22 -6.69
CA ARG D 227 -20.83 -13.68 -6.33
C ARG D 227 -21.87 -13.94 -7.41
N GLN D 228 -21.70 -13.34 -8.58
CA GLN D 228 -22.62 -13.52 -9.71
C GLN D 228 -24.07 -13.21 -9.32
N THR D 229 -24.27 -12.16 -8.54
CA THR D 229 -25.62 -11.83 -8.13
C THR D 229 -26.44 -11.25 -9.27
N LEU D 230 -25.83 -10.45 -10.14
CA LEU D 230 -26.58 -9.82 -11.21
C LEU D 230 -26.93 -10.80 -12.33
N LEU D 231 -25.97 -11.65 -12.71
CA LEU D 231 -26.22 -12.58 -13.82
C LEU D 231 -27.31 -13.58 -13.44
N TYR D 232 -27.30 -14.04 -12.20
CA TYR D 232 -28.35 -14.96 -11.75
C TYR D 232 -29.71 -14.30 -11.85
N ASN D 233 -29.82 -13.06 -11.37
CA ASN D 233 -31.10 -12.36 -11.44
C ASN D 233 -31.56 -12.19 -12.87
N LEU D 234 -30.66 -11.79 -13.77
CA LEU D 234 -31.08 -11.52 -15.14
C LEU D 234 -31.42 -12.78 -15.91
N PHE D 235 -30.71 -13.88 -15.65
CA PHE D 235 -31.04 -15.11 -16.36
C PHE D 235 -32.29 -15.76 -15.81
N ASP D 236 -32.50 -15.73 -14.49
CA ASP D 236 -33.79 -16.16 -13.97
C ASP D 236 -34.90 -15.25 -14.47
N MET D 237 -34.58 -13.99 -14.71
CA MET D 237 -35.53 -13.01 -15.20
C MET D 237 -35.94 -13.31 -16.64
N VAL D 238 -34.98 -13.71 -17.48
CA VAL D 238 -35.31 -14.08 -18.85
C VAL D 238 -35.94 -15.47 -18.91
N GLU D 239 -35.73 -16.30 -17.88
CA GLU D 239 -36.31 -17.64 -17.90
C GLU D 239 -37.74 -17.65 -17.39
N HIS D 240 -38.06 -16.83 -16.38
CA HIS D 240 -39.31 -16.96 -15.66
C HIS D 240 -40.25 -15.75 -15.75
N SER D 241 -39.72 -14.55 -16.00
CA SER D 241 -40.58 -13.38 -15.95
C SER D 241 -41.53 -13.33 -17.14
N ARG D 242 -42.48 -12.39 -17.07
CA ARG D 242 -43.53 -12.28 -18.07
C ARG D 242 -43.15 -11.33 -19.21
N VAL D 243 -42.54 -10.19 -18.90
CA VAL D 243 -42.18 -9.24 -19.97
C VAL D 243 -41.06 -9.84 -20.80
N PRO D 244 -41.11 -9.74 -22.13
CA PRO D 244 -40.02 -10.27 -22.95
C PRO D 244 -38.70 -9.58 -22.63
N VAL D 245 -37.63 -10.37 -22.58
CA VAL D 245 -36.32 -9.88 -22.19
C VAL D 245 -35.28 -10.48 -23.13
N CYS D 246 -34.36 -9.64 -23.60
CA CYS D 246 -33.15 -10.06 -24.28
C CYS D 246 -31.96 -9.73 -23.39
N ILE D 247 -30.90 -10.53 -23.51
CA ILE D 247 -29.62 -10.18 -22.92
C ILE D 247 -28.51 -10.74 -23.80
N PHE D 248 -27.75 -9.84 -24.43
CA PHE D 248 -26.63 -10.18 -25.29
C PHE D 248 -25.36 -9.87 -24.52
N GLY D 249 -24.59 -10.90 -24.19
CA GLY D 249 -23.35 -10.69 -23.48
C GLY D 249 -22.15 -10.75 -24.39
N CYS D 250 -21.58 -9.60 -24.74
CA CYS D 250 -20.46 -9.56 -25.68
C CYS D 250 -19.17 -9.71 -24.88
N THR D 251 -18.66 -10.94 -24.79
CA THR D 251 -17.43 -11.21 -24.07
C THR D 251 -16.37 -11.73 -25.02
N THR D 252 -15.16 -11.88 -24.51
CA THR D 252 -13.99 -12.25 -25.30
C THR D 252 -13.53 -13.67 -25.09
N LYS D 253 -13.56 -14.16 -23.85
CA LYS D 253 -12.99 -15.46 -23.53
C LYS D 253 -13.74 -16.58 -24.23
N LEU D 254 -12.99 -17.52 -24.82
CA LEU D 254 -13.62 -18.68 -25.45
C LEU D 254 -14.32 -19.55 -24.42
N ASN D 255 -13.68 -19.78 -23.27
CA ASN D 255 -14.29 -20.59 -22.22
C ASN D 255 -15.16 -19.75 -21.29
N ILE D 256 -16.11 -19.03 -21.88
CA ILE D 256 -16.97 -18.15 -21.08
C ILE D 256 -17.88 -18.98 -20.18
N LEU D 257 -18.32 -20.15 -20.67
CA LEU D 257 -19.21 -20.98 -19.87
C LEU D 257 -18.55 -21.50 -18.60
N GLU D 258 -17.22 -21.60 -18.58
CA GLU D 258 -16.54 -22.02 -17.37
C GLU D 258 -16.53 -20.93 -16.30
N TYR D 259 -16.78 -19.68 -16.69
CA TYR D 259 -16.81 -18.59 -15.71
C TYR D 259 -18.07 -18.63 -14.86
N LEU D 260 -19.22 -18.91 -15.47
CA LEU D 260 -20.49 -18.87 -14.75
C LEU D 260 -20.60 -20.03 -13.78
N GLU D 261 -21.12 -19.76 -12.59
CA GLU D 261 -21.32 -20.79 -11.59
C GLU D 261 -22.43 -21.73 -12.04
N LYS D 262 -22.65 -22.79 -11.25
CA LYS D 262 -23.56 -23.86 -11.67
C LYS D 262 -24.99 -23.34 -11.83
N ARG D 263 -25.47 -22.53 -10.90
CA ARG D 263 -26.84 -22.05 -10.98
C ARG D 263 -27.03 -21.09 -12.14
N VAL D 264 -26.10 -20.15 -12.31
CA VAL D 264 -26.21 -19.20 -13.41
C VAL D 264 -26.04 -19.92 -14.74
N LYS D 265 -25.19 -20.95 -14.79
CA LYS D 265 -25.04 -21.74 -16.00
C LYS D 265 -26.32 -22.49 -16.32
N SER D 266 -26.99 -23.03 -15.30
CA SER D 266 -28.26 -23.71 -15.53
C SER D 266 -29.32 -22.74 -16.02
N ARG D 267 -29.38 -21.54 -15.43
CA ARG D 267 -30.35 -20.54 -15.87
C ARG D 267 -30.05 -20.09 -17.30
N PHE D 268 -28.78 -19.95 -17.65
CA PHE D 268 -28.40 -19.47 -18.96
C PHE D 268 -28.92 -20.39 -20.05
N SER D 269 -29.34 -19.79 -21.17
CA SER D 269 -29.95 -20.54 -22.27
C SER D 269 -29.00 -21.50 -22.96
N GLN D 270 -27.73 -21.54 -22.54
CA GLN D 270 -26.74 -22.46 -23.10
C GLN D 270 -26.59 -22.28 -24.61
N ARG D 271 -26.75 -21.04 -25.07
CA ARG D 271 -26.60 -20.70 -26.48
C ARG D 271 -25.50 -19.66 -26.61
N VAL D 272 -24.43 -20.02 -27.30
CA VAL D 272 -23.34 -19.11 -27.61
C VAL D 272 -23.05 -19.20 -29.10
N ILE D 273 -23.00 -18.06 -29.77
CA ILE D 273 -22.68 -17.99 -31.18
C ILE D 273 -21.35 -17.28 -31.33
N TYR D 274 -20.39 -17.96 -31.97
CA TYR D 274 -19.02 -17.49 -32.02
C TYR D 274 -18.84 -16.56 -33.22
N MET D 275 -18.11 -15.47 -33.00
CA MET D 275 -17.91 -14.50 -34.06
C MET D 275 -17.17 -15.15 -35.23
N PRO D 276 -17.55 -14.85 -36.46
CA PRO D 276 -16.85 -15.43 -37.62
C PRO D 276 -15.46 -14.84 -37.77
N GLN D 277 -14.59 -15.61 -38.41
CA GLN D 277 -13.21 -15.23 -38.66
C GLN D 277 -12.93 -15.25 -40.15
N ILE D 278 -11.94 -14.46 -40.55
CA ILE D 278 -11.53 -14.38 -41.95
C ILE D 278 -10.79 -15.67 -42.30
N GLN D 279 -11.42 -16.54 -43.09
CA GLN D 279 -10.85 -17.84 -43.39
C GLN D 279 -10.00 -17.84 -44.65
N ASN D 280 -10.27 -16.93 -45.60
CA ASN D 280 -9.55 -16.88 -46.85
C ASN D 280 -9.14 -15.46 -47.16
N LEU D 281 -8.04 -15.32 -47.91
CA LEU D 281 -7.63 -14.00 -48.37
C LEU D 281 -8.67 -13.38 -49.28
N ASP D 282 -9.38 -14.20 -50.05
CA ASP D 282 -10.46 -13.69 -50.91
C ASP D 282 -11.52 -12.99 -50.08
N ASP D 283 -11.81 -13.51 -48.88
CA ASP D 283 -12.78 -12.86 -48.00
C ASP D 283 -12.32 -11.47 -47.62
N MET D 284 -11.04 -11.32 -47.26
CA MET D 284 -10.54 -10.00 -46.87
C MET D 284 -10.51 -9.04 -48.04
N VAL D 285 -10.11 -9.49 -49.23
CA VAL D 285 -10.06 -8.59 -50.37
C VAL D 285 -11.47 -8.18 -50.80
N ASP D 286 -12.43 -9.11 -50.72
CA ASP D 286 -13.81 -8.76 -51.01
C ASP D 286 -14.37 -7.78 -49.99
N ALA D 287 -14.02 -7.97 -48.71
CA ALA D 287 -14.44 -7.02 -47.69
C ALA D 287 -13.86 -5.64 -47.94
N VAL D 288 -12.59 -5.57 -48.33
CA VAL D 288 -11.97 -4.28 -48.62
C VAL D 288 -12.64 -3.63 -49.82
N ARG D 289 -12.95 -4.41 -50.85
CA ARG D 289 -13.64 -3.85 -52.01
C ARG D 289 -15.01 -3.32 -51.61
N ASN D 290 -15.75 -4.06 -50.79
CA ASN D 290 -17.05 -3.59 -50.32
C ASN D 290 -16.92 -2.31 -49.51
N LEU D 291 -15.85 -2.21 -48.71
CA LEU D 291 -15.66 -1.08 -47.82
C LEU D 291 -15.25 0.18 -48.58
N LEU D 292 -14.41 0.05 -49.60
CA LEU D 292 -13.78 1.20 -50.23
C LEU D 292 -14.36 1.54 -51.59
N THR D 293 -15.41 0.85 -52.04
CA THR D 293 -16.05 1.14 -53.32
C THR D 293 -17.34 1.91 -53.05
N VAL D 294 -17.30 3.22 -53.24
CA VAL D 294 -18.50 4.04 -53.08
C VAL D 294 -19.49 3.66 -54.18
N ARG D 295 -20.74 3.44 -53.79
CA ARG D 295 -21.77 2.90 -54.67
C ARG D 295 -22.97 3.84 -54.76
N SER D 296 -22.70 5.14 -54.87
CA SER D 296 -23.75 6.12 -55.04
C SER D 296 -23.20 7.31 -55.80
N GLU D 297 -24.10 8.08 -56.41
CA GLU D 297 -23.71 9.24 -57.22
C GLU D 297 -23.64 10.47 -56.32
N ILE D 298 -22.44 10.79 -55.85
CA ILE D 298 -22.21 11.98 -55.05
C ILE D 298 -21.38 13.00 -55.80
N SER D 299 -20.31 12.56 -56.45
CA SER D 299 -19.35 13.40 -57.13
C SER D 299 -19.16 12.90 -58.55
N PRO D 300 -18.70 13.77 -59.47
CA PRO D 300 -18.43 13.30 -60.84
C PRO D 300 -17.37 12.21 -60.90
N TRP D 301 -16.52 12.08 -59.88
CA TRP D 301 -15.43 11.12 -59.91
C TRP D 301 -15.83 9.71 -59.53
N VAL D 302 -17.04 9.49 -59.02
CA VAL D 302 -17.41 8.16 -58.52
C VAL D 302 -17.35 7.14 -59.65
N SER D 303 -17.74 7.52 -60.86
CA SER D 303 -17.66 6.62 -61.98
C SER D 303 -16.22 6.20 -62.28
N GLN D 304 -15.29 7.15 -62.14
CA GLN D 304 -13.89 6.85 -62.38
C GLN D 304 -13.28 6.04 -61.25
N TRP D 305 -13.30 6.61 -60.03
CA TRP D 305 -12.58 6.04 -58.90
C TRP D 305 -12.88 4.55 -58.74
N ASN D 306 -14.16 4.18 -58.79
CA ASN D 306 -14.54 2.79 -58.57
C ASN D 306 -13.75 1.86 -59.47
N GLU D 307 -13.75 2.12 -60.78
CA GLU D 307 -13.07 1.19 -61.68
C GLU D 307 -11.59 1.15 -61.37
N THR D 308 -11.01 2.31 -61.02
CA THR D 308 -9.62 2.33 -60.59
C THR D 308 -9.39 1.32 -59.48
N LEU D 309 -10.22 1.40 -58.43
CA LEU D 309 -10.07 0.45 -57.33
C LEU D 309 -10.22 -0.97 -57.83
N GLU D 310 -11.19 -1.20 -58.72
CA GLU D 310 -11.37 -2.54 -59.28
C GLU D 310 -10.07 -3.02 -59.89
N LYS D 311 -9.43 -2.17 -60.69
CA LYS D 311 -8.15 -2.55 -61.28
C LYS D 311 -7.14 -2.89 -60.19
N GLU D 312 -7.06 -2.03 -59.17
CA GLU D 312 -6.10 -2.27 -58.09
C GLU D 312 -6.43 -3.54 -57.33
N LEU D 313 -7.67 -4.01 -57.40
CA LEU D 313 -8.05 -5.25 -56.72
C LEU D 313 -8.28 -6.39 -57.71
N SER D 314 -7.91 -6.21 -58.98
CA SER D 314 -8.02 -7.28 -59.96
C SER D 314 -6.69 -7.98 -60.19
N ASP D 315 -5.61 -7.22 -60.34
CA ASP D 315 -4.30 -7.80 -60.54
C ASP D 315 -3.72 -8.27 -59.21
N PRO D 316 -3.38 -9.56 -59.07
CA PRO D 316 -2.81 -10.02 -57.80
C PRO D 316 -1.49 -9.35 -57.44
N ARG D 317 -0.68 -8.97 -58.43
CA ARG D 317 0.61 -8.38 -58.16
C ARG D 317 0.49 -6.93 -57.69
N SER D 318 -0.70 -6.34 -57.77
CA SER D 318 -0.88 -4.93 -57.41
C SER D 318 -0.50 -4.68 -55.97
N ASN D 319 -0.05 -3.47 -55.70
CA ASN D 319 0.52 -3.14 -54.38
C ASN D 319 -0.52 -3.24 -53.28
N LEU D 320 -1.75 -2.77 -53.54
CA LEU D 320 -2.77 -2.82 -52.51
C LEU D 320 -3.13 -4.27 -52.16
N ASN D 321 -3.19 -5.13 -53.17
CA ASN D 321 -3.42 -6.54 -52.91
C ASN D 321 -2.27 -7.15 -52.11
N ARG D 322 -1.04 -6.71 -52.39
CA ARG D 322 0.10 -7.18 -51.62
C ARG D 322 -0.02 -6.77 -50.16
N HIS D 323 -0.44 -5.53 -49.90
CA HIS D 323 -0.60 -5.09 -48.53
C HIS D 323 -1.73 -5.82 -47.84
N ILE D 324 -2.80 -6.14 -48.58
CA ILE D 324 -3.88 -6.94 -48.01
C ILE D 324 -3.38 -8.33 -47.63
N ARG D 325 -2.55 -8.92 -48.48
CA ARG D 325 -1.94 -10.22 -48.15
C ARG D 325 -1.08 -10.12 -46.90
N MET D 326 -0.30 -9.04 -46.80
CA MET D 326 0.53 -8.83 -45.62
C MET D 326 -0.31 -8.73 -44.35
N ASN D 327 -1.38 -7.95 -44.40
CA ASN D 327 -2.25 -7.81 -43.24
C ASN D 327 -2.93 -9.13 -42.91
N PHE D 328 -3.33 -9.89 -43.92
CA PHE D 328 -3.97 -11.18 -43.69
C PHE D 328 -3.01 -12.15 -43.01
N GLU D 329 -1.75 -12.16 -43.43
CA GLU D 329 -0.79 -13.11 -42.86
C GLU D 329 -0.31 -12.68 -41.48
N THR D 330 -0.18 -11.38 -41.22
CA THR D 330 0.37 -10.91 -39.95
C THR D 330 -0.70 -10.60 -38.91
N PHE D 331 -1.57 -9.63 -39.19
CA PHE D 331 -2.60 -9.23 -38.23
C PHE D 331 -3.90 -10.01 -38.42
N ARG D 332 -4.35 -10.16 -39.66
CA ARG D 332 -5.65 -10.72 -39.98
C ARG D 332 -6.77 -9.96 -39.26
N SER D 333 -6.63 -8.64 -39.18
CA SER D 333 -7.62 -7.78 -38.58
C SER D 333 -7.94 -6.65 -39.55
N LEU D 334 -9.16 -6.67 -40.10
CA LEU D 334 -9.57 -5.61 -41.01
C LEU D 334 -9.51 -4.21 -40.40
N PRO D 335 -9.87 -3.98 -39.14
CA PRO D 335 -9.75 -2.62 -38.59
C PRO D 335 -8.34 -2.04 -38.68
N THR D 336 -7.30 -2.87 -38.58
CA THR D 336 -5.95 -2.34 -38.74
C THR D 336 -5.73 -1.80 -40.15
N LEU D 337 -6.16 -2.56 -41.15
CA LEU D 337 -6.04 -2.09 -42.53
C LEU D 337 -6.87 -0.85 -42.76
N LYS D 338 -8.05 -0.77 -42.15
CA LYS D 338 -8.88 0.43 -42.28
C LYS D 338 -8.20 1.64 -41.65
N ASN D 339 -7.60 1.46 -40.47
CA ASN D 339 -6.88 2.55 -39.82
C ASN D 339 -5.66 2.96 -40.63
N SER D 340 -5.12 2.04 -41.43
CA SER D 340 -4.04 2.41 -42.34
C SER D 340 -4.55 3.17 -43.55
N ILE D 341 -5.71 2.76 -44.08
CA ILE D 341 -6.24 3.38 -45.29
C ILE D 341 -6.71 4.80 -45.02
N ILE D 342 -7.29 5.04 -43.84
CA ILE D 342 -7.93 6.33 -43.58
C ILE D 342 -6.99 7.51 -43.81
N PRO D 343 -5.78 7.55 -43.25
CA PRO D 343 -4.88 8.67 -43.58
C PRO D 343 -4.47 8.70 -45.04
N LEU D 344 -4.38 7.53 -45.68
CA LEU D 344 -4.04 7.49 -47.10
C LEU D 344 -5.10 8.18 -47.94
N VAL D 345 -6.37 7.98 -47.62
CA VAL D 345 -7.47 8.59 -48.37
C VAL D 345 -7.81 9.98 -47.86
N ALA D 346 -7.26 10.39 -46.72
CA ALA D 346 -7.47 11.74 -46.23
C ALA D 346 -6.34 12.70 -46.56
N THR D 347 -5.15 12.20 -46.85
CA THR D 347 -4.02 13.07 -47.15
C THR D 347 -4.10 13.65 -48.56
N SER D 348 -4.67 12.88 -49.50
CA SER D 348 -4.70 13.31 -50.89
C SER D 348 -5.49 14.60 -51.06
N LYS D 349 -4.96 15.51 -51.87
CA LYS D 349 -5.57 16.81 -52.09
C LYS D 349 -6.38 16.89 -53.38
N ASN D 350 -6.15 16.02 -54.34
CA ASN D 350 -6.93 15.97 -55.56
C ASN D 350 -7.10 14.52 -55.98
N PHE D 351 -7.93 14.31 -57.01
CA PHE D 351 -8.22 12.96 -57.46
C PHE D 351 -6.99 12.28 -58.04
N GLY D 352 -6.14 13.03 -58.74
CA GLY D 352 -4.93 12.46 -59.27
C GLY D 352 -3.99 11.96 -58.18
N SER D 353 -3.84 12.74 -57.12
CA SER D 353 -3.02 12.30 -55.99
C SER D 353 -3.62 11.07 -55.34
N LEU D 354 -4.94 11.02 -55.19
CA LEU D 354 -5.58 9.84 -54.59
C LEU D 354 -5.35 8.60 -55.45
N CYS D 355 -5.49 8.74 -56.77
CA CYS D 355 -5.28 7.60 -57.66
C CYS D 355 -3.84 7.13 -57.62
N THR D 356 -2.88 8.05 -57.69
CA THR D 356 -1.48 7.62 -57.68
C THR D 356 -1.07 7.06 -56.32
N ALA D 357 -1.69 7.53 -55.23
CA ALA D 357 -1.39 7.00 -53.91
C ALA D 357 -2.02 5.63 -53.68
N ILE D 358 -3.20 5.39 -54.24
CA ILE D 358 -3.79 4.07 -54.13
C ILE D 358 -3.10 3.08 -55.07
N LYS D 359 -2.50 3.58 -56.16
CA LYS D 359 -1.72 2.71 -57.04
C LYS D 359 -0.38 2.36 -56.43
N SER D 360 0.30 3.33 -55.82
CA SER D 360 1.62 3.12 -55.25
C SER D 360 1.58 2.58 -53.83
N CYS D 361 0.59 2.98 -53.03
CA CYS D 361 0.49 2.61 -51.62
C CYS D 361 1.74 3.01 -50.84
N SER D 362 2.36 4.12 -51.23
CA SER D 362 3.54 4.59 -50.51
C SER D 362 3.19 5.00 -49.10
N PHE D 363 2.02 5.63 -48.91
CA PHE D 363 1.65 6.08 -47.58
C PHE D 363 1.39 4.90 -46.65
N LEU D 364 1.00 3.74 -47.18
CA LEU D 364 0.89 2.57 -46.32
C LEU D 364 2.26 2.18 -45.77
N ASP D 365 3.30 2.25 -46.61
CA ASP D 365 4.65 1.98 -46.14
C ASP D 365 5.11 3.03 -45.13
N ILE D 366 4.78 4.29 -45.36
CA ILE D 366 5.13 5.34 -44.41
C ILE D 366 4.44 5.10 -43.07
N TYR D 367 3.16 4.75 -43.11
CA TYR D 367 2.41 4.46 -41.90
C TYR D 367 3.01 3.27 -41.15
N ASN D 368 3.37 2.21 -41.88
CA ASN D 368 3.97 1.05 -41.25
C ASN D 368 5.31 1.41 -40.61
N LYS D 369 6.11 2.22 -41.28
CA LYS D 369 7.37 2.65 -40.69
C LYS D 369 7.15 3.47 -39.44
N ASN D 370 6.14 4.35 -39.45
CA ASN D 370 5.89 5.19 -38.28
C ASN D 370 5.38 4.37 -37.11
N GLN D 371 4.53 3.37 -37.37
CA GLN D 371 3.99 2.56 -36.28
C GLN D 371 5.11 1.82 -35.55
N LEU D 372 6.10 1.35 -36.28
CA LEU D 372 7.22 0.60 -35.72
C LEU D 372 8.39 1.51 -35.34
N SER D 373 8.24 2.83 -35.49
CA SER D 373 9.34 3.77 -35.35
C SER D 373 9.68 4.07 -33.90
N ASN D 374 9.00 3.45 -32.94
CA ASN D 374 9.23 3.81 -31.55
C ASN D 374 9.24 2.62 -30.60
N ASN D 375 9.19 1.38 -31.10
CA ASN D 375 8.98 0.26 -30.17
C ASN D 375 10.28 -0.19 -29.51
N LEU D 376 11.19 -0.78 -30.27
CA LEU D 376 12.46 -1.20 -29.67
C LEU D 376 13.68 -0.97 -30.54
N THR D 377 13.56 -0.91 -31.86
CA THR D 377 14.67 -0.55 -32.72
C THR D 377 14.65 0.90 -33.14
N GLY D 378 13.45 1.48 -33.32
CA GLY D 378 13.36 2.91 -33.45
C GLY D 378 13.85 3.62 -32.21
N ARG D 379 13.63 3.02 -31.04
CA ARG D 379 14.27 3.50 -29.82
C ARG D 379 15.78 3.32 -29.89
N LEU D 380 16.23 2.14 -30.33
CA LEU D 380 17.64 1.79 -30.24
C LEU D 380 18.49 2.66 -31.16
N GLN D 381 17.95 3.10 -32.29
CA GLN D 381 18.70 3.91 -33.22
C GLN D 381 18.76 5.38 -32.81
N SER D 382 18.08 5.77 -31.74
CA SER D 382 18.15 7.13 -31.23
C SER D 382 19.16 7.29 -30.11
N LEU D 383 19.90 6.24 -29.78
CA LEU D 383 20.86 6.31 -28.69
C LEU D 383 22.12 7.04 -29.14
N SER D 384 22.65 7.90 -28.27
CA SER D 384 23.90 8.57 -28.56
C SER D 384 25.07 7.59 -28.38
N ASP D 385 26.29 8.11 -28.56
CA ASP D 385 27.46 7.25 -28.49
C ASP D 385 27.68 6.70 -27.07
N LEU D 386 27.68 7.59 -26.08
CA LEU D 386 27.88 7.14 -24.70
C LEU D 386 26.73 6.27 -24.23
N GLU D 387 25.51 6.63 -24.63
CA GLU D 387 24.36 5.81 -24.26
C GLU D 387 24.47 4.41 -24.85
N LEU D 388 24.89 4.32 -26.11
CA LEU D 388 25.08 3.00 -26.72
C LEU D 388 26.20 2.23 -26.04
N ALA D 389 27.28 2.92 -25.65
CA ALA D 389 28.38 2.24 -24.96
C ALA D 389 27.91 1.68 -23.63
N ILE D 390 27.13 2.46 -22.87
CA ILE D 390 26.64 1.98 -21.58
C ILE D 390 25.66 0.83 -21.78
N LEU D 391 24.80 0.91 -22.80
CA LEU D 391 23.88 -0.17 -23.08
C LEU D 391 24.62 -1.46 -23.43
N ILE D 392 25.65 -1.36 -24.26
CA ILE D 392 26.43 -2.54 -24.62
C ILE D 392 27.14 -3.12 -23.40
N SER D 393 27.72 -2.24 -22.57
CA SER D 393 28.41 -2.71 -21.38
C SER D 393 27.45 -3.43 -20.43
N ALA D 394 26.26 -2.86 -20.24
CA ALA D 394 25.27 -3.51 -19.38
C ALA D 394 24.83 -4.85 -19.95
N ALA D 395 24.66 -4.93 -21.27
CA ALA D 395 24.31 -6.20 -21.88
C ALA D 395 25.42 -7.23 -21.68
N ARG D 396 26.68 -6.81 -21.80
CA ARG D 396 27.80 -7.70 -21.55
C ARG D 396 27.78 -8.24 -20.12
N VAL D 397 27.58 -7.34 -19.15
CA VAL D 397 27.56 -7.76 -17.75
C VAL D 397 26.40 -8.71 -17.49
N ALA D 398 25.24 -8.41 -18.07
CA ALA D 398 24.08 -9.28 -17.89
C ALA D 398 24.33 -10.66 -18.48
N LEU D 399 24.92 -10.73 -19.67
CA LEU D 399 25.19 -12.03 -20.28
C LEU D 399 26.24 -12.81 -19.51
N ARG D 400 27.24 -12.12 -18.95
CA ARG D 400 28.24 -12.82 -18.16
C ARG D 400 27.69 -13.33 -16.84
N ALA D 401 26.73 -12.63 -16.25
CA ALA D 401 26.16 -13.06 -14.99
C ALA D 401 25.28 -14.29 -15.20
N LYS D 402 25.07 -15.04 -14.10
CA LYS D 402 24.33 -16.30 -14.19
C LYS D 402 22.83 -16.05 -14.38
N ASP D 403 22.27 -15.11 -13.62
CA ASP D 403 20.84 -14.84 -13.68
C ASP D 403 20.49 -13.65 -14.56
N GLY D 404 21.48 -13.02 -15.21
CA GLY D 404 21.23 -11.88 -16.04
C GLY D 404 21.14 -10.56 -15.32
N SER D 405 21.11 -10.57 -13.99
CA SER D 405 21.03 -9.33 -13.23
C SER D 405 22.38 -8.64 -13.19
N PHE D 406 22.34 -7.31 -13.08
CA PHE D 406 23.53 -6.50 -12.92
C PHE D 406 23.14 -5.26 -12.13
N ASN D 407 24.08 -4.33 -11.99
CA ASN D 407 23.82 -3.08 -11.30
C ASN D 407 24.69 -2.00 -11.93
N PHE D 408 24.55 -0.77 -11.41
CA PHE D 408 25.22 0.36 -12.04
C PHE D 408 26.73 0.21 -12.01
N ASN D 409 27.28 -0.23 -10.88
CA ASN D 409 28.73 -0.26 -10.73
C ASN D 409 29.37 -1.29 -11.67
N LEU D 410 28.74 -2.47 -11.81
CA LEU D 410 29.28 -3.47 -12.71
C LEU D 410 29.27 -2.98 -14.15
N ALA D 411 28.16 -2.34 -14.56
CA ALA D 411 28.06 -1.82 -15.92
C ALA D 411 29.09 -0.74 -16.16
N TYR D 412 29.29 0.16 -15.20
CA TYR D 412 30.29 1.20 -15.38
C TYR D 412 31.70 0.62 -15.41
N ALA D 413 31.99 -0.38 -14.58
CA ALA D 413 33.30 -1.00 -14.60
C ALA D 413 33.58 -1.65 -15.95
N GLU D 414 32.60 -2.37 -16.49
CA GLU D 414 32.78 -2.97 -17.81
C GLU D 414 32.94 -1.90 -18.88
N TYR D 415 32.17 -0.82 -18.78
CA TYR D 415 32.27 0.26 -19.76
C TYR D 415 33.64 0.91 -19.73
N GLU D 416 34.19 1.16 -18.53
CA GLU D 416 35.49 1.80 -18.43
C GLU D 416 36.60 0.85 -18.89
N LYS D 417 36.47 -0.45 -18.61
CA LYS D 417 37.43 -1.40 -19.15
C LYS D 417 37.37 -1.42 -20.68
N MET D 418 36.16 -1.37 -21.24
CA MET D 418 36.00 -1.36 -22.69
C MET D 418 36.64 -0.13 -23.30
N ILE D 419 36.40 1.04 -22.71
CA ILE D 419 36.95 2.27 -23.25
C ILE D 419 38.46 2.31 -23.10
N LYS D 420 38.99 1.82 -21.98
CA LYS D 420 40.43 1.76 -21.81
C LYS D 420 41.07 0.83 -22.85
N ALA D 421 40.43 -0.31 -23.12
CA ALA D 421 40.95 -1.21 -24.13
C ALA D 421 40.92 -0.56 -25.52
N ILE D 422 39.84 0.13 -25.83
CA ILE D 422 39.74 0.80 -27.14
C ILE D 422 40.82 1.86 -27.26
N ASN D 423 41.01 2.67 -26.22
CA ASN D 423 42.02 3.72 -26.26
C ASN D 423 43.43 3.15 -26.38
N SER D 424 43.71 2.07 -25.65
CA SER D 424 45.02 1.42 -25.77
C SER D 424 45.20 0.82 -27.16
N ARG D 425 44.11 0.41 -27.81
CA ARG D 425 44.22 -0.07 -29.19
C ARG D 425 44.64 1.04 -30.14
N ILE D 426 44.30 2.28 -29.83
CA ILE D 426 44.68 3.41 -30.68
C ILE D 426 46.17 3.65 -30.62
N ASN D 446 39.14 10.46 -32.58
CA ASN D 446 40.31 9.73 -32.10
C ASN D 446 40.13 9.26 -30.67
N THR D 447 40.72 10.01 -29.73
CA THR D 447 40.62 9.67 -28.32
C THR D 447 39.19 9.82 -27.83
N ILE D 448 38.73 8.84 -27.06
CA ILE D 448 37.38 8.83 -26.51
C ILE D 448 37.44 9.29 -25.07
N LYS D 449 36.56 10.23 -24.72
CA LYS D 449 36.50 10.75 -23.35
C LYS D 449 35.74 9.76 -22.49
N LEU D 450 36.46 9.04 -21.63
CA LEU D 450 35.82 8.14 -20.68
C LEU D 450 35.03 8.97 -19.67
N TRP D 451 33.71 8.96 -19.79
CA TRP D 451 32.88 9.82 -18.96
C TRP D 451 32.92 9.36 -17.51
N LEU D 452 32.86 10.33 -16.60
CA LEU D 452 32.99 10.03 -15.18
C LEU D 452 31.71 9.40 -14.65
N LYS D 453 31.76 8.97 -13.39
CA LYS D 453 30.61 8.33 -12.76
C LYS D 453 29.42 9.27 -12.69
N LYS D 454 29.65 10.50 -12.24
CA LYS D 454 28.57 11.46 -12.10
C LYS D 454 28.02 11.95 -13.43
N ASP D 455 28.72 11.69 -14.53
CA ASP D 455 28.21 12.01 -15.85
C ASP D 455 27.59 10.80 -16.55
N VAL D 456 27.91 9.59 -16.10
CA VAL D 456 27.24 8.40 -16.59
C VAL D 456 25.97 8.11 -15.80
N LYS D 457 25.81 8.70 -14.61
CA LYS D 457 24.58 8.52 -13.86
C LYS D 457 23.37 9.04 -14.64
N ASN D 458 23.52 10.20 -15.29
CA ASN D 458 22.42 10.74 -16.08
C ASN D 458 22.10 9.84 -17.27
N VAL D 459 23.12 9.29 -17.94
CA VAL D 459 22.87 8.36 -19.03
C VAL D 459 22.16 7.12 -18.53
N TRP D 460 22.53 6.65 -17.34
CA TRP D 460 21.87 5.49 -16.76
C TRP D 460 20.40 5.78 -16.48
N GLU D 461 20.10 6.96 -15.93
CA GLU D 461 18.72 7.32 -15.65
C GLU D 461 17.93 7.45 -16.94
N ASN D 462 18.51 8.04 -17.97
CA ASN D 462 17.83 8.14 -19.26
C ASN D 462 17.58 6.75 -19.85
N LEU D 463 18.55 5.86 -19.71
CA LEU D 463 18.44 4.53 -20.31
C LEU D 463 17.39 3.69 -19.61
N VAL D 464 17.30 3.79 -18.28
CA VAL D 464 16.24 3.08 -17.56
C VAL D 464 14.90 3.79 -17.72
N GLN D 465 14.90 5.08 -18.08
CA GLN D 465 13.66 5.80 -18.33
C GLN D 465 13.04 5.44 -19.68
N LEU D 466 13.87 5.13 -20.68
CA LEU D 466 13.40 4.67 -21.97
C LEU D 466 13.01 3.20 -21.96
N ASP D 467 12.92 2.60 -20.77
CA ASP D 467 12.48 1.22 -20.60
C ASP D 467 13.42 0.27 -21.35
N PHE D 468 14.72 0.53 -21.26
CA PHE D 468 15.73 -0.41 -21.70
C PHE D 468 16.14 -1.38 -20.60
N PHE D 469 16.08 -0.95 -19.34
CA PHE D 469 16.28 -1.79 -18.19
C PHE D 469 14.97 -1.90 -17.41
N THR D 470 14.91 -2.89 -16.52
CA THR D 470 13.83 -2.98 -15.56
C THR D 470 14.42 -3.33 -14.20
N GLU D 471 13.63 -3.14 -13.14
CA GLU D 471 14.08 -3.50 -11.82
C GLU D 471 14.24 -5.02 -11.71
N LYS D 472 14.74 -5.47 -10.57
CA LYS D 472 15.10 -6.87 -10.38
C LYS D 472 13.89 -7.78 -10.60
N SER D 473 12.90 -7.68 -9.72
CA SER D 473 11.63 -8.39 -9.86
C SER D 473 10.52 -7.38 -9.63
N ALA D 474 10.15 -6.65 -10.68
CA ALA D 474 9.17 -5.59 -10.59
C ALA D 474 8.02 -5.89 -11.54
N VAL D 475 6.80 -5.79 -11.02
CA VAL D 475 5.61 -5.92 -11.84
C VAL D 475 5.20 -4.53 -12.33
N GLY D 476 5.00 -4.40 -13.64
CA GLY D 476 4.79 -3.09 -14.23
C GLY D 476 3.48 -2.44 -13.83
N LEU D 477 2.38 -3.00 -14.29
CA LEU D 477 1.06 -2.50 -13.98
C LEU D 477 0.24 -3.59 -13.32
N ARG D 478 -0.47 -3.23 -12.25
CA ARG D 478 -1.28 -4.19 -11.56
C ARG D 478 -2.55 -4.49 -12.36
N ASP D 479 -3.20 -5.60 -12.01
CA ASP D 479 -4.34 -6.07 -12.77
C ASP D 479 -5.53 -5.12 -12.66
N ASN D 480 -5.75 -4.53 -11.49
CA ASN D 480 -6.94 -3.72 -11.25
C ASN D 480 -6.60 -2.62 -10.24
N ALA D 481 -7.64 -1.95 -9.75
CA ALA D 481 -7.43 -0.79 -8.88
C ALA D 481 -7.04 -1.21 -7.46
N THR D 482 -7.61 -2.29 -6.94
CA THR D 482 -7.30 -2.72 -5.59
C THR D 482 -5.82 -3.10 -5.47
N ALA D 483 -5.31 -3.87 -6.43
CA ALA D 483 -3.91 -4.26 -6.38
C ALA D 483 -2.99 -3.06 -6.54
N ALA D 484 -3.36 -2.12 -7.42
CA ALA D 484 -2.56 -0.91 -7.57
C ALA D 484 -2.53 -0.10 -6.29
N PHE D 485 -3.66 0.00 -5.60
CA PHE D 485 -3.72 0.72 -4.33
C PHE D 485 -2.85 0.03 -3.28
N TYR D 486 -2.95 -1.29 -3.19
CA TYR D 486 -2.12 -2.05 -2.25
C TYR D 486 -0.65 -1.80 -2.52
N ALA D 487 -0.25 -1.82 -3.80
CA ALA D 487 1.14 -1.56 -4.15
C ALA D 487 1.55 -0.14 -3.80
N SER D 488 0.65 0.83 -4.02
CA SER D 488 0.96 2.21 -3.73
C SER D 488 1.21 2.42 -2.24
N ASN D 489 0.45 1.73 -1.39
CA ASN D 489 0.67 1.86 0.04
C ASN D 489 1.98 1.22 0.48
N TYR D 490 2.40 0.15 -0.19
CA TYR D 490 3.62 -0.56 0.17
C TYR D 490 4.86 0.24 -0.27
N GLN D 491 5.98 -0.02 0.40
CA GLN D 491 7.25 0.63 0.10
C GLN D 491 8.22 -0.44 -0.42
N PHE D 492 8.60 -0.34 -1.69
CA PHE D 492 9.45 -1.35 -2.29
C PHE D 492 10.88 -1.24 -1.79
N GLN D 493 11.54 -2.40 -1.64
CA GLN D 493 12.89 -2.42 -1.10
C GLN D 493 13.88 -1.74 -2.02
N GLY D 494 13.73 -1.94 -3.34
CA GLY D 494 14.66 -1.34 -4.29
C GLY D 494 14.68 0.17 -4.23
N THR D 495 13.62 0.80 -3.72
CA THR D 495 13.62 2.24 -3.57
C THR D 495 14.63 2.70 -2.53
N MET D 496 14.74 1.97 -1.41
CA MET D 496 15.61 2.38 -0.32
C MET D 496 17.07 2.05 -0.57
N ILE D 497 17.36 1.06 -1.39
CA ILE D 497 18.74 0.73 -1.73
C ILE D 497 19.36 1.92 -2.46
N PRO D 498 20.61 2.30 -2.17
CA PRO D 498 21.23 3.42 -2.88
C PRO D 498 21.25 3.19 -4.39
N PHE D 499 21.45 4.29 -5.12
CA PHE D 499 21.31 4.28 -6.57
C PHE D 499 22.32 3.35 -7.22
N ASP D 500 23.54 3.28 -6.67
CA ASP D 500 24.59 2.49 -7.30
C ASP D 500 24.28 1.00 -7.28
N LEU D 501 23.69 0.50 -6.19
CA LEU D 501 23.59 -0.94 -5.97
C LEU D 501 22.23 -1.52 -6.34
N ARG D 502 21.37 -0.75 -7.00
CA ARG D 502 20.09 -1.28 -7.44
C ARG D 502 20.30 -2.29 -8.55
N SER D 503 19.82 -3.51 -8.37
CA SER D 503 20.04 -4.58 -9.33
C SER D 503 18.95 -4.55 -10.39
N TYR D 504 19.35 -4.55 -11.66
CA TYR D 504 18.44 -4.42 -12.78
C TYR D 504 18.41 -5.70 -13.61
N GLN D 505 17.64 -5.65 -14.70
CA GLN D 505 17.54 -6.72 -15.66
C GLN D 505 17.33 -6.11 -17.04
N MET D 506 17.64 -6.89 -18.07
CA MET D 506 17.83 -6.40 -19.43
C MET D 506 16.62 -6.71 -20.29
N GLN D 507 16.16 -5.70 -21.04
CA GLN D 507 15.13 -5.93 -22.05
C GLN D 507 15.68 -6.63 -23.28
N ILE D 508 16.87 -6.25 -23.73
CA ILE D 508 17.44 -6.74 -24.98
C ILE D 508 18.73 -7.50 -24.68
N ILE D 509 18.77 -8.76 -25.09
CA ILE D 509 19.95 -9.60 -24.87
C ILE D 509 21.07 -9.11 -25.78
N LEU D 510 22.29 -9.57 -25.53
CA LEU D 510 23.44 -9.06 -26.27
C LEU D 510 23.41 -9.51 -27.73
N GLN D 511 22.90 -10.72 -28.00
CA GLN D 511 22.87 -11.21 -29.37
C GLN D 511 21.99 -10.32 -30.25
N GLU D 512 20.82 -9.92 -29.74
CA GLU D 512 19.95 -9.02 -30.51
C GLU D 512 20.61 -7.66 -30.69
N LEU D 513 21.33 -7.19 -29.67
CA LEU D 513 22.05 -5.93 -29.78
C LEU D 513 23.09 -6.00 -30.90
N ARG D 514 23.79 -7.13 -31.01
CA ARG D 514 24.69 -7.32 -32.15
C ARG D 514 23.92 -7.34 -33.46
N ARG D 515 22.76 -7.99 -33.46
CA ARG D 515 21.96 -8.10 -34.68
C ARG D 515 21.49 -6.74 -35.19
N ILE D 516 21.27 -5.79 -34.29
CA ILE D 516 20.74 -4.49 -34.69
C ILE D 516 21.84 -3.51 -35.08
N ILE D 517 22.88 -3.41 -34.28
CA ILE D 517 23.89 -2.36 -34.47
C ILE D 517 24.59 -2.57 -35.82
N PRO D 518 24.76 -1.53 -36.63
CA PRO D 518 25.41 -1.70 -37.93
C PRO D 518 26.88 -2.07 -37.78
N LYS D 519 27.39 -2.77 -38.80
CA LYS D 519 28.78 -3.22 -38.77
C LYS D 519 29.75 -2.06 -38.74
N SER D 520 29.41 -0.95 -39.40
CA SER D 520 30.31 0.19 -39.49
C SER D 520 30.47 0.92 -38.16
N ASN D 521 29.64 0.63 -37.17
CA ASN D 521 29.75 1.32 -35.89
C ASN D 521 31.05 0.92 -35.19
N MET D 522 31.51 1.83 -34.32
CA MET D 522 32.80 1.68 -33.67
C MET D 522 32.74 0.88 -32.38
N TYR D 523 31.57 0.42 -31.98
CA TYR D 523 31.42 -0.46 -30.82
C TYR D 523 31.06 -1.88 -31.20
N TYR D 524 31.02 -2.20 -32.49
CA TYR D 524 30.58 -3.52 -32.93
C TYR D 524 31.57 -4.62 -32.56
N SER D 525 32.80 -4.26 -32.19
CA SER D 525 33.77 -5.28 -31.80
C SER D 525 33.44 -5.87 -30.43
N TRP D 526 32.91 -5.07 -29.53
CA TRP D 526 32.62 -5.48 -28.15
C TRP D 526 31.20 -6.00 -27.97
N THR D 527 30.43 -6.13 -29.06
CA THR D 527 29.05 -6.58 -28.97
C THR D 527 28.92 -8.09 -28.78
N GLN D 528 30.04 -8.81 -28.70
CA GLN D 528 30.01 -10.23 -28.39
C GLN D 528 31.18 -10.57 -27.48
N LEU D 529 31.00 -11.60 -26.67
CA LEU D 529 32.05 -12.03 -25.74
C LEU D 529 33.22 -12.66 -26.48
N MET G 1 -10.64 16.93 -44.04
CA MET G 1 -11.78 17.29 -44.88
C MET G 1 -11.60 18.70 -45.43
N ASN G 2 -11.75 19.71 -44.57
CA ASN G 2 -11.43 21.09 -44.92
C ASN G 2 -10.70 21.76 -43.77
N VAL G 3 -9.73 21.06 -43.20
CA VAL G 3 -8.98 21.54 -42.04
C VAL G 3 -7.60 21.96 -42.49
N THR G 4 -7.04 22.95 -41.79
CA THR G 4 -5.75 23.53 -42.16
C THR G 4 -4.63 22.86 -41.36
N THR G 5 -3.61 22.37 -42.07
CA THR G 5 -2.50 21.70 -41.44
C THR G 5 -1.42 22.71 -41.07
N PRO G 6 -1.11 22.89 -39.78
CA PRO G 6 -0.12 23.90 -39.40
C PRO G 6 1.28 23.48 -39.82
N GLU G 7 2.17 24.47 -39.88
CA GLU G 7 3.55 24.27 -40.29
C GLU G 7 4.41 24.14 -39.04
N VAL G 8 4.79 22.91 -38.71
CA VAL G 8 5.70 22.64 -37.63
C VAL G 8 7.08 22.35 -38.20
N ALA G 9 8.09 22.34 -37.32
CA ALA G 9 9.47 22.26 -37.79
C ALA G 9 9.82 20.89 -38.36
N PHE G 10 9.77 19.85 -37.53
CA PHE G 10 10.24 18.53 -37.94
C PHE G 10 9.19 17.46 -37.69
N ARG G 11 7.91 17.82 -37.78
CA ARG G 11 6.81 16.89 -37.56
C ARG G 11 5.84 16.95 -38.74
N GLU G 12 6.38 16.86 -39.96
CA GLU G 12 5.54 16.96 -41.14
C GLU G 12 4.53 15.82 -41.21
N TYR G 13 5.01 14.58 -41.11
CA TYR G 13 4.11 13.44 -41.21
C TYR G 13 3.18 13.36 -40.02
N GLN G 14 3.69 13.67 -38.82
CA GLN G 14 2.86 13.60 -37.63
C GLN G 14 1.69 14.57 -37.74
N THR G 15 1.94 15.78 -38.22
CA THR G 15 0.84 16.74 -38.37
C THR G 15 -0.05 16.40 -39.55
N ASN G 16 0.49 15.78 -40.60
CA ASN G 16 -0.37 15.28 -41.68
C ASN G 16 -1.38 14.28 -41.15
N CYS G 17 -0.90 13.28 -40.40
CA CYS G 17 -1.81 12.29 -39.82
C CYS G 17 -2.77 12.93 -38.82
N LEU G 18 -2.28 13.86 -38.02
CA LEU G 18 -3.12 14.49 -37.00
C LEU G 18 -4.26 15.27 -37.66
N ALA G 19 -3.97 15.96 -38.77
CA ALA G 19 -5.02 16.62 -39.52
C ALA G 19 -5.92 15.61 -40.22
N SER G 20 -5.38 14.48 -40.62
CA SER G 20 -6.19 13.43 -41.25
C SER G 20 -7.24 12.89 -40.29
N TYR G 21 -6.89 12.75 -39.01
CA TYR G 21 -7.83 12.18 -38.04
C TYR G 21 -8.73 13.25 -37.44
N ILE G 22 -8.15 14.27 -36.81
CA ILE G 22 -8.96 15.30 -36.16
C ILE G 22 -9.67 16.13 -37.20
N SER G 23 -10.98 16.32 -37.02
CA SER G 23 -11.77 17.16 -37.91
C SER G 23 -13.01 17.62 -37.18
N ALA G 24 -13.60 18.70 -37.67
CA ALA G 24 -14.78 19.28 -37.03
C ALA G 24 -16.05 18.48 -37.29
N ASP G 25 -16.02 17.50 -38.20
CA ASP G 25 -17.19 16.69 -38.49
C ASP G 25 -17.15 15.44 -37.62
N PRO G 26 -18.07 15.26 -36.68
CA PRO G 26 -17.99 14.09 -35.79
C PRO G 26 -18.20 12.77 -36.50
N ASP G 27 -18.80 12.77 -37.69
CA ASP G 27 -19.01 11.51 -38.40
C ASP G 27 -17.72 10.94 -38.98
N ILE G 28 -16.70 11.78 -39.19
CA ILE G 28 -15.48 11.35 -39.84
C ILE G 28 -14.28 11.59 -38.94
N THR G 29 -14.50 11.54 -37.63
CA THR G 29 -13.45 11.71 -36.64
C THR G 29 -13.41 10.51 -35.73
N PRO G 30 -12.25 9.87 -35.55
CA PRO G 30 -12.20 8.67 -34.72
C PRO G 30 -12.54 8.99 -33.27
N SER G 31 -13.24 8.05 -32.63
CA SER G 31 -13.68 8.26 -31.26
C SER G 31 -12.55 8.14 -30.24
N ASN G 32 -11.39 7.65 -30.66
CA ASN G 32 -10.21 7.60 -29.80
C ASN G 32 -8.98 7.86 -30.65
N LEU G 33 -7.93 8.37 -30.01
CA LEU G 33 -6.70 8.65 -30.74
C LEU G 33 -5.59 8.80 -29.73
N ILE G 34 -4.40 8.33 -30.09
CA ILE G 34 -3.26 8.27 -29.17
C ILE G 34 -2.04 8.91 -29.82
N LEU G 35 -1.59 10.03 -29.29
CA LEU G 35 -0.29 10.59 -29.68
C LEU G 35 0.76 9.98 -28.76
N GLN G 36 1.39 8.90 -29.21
CA GLN G 36 2.37 8.19 -28.41
C GLN G 36 3.77 8.66 -28.75
N GLY G 37 4.60 8.81 -27.72
CA GLY G 37 5.98 9.20 -27.88
C GLY G 37 6.63 9.56 -26.56
N TYR G 38 7.96 9.54 -26.49
CA TYR G 38 8.65 9.74 -25.24
C TYR G 38 8.81 11.24 -24.92
N SER G 39 9.45 11.51 -23.79
CA SER G 39 9.65 12.88 -23.35
C SER G 39 10.52 13.65 -24.34
N GLY G 40 10.11 14.86 -24.65
CA GLY G 40 10.85 15.70 -25.58
C GLY G 40 10.62 15.40 -27.04
N THR G 41 9.68 14.51 -27.37
CA THR G 41 9.42 14.20 -28.77
C THR G 41 8.48 15.20 -29.43
N GLY G 42 8.00 16.19 -28.69
CA GLY G 42 7.20 17.24 -29.28
C GLY G 42 5.82 16.80 -29.73
N LYS G 43 4.99 16.38 -28.78
CA LYS G 43 3.61 16.01 -29.08
C LYS G 43 2.60 17.00 -28.55
N THR G 44 2.77 17.50 -27.32
CA THR G 44 1.91 18.59 -26.85
C THR G 44 2.15 19.84 -27.69
N TYR G 45 3.39 20.08 -28.11
CA TYR G 45 3.67 21.26 -28.92
C TYR G 45 2.94 21.23 -30.25
N THR G 46 3.07 20.12 -30.99
CA THR G 46 2.40 20.04 -32.28
C THR G 46 0.89 19.95 -32.12
N LEU G 47 0.41 19.31 -31.05
CA LEU G 47 -1.03 19.26 -30.81
C LEU G 47 -1.59 20.66 -30.55
N LYS G 48 -0.88 21.44 -29.73
CA LYS G 48 -1.29 22.81 -29.46
C LYS G 48 -1.21 23.67 -30.70
N LYS G 49 -0.17 23.48 -31.52
CA LYS G 49 -0.09 24.20 -32.78
C LYS G 49 -1.27 23.87 -33.67
N TYR G 50 -1.66 22.60 -33.73
CA TYR G 50 -2.81 22.21 -34.54
C TYR G 50 -4.08 22.85 -34.03
N PHE G 51 -4.31 22.80 -32.72
CA PHE G 51 -5.55 23.36 -32.18
C PHE G 51 -5.57 24.88 -32.17
N ASN G 52 -4.41 25.51 -32.31
CA ASN G 52 -4.36 26.96 -32.51
C ASN G 52 -4.43 27.35 -33.97
N ALA G 53 -4.17 26.42 -34.89
CA ALA G 53 -4.31 26.69 -36.31
C ALA G 53 -5.71 26.40 -36.84
N ASN G 54 -6.56 25.75 -36.06
CA ASN G 54 -7.96 25.50 -36.43
C ASN G 54 -8.85 25.90 -35.26
N PRO G 55 -9.07 27.21 -35.06
CA PRO G 55 -9.91 27.64 -33.94
C PRO G 55 -11.37 27.24 -34.10
N ASN G 56 -11.81 26.89 -35.30
CA ASN G 56 -13.22 26.56 -35.51
C ASN G 56 -13.66 25.30 -34.78
N LEU G 57 -12.73 24.44 -34.40
CA LEU G 57 -13.04 23.21 -33.68
C LEU G 57 -12.55 23.32 -32.24
N HIS G 58 -13.37 22.83 -31.31
CA HIS G 58 -13.21 23.12 -29.89
C HIS G 58 -12.52 21.98 -29.16
N ALA G 59 -11.66 22.33 -28.21
CA ALA G 59 -10.94 21.34 -27.44
C ALA G 59 -10.91 21.74 -25.98
N VAL G 60 -10.79 20.74 -25.11
CA VAL G 60 -10.60 20.92 -23.68
C VAL G 60 -9.29 20.25 -23.30
N TRP G 61 -8.42 21.00 -22.63
CA TRP G 61 -7.07 20.52 -22.32
C TRP G 61 -7.02 20.06 -20.88
N LEU G 62 -6.59 18.82 -20.67
CA LEU G 62 -6.46 18.24 -19.35
C LEU G 62 -5.03 17.76 -19.13
N GLU G 63 -4.62 17.74 -17.86
CA GLU G 63 -3.30 17.27 -17.46
C GLU G 63 -3.47 16.25 -16.35
N PRO G 64 -3.56 14.96 -16.69
CA PRO G 64 -3.74 13.94 -15.64
C PRO G 64 -2.60 13.86 -14.63
N VAL G 65 -1.46 14.50 -14.88
CA VAL G 65 -0.41 14.55 -13.87
C VAL G 65 -0.92 15.25 -12.62
N GLU G 66 -1.64 16.35 -12.81
CA GLU G 66 -2.18 17.09 -11.67
C GLU G 66 -3.31 16.36 -10.97
N LEU G 67 -3.95 15.41 -11.64
CA LEU G 67 -5.09 14.66 -11.12
C LEU G 67 -4.61 13.24 -10.84
N VAL G 68 -4.13 13.01 -9.62
CA VAL G 68 -3.33 11.83 -9.34
C VAL G 68 -4.14 10.54 -9.53
N SER G 69 -5.33 10.47 -8.93
CA SER G 69 -6.11 9.25 -8.97
C SER G 69 -7.10 9.31 -10.12
N TRP G 70 -8.01 8.34 -10.17
CA TRP G 70 -9.02 8.32 -11.23
C TRP G 70 -10.25 9.13 -10.87
N LYS G 71 -10.64 9.16 -9.60
CA LYS G 71 -11.79 9.97 -9.20
C LYS G 71 -11.58 11.46 -9.44
N PRO G 72 -10.44 12.07 -9.06
CA PRO G 72 -10.21 13.46 -9.48
C PRO G 72 -10.19 13.62 -10.99
N LEU G 73 -9.72 12.61 -11.73
CA LEU G 73 -9.74 12.70 -13.18
C LEU G 73 -11.17 12.79 -13.70
N LEU G 74 -12.06 11.95 -13.19
CA LEU G 74 -13.46 12.01 -13.62
C LEU G 74 -14.10 13.33 -13.24
N GLN G 75 -13.84 13.80 -12.01
CA GLN G 75 -14.43 15.06 -11.58
C GLN G 75 -13.94 16.22 -12.43
N ALA G 76 -12.66 16.23 -12.77
CA ALA G 76 -12.13 17.30 -13.61
C ALA G 76 -12.67 17.21 -15.03
N ILE G 77 -12.83 15.99 -15.55
CA ILE G 77 -13.44 15.83 -16.87
C ILE G 77 -14.82 16.47 -16.89
N ALA G 78 -15.65 16.11 -15.90
CA ALA G 78 -17.01 16.65 -15.85
C ALA G 78 -17.00 18.16 -15.71
N ARG G 79 -16.18 18.69 -14.80
CA ARG G 79 -16.17 20.13 -14.55
C ARG G 79 -15.71 20.90 -15.78
N THR G 80 -14.62 20.45 -16.41
CA THR G 80 -14.10 21.18 -17.56
C THR G 80 -15.03 21.08 -18.76
N VAL G 81 -15.67 19.92 -18.96
CA VAL G 81 -16.62 19.81 -20.06
C VAL G 81 -17.80 20.75 -19.84
N GLN G 82 -18.31 20.80 -18.60
CA GLN G 82 -19.41 21.71 -18.31
C GLN G 82 -19.00 23.16 -18.54
N TYR G 83 -17.82 23.54 -18.06
CA TYR G 83 -17.37 24.92 -18.20
C TYR G 83 -17.17 25.29 -19.68
N LYS G 84 -16.56 24.39 -20.45
CA LYS G 84 -16.35 24.67 -21.87
C LYS G 84 -17.68 24.79 -22.61
N LEU G 85 -18.63 23.92 -22.31
CA LEU G 85 -19.92 24.01 -22.98
C LEU G 85 -20.65 25.29 -22.61
N LYS G 86 -20.53 25.73 -21.35
CA LYS G 86 -21.13 27.01 -20.95
C LYS G 86 -20.46 28.18 -21.68
N THR G 87 -19.14 28.15 -21.80
CA THR G 87 -18.44 29.23 -22.47
C THR G 87 -18.79 29.29 -23.96
N LEU G 88 -18.89 28.14 -24.61
CA LEU G 88 -19.13 28.11 -26.06
C LEU G 88 -20.50 28.66 -26.40
N TYR G 89 -21.54 28.27 -25.66
CA TYR G 89 -22.92 28.61 -25.98
C TYR G 89 -23.58 29.23 -24.76
N PRO G 90 -23.26 30.48 -24.43
CA PRO G 90 -23.85 31.12 -23.25
C PRO G 90 -25.35 31.37 -23.39
N ASN G 91 -25.89 31.38 -24.60
CA ASN G 91 -27.31 31.65 -24.79
C ASN G 91 -28.19 30.47 -24.41
N ILE G 92 -27.66 29.25 -24.39
CA ILE G 92 -28.47 28.09 -24.05
C ILE G 92 -28.78 28.11 -22.56
N PRO G 93 -30.06 28.02 -22.16
CA PRO G 93 -30.39 27.97 -20.72
C PRO G 93 -30.09 26.59 -20.16
N THR G 94 -29.18 26.53 -19.19
CA THR G 94 -28.68 25.27 -18.67
C THR G 94 -28.56 25.33 -17.16
N THR G 95 -28.96 24.25 -16.50
CA THR G 95 -28.69 24.07 -15.08
C THR G 95 -27.33 23.42 -14.88
N ASP G 96 -26.74 23.66 -13.72
CA ASP G 96 -25.41 23.16 -13.42
C ASP G 96 -25.50 21.86 -12.62
N TYR G 97 -24.51 21.01 -12.83
CA TYR G 97 -24.35 19.77 -12.06
C TYR G 97 -23.04 19.87 -11.29
N ASP G 98 -23.10 19.55 -10.01
CA ASP G 98 -21.93 19.66 -9.16
C ASP G 98 -20.86 18.68 -9.64
N PRO G 99 -19.65 19.14 -9.98
CA PRO G 99 -18.62 18.22 -10.45
C PRO G 99 -18.19 17.21 -9.41
N LEU G 100 -18.45 17.47 -8.12
CA LEU G 100 -18.09 16.53 -7.06
C LEU G 100 -19.13 15.44 -6.87
N GLN G 101 -20.21 15.45 -7.65
CA GLN G 101 -21.22 14.41 -7.55
C GLN G 101 -20.82 13.11 -8.25
N VAL G 102 -19.75 13.12 -9.02
CA VAL G 102 -19.30 11.94 -9.75
C VAL G 102 -18.23 11.23 -8.94
N GLU G 103 -18.44 9.95 -8.67
CA GLU G 103 -17.50 9.14 -7.90
C GLU G 103 -17.15 7.81 -8.55
N GLU G 104 -17.93 7.34 -9.52
CA GLU G 104 -17.65 6.14 -10.29
C GLU G 104 -17.77 6.47 -11.76
N PRO G 105 -17.21 5.66 -12.64
CA PRO G 105 -17.38 5.90 -14.09
C PRO G 105 -18.84 5.95 -14.51
N PHE G 106 -19.72 5.18 -13.87
CA PHE G 106 -21.13 5.25 -14.21
C PHE G 106 -21.70 6.63 -13.93
N LEU G 107 -21.31 7.24 -12.80
CA LEU G 107 -21.77 8.59 -12.52
C LEU G 107 -21.26 9.58 -13.55
N LEU G 108 -20.05 9.37 -14.08
CA LEU G 108 -19.58 10.24 -15.14
C LEU G 108 -20.41 10.05 -16.40
N VAL G 109 -20.77 8.81 -16.72
CA VAL G 109 -21.65 8.57 -17.87
C VAL G 109 -22.96 9.32 -17.69
N LYS G 110 -23.56 9.22 -16.51
CA LYS G 110 -24.85 9.85 -16.26
C LYS G 110 -24.73 11.38 -16.30
N THR G 111 -23.68 11.94 -15.70
CA THR G 111 -23.51 13.38 -15.71
C THR G 111 -23.25 13.92 -17.11
N LEU G 112 -22.43 13.22 -17.90
CA LEU G 112 -22.21 13.64 -19.27
C LEU G 112 -23.51 13.57 -20.07
N HIS G 113 -24.30 12.52 -19.86
CA HIS G 113 -25.58 12.43 -20.55
C HIS G 113 -26.51 13.57 -20.16
N ASN G 114 -26.55 13.91 -18.87
CA ASN G 114 -27.43 14.98 -18.41
C ASN G 114 -26.98 16.34 -18.91
N ILE G 115 -25.66 16.55 -19.01
CA ILE G 115 -25.17 17.81 -19.56
C ILE G 115 -25.45 17.89 -21.06
N PHE G 116 -25.31 16.77 -21.77
CA PHE G 116 -25.46 16.79 -23.21
C PHE G 116 -26.92 16.88 -23.65
N VAL G 117 -27.85 16.33 -22.87
CA VAL G 117 -29.25 16.43 -23.28
C VAL G 117 -29.75 17.86 -23.18
N GLN G 118 -29.29 18.62 -22.19
CA GLN G 118 -29.72 19.99 -22.03
C GLN G 118 -29.10 20.94 -23.05
N TYR G 119 -28.27 20.43 -23.96
CA TYR G 119 -27.73 21.20 -25.07
C TYR G 119 -28.25 20.70 -26.41
N GLU G 120 -29.50 20.24 -26.44
CA GLU G 120 -30.07 19.63 -27.64
C GLU G 120 -30.55 20.64 -28.67
N SER G 121 -30.51 21.92 -28.35
CA SER G 121 -30.97 22.96 -29.26
C SER G 121 -29.88 23.45 -30.21
N LEU G 122 -28.72 22.80 -30.21
CA LEU G 122 -27.67 23.16 -31.16
C LEU G 122 -28.14 22.88 -32.58
N GLN G 123 -27.74 23.76 -33.50
CA GLN G 123 -28.20 23.66 -34.88
C GLN G 123 -27.52 22.51 -35.63
N GLU G 124 -26.23 22.32 -35.43
CA GLU G 124 -25.45 21.35 -36.20
C GLU G 124 -24.71 20.41 -35.27
N LYS G 125 -24.34 19.25 -35.83
CA LYS G 125 -23.54 18.29 -35.07
C LYS G 125 -22.22 18.91 -34.67
N THR G 126 -21.86 18.76 -33.39
CA THR G 126 -20.66 19.36 -32.84
C THR G 126 -19.86 18.28 -32.12
N CYS G 127 -18.56 18.26 -32.38
CA CYS G 127 -17.65 17.34 -31.72
C CYS G 127 -16.73 18.13 -30.78
N LEU G 128 -16.56 17.63 -29.56
CA LEU G 128 -15.76 18.29 -28.54
C LEU G 128 -14.61 17.38 -28.16
N PHE G 129 -13.38 17.84 -28.38
CA PHE G 129 -12.19 17.02 -28.16
C PHE G 129 -11.72 17.21 -26.72
N LEU G 130 -11.57 16.10 -26.00
CA LEU G 130 -11.12 16.13 -24.62
C LEU G 130 -9.72 15.51 -24.59
N ILE G 131 -8.71 16.37 -24.51
CA ILE G 131 -7.32 15.95 -24.63
C ILE G 131 -6.80 15.55 -23.26
N LEU G 132 -6.72 14.25 -23.01
CA LEU G 132 -6.13 13.73 -21.78
C LEU G 132 -4.62 13.68 -21.96
N ASP G 133 -4.00 14.86 -21.90
CA ASP G 133 -2.58 15.01 -22.23
C ASP G 133 -1.73 14.52 -21.07
N GLY G 134 -1.24 13.29 -21.19
CA GLY G 134 -0.40 12.72 -20.15
C GLY G 134 -1.08 11.59 -19.40
N PHE G 135 -1.88 10.80 -20.12
CA PHE G 135 -2.67 9.75 -19.47
C PHE G 135 -1.79 8.70 -18.83
N ASP G 136 -0.68 8.35 -19.47
CA ASP G 136 0.24 7.36 -18.89
C ASP G 136 1.01 7.91 -17.71
N SER G 137 1.07 9.23 -17.55
CA SER G 137 1.79 9.84 -16.45
C SER G 137 0.98 9.91 -15.17
N LEU G 138 -0.05 9.07 -15.05
CA LEU G 138 -0.87 9.03 -13.85
C LEU G 138 -0.12 8.28 -12.76
N GLN G 139 -0.25 8.77 -11.52
CA GLN G 139 0.43 8.14 -10.39
C GLN G 139 -0.38 7.04 -9.74
N ASP G 140 -1.64 6.85 -10.15
CA ASP G 140 -2.44 5.74 -9.66
C ASP G 140 -2.85 4.88 -10.85
N LEU G 141 -1.90 4.59 -11.72
CA LEU G 141 -2.20 3.90 -12.97
C LEU G 141 -2.29 2.40 -12.75
N ASP G 142 -3.15 1.77 -13.55
CA ASP G 142 -3.30 0.33 -13.57
C ASP G 142 -3.81 -0.09 -14.93
N ALA G 143 -3.65 -1.38 -15.25
CA ALA G 143 -3.93 -1.85 -16.60
C ALA G 143 -5.40 -1.72 -16.97
N ALA G 144 -6.29 -1.75 -15.97
CA ALA G 144 -7.72 -1.80 -16.21
C ALA G 144 -8.41 -0.45 -16.06
N LEU G 145 -7.73 0.64 -16.43
CA LEU G 145 -8.32 1.97 -16.40
C LEU G 145 -8.48 2.57 -17.77
N PHE G 146 -7.48 2.41 -18.65
CA PHE G 146 -7.55 3.03 -19.97
C PHE G 146 -8.74 2.52 -20.76
N ASN G 147 -9.01 1.21 -20.70
CA ASN G 147 -10.11 0.65 -21.47
C ASN G 147 -11.47 1.13 -21.00
N LYS G 148 -11.58 1.62 -19.76
CA LYS G 148 -12.80 2.33 -19.36
C LYS G 148 -13.02 3.55 -20.24
N TYR G 149 -11.98 4.36 -20.42
CA TYR G 149 -12.10 5.52 -21.30
C TYR G 149 -12.22 5.12 -22.75
N ILE G 150 -11.70 3.94 -23.12
CA ILE G 150 -11.84 3.46 -24.48
C ILE G 150 -13.30 3.16 -24.79
N LYS G 151 -13.97 2.43 -23.91
CA LYS G 151 -15.35 2.03 -24.12
C LYS G 151 -16.36 3.03 -23.58
N LEU G 152 -15.89 4.16 -23.03
CA LEU G 152 -16.82 5.18 -22.55
C LEU G 152 -17.73 5.68 -23.66
N ASN G 153 -17.19 5.87 -24.88
CA ASN G 153 -17.98 6.46 -25.95
C ASN G 153 -19.16 5.60 -26.38
N GLU G 154 -19.18 4.32 -25.99
CA GLU G 154 -20.32 3.47 -26.32
C GLU G 154 -21.53 3.79 -25.46
N LEU G 155 -21.31 4.23 -24.23
CA LEU G 155 -22.39 4.44 -23.26
C LEU G 155 -23.09 5.78 -23.41
N LEU G 156 -22.63 6.63 -24.32
CA LEU G 156 -23.22 7.95 -24.50
C LEU G 156 -24.20 7.93 -25.66
N PRO G 157 -25.19 8.84 -25.67
CA PRO G 157 -26.21 8.80 -26.72
C PRO G 157 -25.61 8.95 -28.11
N LYS G 158 -26.17 8.20 -29.06
CA LYS G 158 -25.63 8.20 -30.42
C LYS G 158 -26.03 9.48 -31.18
N ASP G 159 -27.24 9.96 -30.98
CA ASP G 159 -27.80 11.05 -31.77
C ASP G 159 -27.65 12.41 -31.12
N SER G 160 -26.90 12.50 -30.02
CA SER G 160 -26.74 13.77 -29.33
C SER G 160 -26.03 14.78 -30.22
N LYS G 161 -26.40 16.05 -30.07
CA LYS G 161 -25.78 17.09 -30.88
C LYS G 161 -24.29 17.23 -30.57
N ILE G 162 -23.92 17.13 -29.30
CA ILE G 162 -22.53 17.24 -28.88
C ILE G 162 -21.98 15.84 -28.66
N ASN G 163 -20.92 15.51 -29.39
CA ASN G 163 -20.20 14.25 -29.22
C ASN G 163 -18.81 14.55 -28.68
N ILE G 164 -18.39 13.79 -27.67
CA ILE G 164 -17.09 13.99 -27.05
C ILE G 164 -16.13 12.96 -27.63
N LYS G 165 -15.03 13.44 -28.21
CA LYS G 165 -14.00 12.59 -28.78
C LYS G 165 -12.76 12.72 -27.92
N PHE G 166 -12.13 11.59 -27.61
CA PHE G 166 -10.97 11.56 -26.75
C PHE G 166 -9.69 11.57 -27.58
N ILE G 167 -8.68 12.27 -27.09
CA ILE G 167 -7.36 12.32 -27.69
C ILE G 167 -6.37 12.10 -26.57
N TYR G 168 -5.93 10.85 -26.37
CA TYR G 168 -5.04 10.58 -25.26
C TYR G 168 -3.61 10.90 -25.64
N THR G 169 -2.72 10.77 -24.66
CA THR G 169 -1.31 11.11 -24.86
C THR G 169 -0.51 10.31 -23.84
N MET G 170 0.18 9.27 -24.31
CA MET G 170 0.98 8.41 -23.46
C MET G 170 2.42 8.42 -23.94
N LEU G 171 3.33 7.99 -23.06
CA LEU G 171 4.76 8.20 -23.27
C LEU G 171 5.55 6.96 -22.88
N GLU G 172 5.04 5.77 -23.17
CA GLU G 172 5.76 4.59 -22.69
C GLU G 172 6.00 3.52 -23.76
N THR G 173 5.10 3.43 -24.74
CA THR G 173 5.07 2.44 -25.83
C THR G 173 5.21 1.02 -25.33
N SER G 174 5.05 0.81 -24.03
CA SER G 174 4.75 -0.50 -23.48
C SER G 174 3.42 -0.51 -22.74
N PHE G 175 2.94 0.65 -22.30
CA PHE G 175 1.56 0.77 -21.87
C PHE G 175 0.61 0.73 -23.06
N LEU G 176 1.00 1.33 -24.18
CA LEU G 176 0.16 1.33 -25.36
C LEU G 176 -0.04 -0.07 -25.90
N GLN G 177 1.03 -0.86 -25.95
CA GLN G 177 0.93 -2.19 -26.55
C GLN G 177 0.00 -3.11 -25.77
N ARG G 178 -0.20 -2.85 -24.48
CA ARG G 178 -1.16 -3.63 -23.71
C ARG G 178 -2.55 -3.58 -24.34
N TYR G 179 -2.90 -2.46 -24.97
CA TYR G 179 -4.16 -2.30 -25.66
C TYR G 179 -3.99 -2.33 -27.17
N SER G 180 -2.91 -2.94 -27.67
CA SER G 180 -2.64 -2.95 -29.10
C SER G 180 -3.72 -3.66 -29.89
N THR G 181 -4.48 -4.54 -29.26
CA THR G 181 -5.56 -5.24 -29.96
C THR G 181 -6.84 -4.44 -30.04
N HIS G 182 -6.91 -3.28 -29.39
CA HIS G 182 -8.11 -2.45 -29.52
C HIS G 182 -8.19 -1.77 -30.88
N CYS G 183 -7.09 -1.72 -31.61
CA CYS G 183 -7.04 -1.14 -32.96
C CYS G 183 -7.57 0.29 -32.97
N ILE G 184 -7.20 1.06 -31.95
CA ILE G 184 -7.54 2.48 -31.91
C ILE G 184 -6.46 3.25 -32.67
N PRO G 185 -6.85 4.15 -33.58
CA PRO G 185 -5.83 4.84 -34.39
C PRO G 185 -4.89 5.64 -33.52
N THR G 186 -3.61 5.57 -33.84
CA THR G 186 -2.57 6.20 -33.04
C THR G 186 -1.51 6.80 -33.94
N VAL G 187 -0.83 7.82 -33.44
CA VAL G 187 0.22 8.52 -34.16
C VAL G 187 1.46 8.44 -33.29
N MET G 188 2.39 7.56 -33.64
CA MET G 188 3.62 7.41 -32.87
C MET G 188 4.60 8.53 -33.20
N PHE G 189 5.19 9.10 -32.16
CA PHE G 189 6.11 10.23 -32.29
C PHE G 189 7.54 9.75 -32.05
N PRO G 190 8.37 9.64 -33.08
CA PRO G 190 9.77 9.24 -32.85
C PRO G 190 10.55 10.34 -32.16
N ARG G 191 11.70 9.95 -31.62
CA ARG G 191 12.57 10.87 -30.91
C ARG G 191 13.27 11.77 -31.93
N TYR G 192 14.18 12.62 -31.44
CA TYR G 192 14.81 13.64 -32.26
C TYR G 192 16.28 13.33 -32.49
N ASN G 193 16.75 13.61 -33.71
CA ASN G 193 18.15 13.45 -34.04
C ASN G 193 18.98 14.58 -33.41
N VAL G 194 20.30 14.42 -33.48
CA VAL G 194 21.18 15.45 -32.94
C VAL G 194 21.05 16.75 -33.73
N ASP G 195 21.02 16.66 -35.06
CA ASP G 195 20.82 17.85 -35.88
C ASP G 195 19.42 18.42 -35.66
N GLU G 196 18.42 17.55 -35.57
CA GLU G 196 17.05 18.01 -35.31
C GLU G 196 16.96 18.74 -33.98
N VAL G 197 17.53 18.16 -32.93
CA VAL G 197 17.44 18.81 -31.62
C VAL G 197 18.23 20.10 -31.58
N SER G 198 19.38 20.15 -32.28
CA SER G 198 20.12 21.40 -32.37
C SER G 198 19.30 22.47 -33.06
N THR G 199 18.65 22.13 -34.17
CA THR G 199 17.82 23.10 -34.88
C THR G 199 16.64 23.55 -34.03
N ILE G 200 16.02 22.63 -33.30
CA ILE G 200 14.91 23.01 -32.43
C ILE G 200 15.37 23.95 -31.33
N LEU G 201 16.53 23.67 -30.72
CA LEU G 201 17.04 24.55 -29.68
C LEU G 201 17.35 25.93 -30.24
N VAL G 202 17.98 25.99 -31.42
CA VAL G 202 18.23 27.28 -32.07
C VAL G 202 16.93 28.04 -32.26
N MET G 203 15.94 27.38 -32.88
CA MET G 203 14.68 28.03 -33.21
C MET G 203 13.95 28.52 -31.97
N SER G 204 13.96 27.74 -30.89
CA SER G 204 13.19 28.07 -29.70
C SER G 204 13.96 28.89 -28.68
N ARG G 205 15.27 29.12 -28.87
CA ARG G 205 16.02 29.82 -27.84
C ARG G 205 16.86 31.01 -28.32
N CYS G 206 17.07 31.19 -29.63
CA CYS G 206 17.89 32.33 -30.05
C CYS G 206 17.23 33.65 -29.68
N GLY G 207 15.91 33.75 -29.81
CA GLY G 207 15.24 34.99 -29.44
C GLY G 207 15.43 35.33 -27.97
N GLU G 208 15.20 34.35 -27.09
CA GLU G 208 15.34 34.59 -25.67
C GLU G 208 16.79 34.91 -25.31
N LEU G 209 17.75 34.17 -25.87
CA LEU G 209 19.15 34.42 -25.55
C LEU G 209 19.61 35.78 -26.05
N MET G 210 19.15 36.18 -27.24
CA MET G 210 19.47 37.50 -27.76
C MET G 210 18.90 38.59 -26.88
N GLU G 211 17.67 38.40 -26.40
CA GLU G 211 16.98 39.39 -25.58
C GLU G 211 17.35 39.30 -24.10
N ASP G 212 18.44 38.61 -23.77
CA ASP G 212 18.89 38.57 -22.38
C ASP G 212 19.35 39.95 -21.92
N SER G 213 18.97 40.31 -20.69
CA SER G 213 19.43 41.56 -20.12
C SER G 213 20.91 41.51 -19.77
N CYS G 214 21.42 40.33 -19.43
CA CYS G 214 22.83 40.20 -19.08
C CYS G 214 23.73 40.54 -20.27
N LEU G 215 23.37 40.05 -21.46
CA LEU G 215 24.15 40.37 -22.65
C LEU G 215 24.11 41.86 -22.96
N ARG G 216 22.94 42.49 -22.80
CA ARG G 216 22.84 43.92 -23.04
C ARG G 216 23.71 44.69 -22.06
N LYS G 217 23.70 44.30 -20.78
CA LYS G 217 24.53 44.95 -19.79
C LYS G 217 26.01 44.77 -20.12
N ARG G 218 26.41 43.56 -20.52
CA ARG G 218 27.80 43.31 -20.89
C ARG G 218 28.21 44.19 -22.06
N ILE G 219 27.36 44.31 -23.07
CA ILE G 219 27.70 45.11 -24.25
C ILE G 219 27.82 46.58 -23.88
N ILE G 220 26.86 47.11 -23.12
CA ILE G 220 26.91 48.52 -22.78
C ILE G 220 28.07 48.81 -21.83
N GLU G 221 28.50 47.82 -21.04
CA GLU G 221 29.65 48.01 -20.17
C GLU G 221 30.96 47.95 -20.94
N GLU G 222 31.05 47.09 -21.94
CA GLU G 222 32.29 46.89 -22.69
C GLU G 222 32.40 47.79 -23.91
N GLN G 223 31.36 48.57 -24.21
CA GLN G 223 31.41 49.62 -25.23
C GLN G 223 31.78 49.06 -26.61
N ILE G 224 30.88 48.23 -27.15
CA ILE G 224 30.97 47.82 -28.54
C ILE G 224 29.75 48.36 -29.27
N THR G 225 29.87 49.56 -29.83
CA THR G 225 28.76 50.21 -30.51
C THR G 225 28.79 49.98 -32.03
N ASP G 226 28.96 48.72 -32.44
CA ASP G 226 28.78 48.35 -33.85
C ASP G 226 28.31 46.88 -33.87
N CYS G 227 27.00 46.70 -33.86
CA CYS G 227 26.41 45.37 -33.81
C CYS G 227 25.07 45.39 -34.52
N THR G 228 24.69 44.23 -35.06
CA THR G 228 23.38 44.04 -35.68
C THR G 228 22.71 42.85 -35.04
N ASP G 229 21.39 42.74 -35.24
CA ASP G 229 20.67 41.58 -34.75
C ASP G 229 21.18 40.30 -35.38
N ASP G 230 21.71 40.39 -36.60
CA ASP G 230 22.30 39.22 -37.24
C ASP G 230 23.50 38.71 -36.46
N GLN G 231 24.34 39.63 -35.97
CA GLN G 231 25.51 39.21 -35.18
C GLN G 231 25.08 38.51 -33.90
N PHE G 232 24.08 39.05 -33.20
CA PHE G 232 23.59 38.41 -31.99
C PHE G 232 22.98 37.04 -32.29
N GLN G 233 22.22 36.93 -33.37
CA GLN G 233 21.66 35.65 -33.76
C GLN G 233 22.76 34.65 -34.06
N ASN G 234 23.81 35.09 -34.76
CA ASN G 234 24.91 34.21 -35.08
C ASN G 234 25.64 33.74 -33.83
N VAL G 235 25.88 34.64 -32.88
CA VAL G 235 26.61 34.24 -31.67
C VAL G 235 25.75 33.31 -30.81
N ALA G 236 24.44 33.57 -30.74
CA ALA G 236 23.56 32.66 -30.00
C ALA G 236 23.52 31.29 -30.65
N ALA G 237 23.42 31.24 -31.98
CA ALA G 237 23.42 29.96 -32.68
C ALA G 237 24.74 29.23 -32.49
N ASN G 238 25.85 29.98 -32.48
CA ASN G 238 27.15 29.35 -32.25
C ASN G 238 27.23 28.77 -30.85
N PHE G 239 26.72 29.48 -29.85
CA PHE G 239 26.71 28.93 -28.50
C PHE G 239 25.84 27.67 -28.41
N ILE G 240 24.67 27.70 -29.04
CA ILE G 240 23.79 26.54 -29.02
C ILE G 240 24.47 25.34 -29.69
N HIS G 241 25.10 25.58 -30.84
CA HIS G 241 25.78 24.49 -31.53
C HIS G 241 26.94 23.96 -30.71
N LEU G 242 27.69 24.84 -30.06
CA LEU G 242 28.80 24.40 -29.24
C LEU G 242 28.33 23.56 -28.07
N ILE G 243 27.28 24.00 -27.38
CA ILE G 243 26.81 23.26 -26.21
C ILE G 243 26.24 21.91 -26.64
N VAL G 244 25.56 21.87 -27.79
CA VAL G 244 25.01 20.61 -28.29
C VAL G 244 26.14 19.66 -28.66
N GLN G 245 27.12 20.13 -29.42
CA GLN G 245 28.23 19.28 -29.82
C GLN G 245 29.06 18.83 -28.63
N ALA G 246 29.06 19.61 -27.54
CA ALA G 246 29.84 19.26 -26.38
C ALA G 246 29.13 18.32 -25.41
N PHE G 247 27.79 18.35 -25.37
CA PHE G 247 27.09 17.56 -24.36
C PHE G 247 25.99 16.66 -24.92
N HIS G 248 25.94 16.44 -26.23
CA HIS G 248 24.92 15.53 -26.76
C HIS G 248 25.18 14.09 -26.33
N SER G 249 26.45 13.69 -26.29
CA SER G 249 26.77 12.32 -25.86
C SER G 249 26.37 12.09 -24.42
N TYR G 250 26.33 13.15 -23.62
CA TYR G 250 26.00 13.03 -22.20
C TYR G 250 24.49 13.10 -21.97
N THR G 251 23.81 14.03 -22.64
CA THR G 251 22.40 14.29 -22.37
C THR G 251 21.46 13.54 -23.30
N GLY G 252 21.98 12.82 -24.28
CA GLY G 252 21.09 12.18 -25.24
C GLY G 252 20.42 13.22 -26.13
N ASN G 253 19.14 13.00 -26.42
CA ASN G 253 18.38 13.88 -27.30
C ASN G 253 17.24 14.58 -26.55
N ASP G 254 17.31 14.64 -25.23
CA ASP G 254 16.27 15.31 -24.45
C ASP G 254 16.42 16.82 -24.58
N ILE G 255 15.37 17.48 -25.06
CA ILE G 255 15.42 18.93 -25.21
C ILE G 255 15.44 19.63 -23.87
N PHE G 256 14.75 19.08 -22.86
CA PHE G 256 14.65 19.74 -21.56
C PHE G 256 16.02 19.86 -20.89
N ALA G 257 16.80 18.77 -20.91
CA ALA G 257 18.10 18.80 -20.26
C ALA G 257 19.07 19.73 -20.99
N LEU G 258 18.99 19.75 -22.32
CA LEU G 258 19.81 20.69 -23.07
C LEU G 258 19.42 22.13 -22.78
N ASN G 259 18.12 22.40 -22.62
CA ASN G 259 17.68 23.72 -22.25
C ASN G 259 18.21 24.11 -20.87
N ASP G 260 18.18 23.16 -19.93
CA ASP G 260 18.72 23.44 -18.60
C ASP G 260 20.21 23.73 -18.66
N LEU G 261 20.96 22.96 -19.44
CA LEU G 261 22.39 23.21 -19.57
C LEU G 261 22.67 24.57 -20.22
N ILE G 262 21.90 24.93 -21.23
CA ILE G 262 22.07 26.22 -21.89
C ILE G 262 21.80 27.35 -20.90
N ASP G 263 20.71 27.24 -20.14
CA ASP G 263 20.39 28.25 -19.15
C ASP G 263 21.49 28.33 -18.09
N PHE G 264 22.08 27.18 -17.73
CA PHE G 264 23.13 27.17 -16.73
C PHE G 264 24.39 27.84 -17.22
N LYS G 265 24.77 27.60 -18.48
CA LYS G 265 26.07 28.00 -18.97
C LYS G 265 26.09 29.34 -19.69
N TRP G 266 24.93 29.88 -20.07
CA TRP G 266 24.92 31.16 -20.79
C TRP G 266 25.49 32.32 -19.99
N PRO G 267 25.19 32.51 -18.70
CA PRO G 267 25.74 33.69 -17.99
C PRO G 267 27.25 33.77 -18.01
N LYS G 268 27.95 32.67 -17.71
CA LYS G 268 29.41 32.71 -17.75
C LYS G 268 29.93 32.95 -19.16
N TYR G 269 29.30 32.31 -20.15
CA TYR G 269 29.74 32.49 -21.53
C TYR G 269 29.63 33.94 -21.98
N VAL G 270 28.52 34.60 -21.62
CA VAL G 270 28.37 35.99 -22.01
C VAL G 270 29.26 36.88 -21.13
N SER G 271 29.59 36.44 -19.91
CA SER G 271 30.51 37.21 -19.08
C SER G 271 31.92 37.17 -19.64
N ARG G 272 32.28 36.11 -20.37
CA ARG G 272 33.59 36.00 -20.99
C ARG G 272 33.62 36.58 -22.40
N ILE G 273 32.76 37.55 -22.69
CA ILE G 273 32.71 38.21 -24.00
C ILE G 273 33.31 39.60 -23.85
N THR G 274 34.27 39.92 -24.72
CA THR G 274 34.87 41.24 -24.77
C THR G 274 34.84 41.76 -26.21
N LYS G 275 35.54 42.87 -26.44
CA LYS G 275 35.46 43.60 -27.70
C LYS G 275 35.81 42.75 -28.92
N GLU G 276 37.04 42.22 -28.97
CA GLU G 276 37.46 41.50 -30.16
C GLU G 276 37.04 40.04 -30.14
N ASN G 277 36.53 39.56 -29.00
CA ASN G 277 36.11 38.17 -28.91
C ASN G 277 34.84 37.92 -29.73
N ILE G 278 33.86 38.81 -29.62
CA ILE G 278 32.54 38.57 -30.20
C ILE G 278 32.63 38.42 -31.71
N PHE G 279 33.50 39.20 -32.35
CA PHE G 279 33.69 39.11 -33.80
C PHE G 279 34.66 38.01 -34.20
N GLU G 280 34.91 37.05 -33.31
CA GLU G 280 35.74 35.89 -33.63
C GLU G 280 35.13 34.66 -32.98
N PRO G 281 34.49 33.77 -33.77
CA PRO G 281 33.80 32.63 -33.15
C PRO G 281 34.73 31.71 -32.36
N LEU G 282 35.97 31.53 -32.80
CA LEU G 282 36.88 30.64 -32.10
C LEU G 282 37.46 31.25 -30.83
N ALA G 283 37.42 32.59 -30.70
CA ALA G 283 37.97 33.22 -29.51
C ALA G 283 37.21 32.81 -28.26
N LEU G 284 35.88 32.77 -28.33
CA LEU G 284 35.10 32.36 -27.17
C LEU G 284 35.36 30.90 -26.82
N TYR G 285 35.44 30.03 -27.81
CA TYR G 285 35.70 28.62 -27.54
C TYR G 285 37.07 28.43 -26.92
N LYS G 286 38.07 29.17 -27.38
CA LYS G 286 39.42 29.02 -26.84
C LYS G 286 39.62 29.74 -25.51
N SER G 287 38.76 30.70 -25.18
CA SER G 287 38.88 31.43 -23.92
C SER G 287 37.91 30.94 -22.85
N ALA G 288 36.73 30.45 -23.23
CA ALA G 288 35.75 29.91 -22.31
C ALA G 288 35.69 28.39 -22.41
N ILE G 289 36.86 27.76 -22.61
CA ILE G 289 36.92 26.31 -22.79
C ILE G 289 36.53 25.57 -21.53
N LYS G 290 36.58 26.22 -20.36
CA LYS G 290 36.25 25.52 -19.12
C LYS G 290 34.81 25.04 -19.11
N LEU G 291 33.89 25.86 -19.64
CA LEU G 291 32.47 25.55 -19.54
C LEU G 291 32.13 24.28 -20.31
N PHE G 292 32.74 24.07 -21.47
CA PHE G 292 32.25 23.09 -22.44
C PHE G 292 32.88 21.71 -22.28
N LEU G 293 33.74 21.50 -21.29
CA LEU G 293 34.34 20.18 -21.05
C LEU G 293 33.65 19.42 -19.93
N SER G 294 33.58 20.01 -18.74
CA SER G 294 33.01 19.35 -17.58
C SER G 294 31.60 19.89 -17.33
N THR G 295 30.62 19.00 -17.32
CA THR G 295 29.25 19.41 -17.05
C THR G 295 29.10 19.85 -15.60
N ASP G 296 28.15 20.74 -15.36
CA ASP G 296 27.86 21.24 -14.02
C ASP G 296 26.34 21.24 -13.84
N ASP G 297 25.83 20.17 -13.23
CA ASP G 297 24.39 20.04 -12.98
C ASP G 297 24.12 19.51 -11.57
N ASN G 298 25.07 19.70 -10.65
CA ASN G 298 24.94 19.24 -9.28
C ASN G 298 24.89 20.42 -8.33
N LEU G 299 24.27 20.20 -7.17
CA LEU G 299 24.07 21.26 -6.21
C LEU G 299 25.39 21.80 -5.67
N SER G 300 26.44 20.99 -5.65
CA SER G 300 27.75 21.44 -5.19
C SER G 300 28.34 22.38 -6.22
N GLU G 301 28.53 23.64 -5.84
CA GLU G 301 29.06 24.64 -6.77
C GLU G 301 30.49 24.27 -7.18
N ASN G 302 30.75 24.33 -8.48
CA ASN G 302 32.06 23.98 -9.01
C ASN G 302 32.61 25.09 -9.91
N THR G 321 32.07 15.83 5.39
CA THR G 321 30.79 15.42 4.83
C THR G 321 29.69 15.43 5.88
N TYR G 322 29.59 14.33 6.61
CA TYR G 322 28.57 14.19 7.64
C TYR G 322 28.97 15.01 8.87
N ASP G 323 27.98 15.68 9.45
CA ASP G 323 28.17 16.36 10.73
C ASP G 323 28.17 15.38 11.91
N LEU G 324 28.25 14.08 11.62
CA LEU G 324 28.23 13.06 12.65
C LEU G 324 29.40 13.24 13.60
N SER G 325 29.31 12.58 14.75
CA SER G 325 30.41 12.59 15.71
C SER G 325 31.52 11.65 15.24
N ILE G 326 32.63 11.69 15.96
CA ILE G 326 33.72 10.75 15.69
C ILE G 326 33.26 9.31 15.95
N ILE G 327 32.54 9.11 17.04
CA ILE G 327 32.09 7.77 17.39
C ILE G 327 31.06 7.26 16.38
N SER G 328 30.19 8.14 15.89
CA SER G 328 29.24 7.74 14.85
C SER G 328 29.95 7.43 13.54
N LYS G 329 30.97 8.22 13.19
CA LYS G 329 31.74 7.94 11.99
C LYS G 329 32.43 6.59 12.07
N TYR G 330 33.02 6.28 13.23
CA TYR G 330 33.66 4.98 13.40
C TYR G 330 32.64 3.85 13.41
N LEU G 331 31.45 4.08 13.95
CA LEU G 331 30.40 3.07 13.86
C LEU G 331 30.01 2.81 12.41
N LEU G 332 29.90 3.86 11.61
CA LEU G 332 29.58 3.68 10.20
C LEU G 332 30.68 2.92 9.48
N ILE G 333 31.94 3.25 9.76
CA ILE G 333 33.05 2.55 9.13
C ILE G 333 33.05 1.08 9.52
N ALA G 334 32.82 0.79 10.80
CA ALA G 334 32.78 -0.58 11.27
C ALA G 334 31.62 -1.33 10.63
N SER G 335 30.46 -0.68 10.48
CA SER G 335 29.33 -1.32 9.85
C SER G 335 29.63 -1.68 8.40
N TYR G 336 30.27 -0.76 7.68
CA TYR G 336 30.63 -1.07 6.29
C TYR G 336 31.64 -2.20 6.22
N ILE G 337 32.62 -2.20 7.13
CA ILE G 337 33.61 -3.27 7.15
C ILE G 337 32.94 -4.61 7.42
N CYS G 338 32.00 -4.64 8.36
CA CYS G 338 31.25 -5.87 8.63
C CYS G 338 30.47 -6.31 7.41
N SER G 339 29.82 -5.37 6.72
CA SER G 339 29.01 -5.72 5.57
C SER G 339 29.85 -6.31 4.45
N TYR G 340 31.02 -5.73 4.17
CA TYR G 340 31.82 -6.08 3.00
C TYR G 340 33.06 -6.89 3.36
N LEU G 341 32.99 -7.72 4.40
CA LEU G 341 34.07 -8.63 4.73
C LEU G 341 33.49 -9.97 5.16
N GLU G 342 34.15 -11.04 4.75
CA GLU G 342 33.70 -12.38 5.09
C GLU G 342 33.94 -12.65 6.56
N PRO G 343 32.95 -13.18 7.29
CA PRO G 343 33.15 -13.42 8.74
C PRO G 343 34.27 -14.38 9.05
N ARG G 344 34.49 -15.41 8.21
CA ARG G 344 35.53 -16.38 8.51
C ARG G 344 36.93 -15.80 8.35
N TYR G 345 37.07 -14.64 7.71
CA TYR G 345 38.34 -13.94 7.62
C TYR G 345 38.51 -12.89 8.70
N ASP G 346 37.49 -12.64 9.52
CA ASP G 346 37.55 -11.54 10.48
C ASP G 346 38.64 -11.76 11.53
N ALA G 347 38.72 -12.98 12.08
CA ALA G 347 39.71 -13.26 13.11
C ALA G 347 41.12 -13.18 12.55
N SER G 348 41.35 -13.74 11.36
CA SER G 348 42.67 -13.70 10.76
C SER G 348 43.10 -12.27 10.43
N ILE G 349 42.17 -11.48 9.88
CA ILE G 349 42.51 -10.11 9.50
C ILE G 349 42.72 -9.24 10.75
N PHE G 350 41.87 -9.42 11.76
CA PHE G 350 41.87 -8.56 12.94
C PHE G 350 42.62 -9.19 14.11
N SER G 351 43.71 -9.92 13.84
CA SER G 351 44.57 -10.44 14.90
C SER G 351 45.52 -9.32 15.34
N ARG G 352 44.93 -8.30 15.95
CA ARG G 352 45.65 -7.11 16.34
C ARG G 352 46.34 -7.23 17.69
N LYS G 353 46.17 -8.35 18.39
CA LYS G 353 46.81 -8.56 19.68
C LYS G 353 46.87 -10.05 20.02
N ARG G 366 44.72 -20.66 -2.90
CA ARG G 366 43.78 -20.18 -1.89
C ARG G 366 44.27 -18.88 -1.26
N LYS G 367 43.56 -17.79 -1.54
CA LYS G 367 43.87 -16.48 -0.99
C LYS G 367 42.59 -15.64 -1.02
N LYS G 368 42.74 -14.34 -0.75
CA LYS G 368 41.60 -13.45 -0.74
C LYS G 368 41.03 -13.29 -2.14
N LYS G 369 39.71 -13.19 -2.22
CA LYS G 369 39.04 -13.08 -3.51
C LYS G 369 39.32 -11.73 -4.15
N GLU G 370 39.42 -11.74 -5.49
CA GLU G 370 39.64 -10.54 -6.28
C GLU G 370 38.41 -10.13 -7.06
N VAL G 371 37.22 -10.59 -6.65
CA VAL G 371 35.98 -10.24 -7.34
C VAL G 371 35.45 -8.87 -6.96
N ASN G 372 36.13 -8.15 -6.07
CA ASN G 372 35.76 -6.81 -5.63
C ASN G 372 34.32 -6.79 -5.11
N PRO G 373 34.07 -7.34 -3.93
CA PRO G 373 32.69 -7.38 -3.40
C PRO G 373 32.10 -6.01 -3.12
N ARG G 374 32.88 -4.93 -3.23
CA ARG G 374 32.36 -3.59 -3.03
C ARG G 374 31.39 -3.16 -4.13
N TYR G 375 31.32 -3.90 -5.23
CA TYR G 375 30.36 -3.62 -6.29
C TYR G 375 29.00 -4.28 -6.05
N LEU G 376 28.92 -5.26 -5.16
CA LEU G 376 27.70 -6.00 -4.92
C LEU G 376 26.95 -5.44 -3.72
N GLN G 377 25.74 -5.94 -3.51
CA GLN G 377 24.92 -5.47 -2.40
C GLN G 377 25.57 -5.83 -1.08
N PRO G 378 25.48 -4.95 -0.08
CA PRO G 378 26.10 -5.24 1.22
C PRO G 378 25.47 -6.46 1.87
N SER G 379 26.31 -7.24 2.54
CA SER G 379 25.85 -8.45 3.23
C SER G 379 25.20 -8.08 4.56
N LEU G 380 24.58 -9.08 5.18
CA LEU G 380 23.89 -8.90 6.45
C LEU G 380 24.75 -9.46 7.57
N PHE G 381 25.01 -8.64 8.58
CA PHE G 381 25.81 -9.04 9.74
C PHE G 381 24.94 -8.94 10.99
N ALA G 382 25.56 -9.17 12.15
CA ALA G 382 24.89 -9.10 13.44
C ALA G 382 25.45 -7.95 14.25
N ILE G 383 24.67 -7.53 15.26
CA ILE G 383 25.04 -6.40 16.09
C ILE G 383 26.32 -6.69 16.89
N GLU G 384 26.49 -7.91 17.38
CA GLU G 384 27.67 -8.25 18.17
C GLU G 384 28.95 -8.12 17.35
N ARG G 385 28.93 -8.61 16.11
CA ARG G 385 30.10 -8.48 15.24
C ARG G 385 30.41 -7.02 14.96
N LEU G 386 29.37 -6.20 14.72
CA LEU G 386 29.58 -4.78 14.51
C LEU G 386 30.25 -4.14 15.72
N LEU G 387 29.76 -4.44 16.92
CA LEU G 387 30.35 -3.86 18.11
C LEU G 387 31.79 -4.31 18.31
N ALA G 388 32.06 -5.59 18.06
CA ALA G 388 33.42 -6.10 18.23
C ALA G 388 34.39 -5.43 17.27
N ILE G 389 34.03 -5.33 15.99
CA ILE G 389 34.95 -4.69 15.05
C ILE G 389 35.03 -3.19 15.30
N PHE G 390 33.96 -2.56 15.77
CA PHE G 390 34.04 -1.15 16.15
C PHE G 390 35.03 -0.94 17.28
N GLN G 391 35.01 -1.81 18.28
CA GLN G 391 36.00 -1.74 19.35
C GLN G 391 37.40 -2.00 18.82
N ALA G 392 37.52 -2.93 17.86
CA ALA G 392 38.82 -3.25 17.31
C ALA G 392 39.43 -2.06 16.57
N ILE G 393 38.62 -1.32 15.81
CA ILE G 393 39.15 -0.25 14.97
C ILE G 393 39.24 1.09 15.68
N PHE G 394 38.61 1.25 16.83
CA PHE G 394 38.61 2.56 17.49
C PHE G 394 39.96 2.79 18.17
N PRO G 395 40.61 3.93 17.94
CA PRO G 395 41.90 4.18 18.58
C PRO G 395 41.78 4.37 20.07
N ILE G 396 42.87 4.08 20.77
CA ILE G 396 42.92 4.20 22.23
C ILE G 396 43.02 5.68 22.60
N GLN G 397 42.11 6.13 23.46
CA GLN G 397 42.08 7.51 23.92
C GLN G 397 42.39 7.56 25.41
N GLY G 398 43.26 8.50 25.80
CA GLY G 398 43.63 8.66 27.19
C GLY G 398 44.53 7.56 27.71
N SER G 412 41.19 1.20 27.81
CA SER G 412 39.75 1.07 28.02
C SER G 412 39.07 0.46 26.81
N LEU G 413 39.64 0.70 25.63
CA LEU G 413 39.12 0.20 24.35
C LEU G 413 37.70 0.69 24.07
N MET G 414 37.27 1.73 24.77
CA MET G 414 35.99 2.40 24.53
C MET G 414 34.83 1.41 24.66
N LYS G 415 34.66 0.92 25.89
CA LYS G 415 33.63 -0.08 26.17
C LYS G 415 32.25 0.43 25.78
N ALA G 416 31.49 -0.42 25.09
CA ALA G 416 30.17 -0.03 24.58
C ALA G 416 29.29 0.46 25.72
N ASN G 417 28.83 1.70 25.61
CA ASN G 417 28.06 2.35 26.66
C ASN G 417 26.78 2.89 26.03
N ILE G 418 26.08 3.75 26.77
CA ILE G 418 24.86 4.36 26.26
C ILE G 418 25.14 5.14 24.98
N GLU G 419 26.29 5.82 24.93
CA GLU G 419 26.58 6.67 23.77
C GLU G 419 26.72 5.86 22.49
N VAL G 420 27.38 4.69 22.55
CA VAL G 420 27.56 3.88 21.37
C VAL G 420 26.20 3.44 20.82
N PHE G 421 25.34 2.92 21.69
CA PHE G 421 24.04 2.43 21.23
C PHE G 421 23.16 3.57 20.75
N GLN G 422 23.19 4.71 21.43
CA GLN G 422 22.42 5.86 20.97
C GLN G 422 22.89 6.34 19.61
N ASN G 423 24.21 6.36 19.40
CA ASN G 423 24.73 6.74 18.09
C ASN G 423 24.32 5.75 17.01
N LEU G 424 24.32 4.46 17.35
CA LEU G 424 23.90 3.45 16.38
C LEU G 424 22.43 3.62 16.01
N SER G 425 21.58 3.86 17.02
CA SER G 425 20.17 4.07 16.74
C SER G 425 19.95 5.32 15.91
N GLU G 426 20.71 6.38 16.19
CA GLU G 426 20.59 7.61 15.40
C GLU G 426 21.08 7.38 13.98
N LEU G 427 22.10 6.55 13.80
CA LEU G 427 22.51 6.18 12.44
C LEU G 427 21.41 5.43 11.71
N HIS G 428 20.73 4.52 12.41
CA HIS G 428 19.65 3.78 11.76
C HIS G 428 18.50 4.69 11.40
N THR G 429 18.11 5.61 12.29
CA THR G 429 16.99 6.50 11.96
C THR G 429 17.37 7.52 10.90
N LEU G 430 18.65 7.64 10.57
CA LEU G 430 19.10 8.39 9.41
C LEU G 430 19.16 7.52 8.16
N LYS G 431 18.70 6.28 8.25
CA LYS G 431 18.71 5.32 7.14
C LYS G 431 20.12 5.08 6.62
N LEU G 432 21.07 4.92 7.55
CA LEU G 432 22.44 4.57 7.20
C LEU G 432 22.77 3.12 7.46
N ILE G 433 22.17 2.51 8.47
CA ILE G 433 22.36 1.09 8.78
C ILE G 433 20.98 0.46 8.76
N ALA G 434 20.58 -0.08 7.61
CA ALA G 434 19.25 -0.60 7.44
C ALA G 434 19.13 -2.01 7.99
N THR G 435 17.99 -2.32 8.58
CA THR G 435 17.71 -3.65 9.11
C THR G 435 17.10 -4.52 8.02
N THR G 436 16.75 -5.75 8.38
CA THR G 436 16.28 -6.74 7.43
C THR G 436 14.82 -7.12 7.64
N MET G 437 14.02 -6.25 8.25
CA MET G 437 12.61 -6.52 8.47
C MET G 437 11.81 -5.27 8.16
N ASN G 438 10.51 -5.47 7.94
CA ASN G 438 9.61 -4.40 7.52
C ASN G 438 9.36 -3.47 8.70
N LYS G 439 8.39 -2.57 8.53
CA LYS G 439 8.05 -1.61 9.58
C LYS G 439 7.61 -2.35 10.85
N ASN G 440 7.41 -1.58 11.91
CA ASN G 440 7.23 -2.11 13.27
C ASN G 440 8.47 -2.89 13.68
N ILE G 441 9.61 -2.21 13.64
CA ILE G 441 10.91 -2.83 13.90
C ILE G 441 11.16 -2.89 15.40
N ASP G 442 11.67 -4.02 15.87
CA ASP G 442 12.10 -4.19 17.25
C ASP G 442 13.57 -4.57 17.22
N TYR G 443 14.44 -3.65 17.63
CA TYR G 443 15.87 -3.85 17.54
C TYR G 443 16.38 -4.94 18.46
N LEU G 444 15.57 -5.43 19.39
CA LEU G 444 16.05 -6.32 20.43
C LEU G 444 15.89 -7.80 20.11
N SER G 445 15.00 -8.15 19.18
CA SER G 445 14.78 -9.56 18.86
C SER G 445 16.04 -10.16 18.24
N PRO G 446 16.39 -11.40 18.62
CA PRO G 446 17.58 -12.02 18.03
C PRO G 446 17.31 -12.59 16.66
N LYS G 447 16.62 -11.82 15.82
CA LYS G 447 16.37 -12.21 14.44
C LYS G 447 16.49 -11.03 13.50
N VAL G 448 16.97 -9.88 13.96
CA VAL G 448 17.14 -8.69 13.16
C VAL G 448 18.63 -8.52 12.87
N ARG G 449 18.95 -8.21 11.62
CA ARG G 449 20.32 -8.07 11.17
C ARG G 449 20.49 -6.71 10.49
N TRP G 450 21.70 -6.18 10.58
CA TRP G 450 22.01 -4.84 10.09
C TRP G 450 22.92 -4.90 8.88
N LYS G 451 22.73 -3.96 7.96
CA LYS G 451 23.59 -3.83 6.79
C LYS G 451 23.78 -2.36 6.48
N VAL G 452 25.01 -1.98 6.11
CA VAL G 452 25.32 -0.59 5.85
C VAL G 452 24.54 -0.12 4.61
N ASN G 453 24.13 1.14 4.63
CA ASN G 453 23.29 1.69 3.57
C ASN G 453 23.93 2.93 2.96
N VAL G 454 25.24 2.90 2.75
CA VAL G 454 25.92 3.97 2.03
C VAL G 454 26.82 3.34 0.97
N PRO G 455 27.05 4.01 -0.16
CA PRO G 455 27.95 3.45 -1.18
C PRO G 455 29.41 3.58 -0.77
N TRP G 456 30.31 3.20 -1.67
CA TRP G 456 31.73 3.25 -1.36
C TRP G 456 32.23 4.68 -1.24
N GLU G 457 31.67 5.60 -2.02
CA GLU G 457 32.17 6.97 -2.04
C GLU G 457 31.99 7.66 -0.68
N ILE G 458 30.79 7.56 -0.12
CA ILE G 458 30.50 8.25 1.14
C ILE G 458 31.36 7.69 2.27
N ILE G 459 31.44 6.36 2.37
CA ILE G 459 32.23 5.74 3.43
C ILE G 459 33.71 6.04 3.24
N LYS G 460 34.18 6.07 1.99
CA LYS G 460 35.58 6.38 1.74
C LYS G 460 35.92 7.79 2.20
N GLU G 461 35.14 8.78 1.73
CA GLU G 461 35.44 10.15 2.09
C GLU G 461 35.16 10.44 3.55
N ILE G 462 34.31 9.65 4.21
CA ILE G 462 34.22 9.69 5.67
C ILE G 462 35.53 9.18 6.28
N SER G 463 36.10 8.12 5.70
CA SER G 463 37.35 7.58 6.22
C SER G 463 38.47 8.60 6.14
N GLU G 464 38.61 9.28 5.00
CA GLU G 464 39.60 10.36 4.97
C GLU G 464 39.17 11.58 5.77
N SER G 465 37.87 11.75 6.04
CA SER G 465 37.45 12.85 6.90
C SER G 465 37.99 12.69 8.31
N VAL G 466 37.98 11.45 8.83
CA VAL G 466 38.56 11.17 10.14
C VAL G 466 40.00 10.71 10.03
N HIS G 467 40.55 10.63 8.81
CA HIS G 467 41.93 10.20 8.58
C HIS G 467 42.17 8.79 9.10
N PHE G 468 41.24 7.89 8.83
CA PHE G 468 41.39 6.46 9.08
C PHE G 468 41.43 5.74 7.74
N ASN G 469 42.43 4.89 7.55
CA ASN G 469 42.60 4.22 6.27
C ASN G 469 41.46 3.25 6.00
N ILE G 470 40.95 3.29 4.76
CA ILE G 470 39.92 2.36 4.35
C ILE G 470 40.39 1.45 3.22
N SER G 471 41.29 1.91 2.35
CA SER G 471 41.90 1.02 1.36
C SER G 471 43.15 0.37 1.93
N ASP G 472 43.01 -0.17 3.14
CA ASP G 472 44.03 -0.97 3.81
C ASP G 472 43.49 -2.34 4.17
N TYR G 473 42.31 -2.40 4.79
CA TYR G 473 41.65 -3.67 5.03
C TYR G 473 41.07 -4.26 3.75
N PHE G 474 40.87 -3.43 2.73
CA PHE G 474 40.46 -3.88 1.42
C PHE G 474 41.62 -3.94 0.44
N SER G 475 42.86 -3.81 0.93
CA SER G 475 44.03 -3.99 0.07
C SER G 475 44.10 -5.41 -0.48
N ASP G 476 43.54 -6.38 0.26
CA ASP G 476 43.44 -7.74 -0.26
C ASP G 476 42.57 -7.78 -1.50
N ILE G 477 41.48 -7.02 -1.51
CA ILE G 477 40.59 -6.93 -2.66
C ILE G 477 40.87 -5.65 -3.47
N HIS G 478 42.07 -5.08 -3.33
CA HIS G 478 42.47 -3.81 -3.94
C HIS G 478 41.37 -2.75 -3.85
PG AGS H . -31.91 -23.95 -8.38
S1G AGS H . -31.37 -24.63 -6.67
O2G AGS H . -30.80 -23.62 -9.32
O3G AGS H . -32.93 -22.85 -8.33
PB AGS H . -34.14 -25.57 -8.92
O1B AGS H . -34.22 -27.04 -8.83
O2B AGS H . -34.73 -24.73 -7.87
O3B AGS H . -32.65 -25.12 -9.14
PA AGS H . -36.40 -25.16 -10.33
O1A AGS H . -36.86 -26.43 -9.73
O2A AGS H . -36.87 -23.88 -9.73
O3A AGS H . -34.83 -25.17 -10.28
O5' AGS H . -36.71 -25.17 -11.89
C5' AGS H . -36.49 -26.40 -12.58
C4' AGS H . -37.33 -26.39 -13.82
O4' AGS H . -37.28 -27.68 -14.46
C3' AGS H . -38.81 -26.11 -13.59
O3' AGS H . -39.06 -24.71 -13.65
C2' AGS H . -39.45 -26.87 -14.75
O2' AGS H . -39.34 -26.14 -15.94
C1' AGS H . -38.58 -28.10 -14.79
N9 AGS H . -38.95 -29.15 -13.85
C8 AGS H . -38.29 -29.49 -12.70
N7 AGS H . -38.84 -30.47 -12.04
C5 AGS H . -39.94 -30.80 -12.82
C6 AGS H . -40.95 -31.77 -12.64
N6 AGS H . -40.98 -32.61 -11.61
N1 AGS H . -41.91 -31.85 -13.58
C2 AGS H . -41.85 -30.99 -14.61
N3 AGS H . -40.97 -30.04 -14.87
C4 AGS H . -40.02 -30.00 -13.92
MG MG I . -34.92 -21.81 -8.14
PG AGS J . -15.16 -5.24 -28.25
S1G AGS J . -15.76 -6.96 -27.62
O2G AGS J . -16.13 -4.13 -28.08
O3G AGS J . -13.82 -4.80 -27.82
PB AGS J . -16.14 -5.29 -30.85
O1B AGS J . -15.94 -6.25 -31.95
O2B AGS J . -17.40 -5.23 -30.11
O3B AGS J . -14.96 -5.36 -29.80
PA AGS J . -16.65 -3.42 -32.77
O1A AGS J . -17.82 -4.32 -32.89
O2A AGS J . -16.82 -1.95 -32.73
O3A AGS J . -15.90 -3.84 -31.46
O5' AGS J . -15.61 -3.81 -33.89
C5' AGS J . -14.84 -2.73 -34.43
C4' AGS J . -15.47 -2.31 -35.73
O4' AGS J . -16.75 -1.68 -35.44
C3' AGS J . -14.69 -1.26 -36.51
O3' AGS J . -15.04 -1.44 -37.87
C2' AGS J . -15.31 0.03 -35.98
O2' AGS J . -15.07 1.15 -36.81
C1' AGS J . -16.76 -0.39 -36.00
N9 AGS J . -17.65 0.46 -35.23
C8 AGS J . -17.51 0.80 -33.90
N7 AGS J . -18.46 1.57 -33.47
C5 AGS J . -19.28 1.76 -34.56
C6 AGS J . -20.46 2.50 -34.75
N6 AGS J . -21.05 3.22 -33.80
N1 AGS J . -21.02 2.49 -35.99
C2 AGS J . -20.42 1.77 -36.94
N3 AGS J . -19.32 1.04 -36.88
C4 AGS J . -18.78 1.08 -35.66
MG MG K . -18.10 -3.42 -27.00
PG AGS L . 5.89 15.61 -22.38
S1G AGS L . 6.99 15.50 -20.80
O2G AGS L . 5.73 14.34 -23.15
O3G AGS L . 4.58 16.32 -22.22
PB AGS L . 6.52 16.45 -24.98
O1B AGS L . 7.12 15.16 -25.35
O2B AGS L . 5.14 16.77 -25.36
O3B AGS L . 6.62 16.58 -23.39
PA AGS L . 6.92 19.10 -25.70
O1A AGS L . 6.26 19.14 -27.04
O2A AGS L . 6.14 19.49 -24.50
O3A AGS L . 7.45 17.63 -25.47
O5' AGS L . 8.28 19.90 -25.76
C5' AGS L . 8.19 21.32 -25.98
C4' AGS L . 9.57 21.85 -26.32
O4' AGS L . 10.03 21.17 -27.51
C3' AGS L . 9.61 23.33 -26.69
O3' AGS L . 10.92 23.83 -26.49
C2' AGS L . 9.28 23.28 -28.18
O2' AGS L . 9.65 24.44 -28.88
C1' AGS L . 10.16 22.09 -28.57
N9 AGS L . 9.75 21.43 -29.79
C8 AGS L . 9.46 20.11 -29.93
N7 AGS L . 9.15 19.76 -31.16
C5 AGS L . 9.26 20.94 -31.87
C6 AGS L . 9.05 21.22 -33.23
N6 AGS L . 8.70 20.30 -34.13
N1 AGS L . 9.24 22.49 -33.64
C2 AGS L . 9.61 23.40 -32.73
N3 AGS L . 9.82 23.24 -31.43
C4 AGS L . 9.62 21.98 -31.05
MG MG M . 3.41 18.56 -22.45
#